data_4MC7
#
_entry.id   4MC7
#
_cell.length_a   123.374
_cell.length_b   164.358
_cell.length_c   214.912
_cell.angle_alpha   90.00
_cell.angle_beta   90.00
_cell.angle_gamma   90.00
#
_symmetry.space_group_name_H-M   'I 2 2 2'
#
loop_
_entity.id
_entity.type
_entity.pdbx_description
1 polymer NEURAMINIDASE
2 non-polymer 2-acetamido-2-deoxy-beta-D-glucopyranose
3 non-polymer 'CALCIUM ION'
#
_entity_poly.entity_id   1
_entity_poly.type   'polypeptide(L)'
_entity_poly.pdbx_seq_one_letter_code
;GSGDSGSPGIATPLVLGENLCSINGWVPTYRGEGTTGKIPDEQMLTRQNFVSCSDKECRRFFVSMGYGTTTNFADLIVSE
QMNVYSVKLGDPPTPDKLKFEAVGWSASSCHDGFQWTVLSVAGDGFVSILYGGIITDTIHPTNGGPLRTQASSCICNDGT
CYTIIADGTTYTASSHRLYRLVNGTSAGWKALDTTGFNFEFPTCYYTSGKVKCTGTNLWNDAKRPFLEFDQSFTYTFKEP
CLGFLGDTPRGIDTTNYCDKTTTEGEGGIQGFMIEGSNSWIGRIINPGSKKGFEIYKFLGTLFSVQTVGNRNYQLLSNST
IGRSGLYQPAYESRDCQELCFWIEIAATTKAGLSSNDLITFCGTGGSMPDVNWG
;
_entity_poly.pdbx_strand_id   A,B,C,D
#
loop_
_chem_comp.id
_chem_comp.type
_chem_comp.name
_chem_comp.formula
CA non-polymer 'CALCIUM ION' 'Ca 2'
NAG D-saccharide, beta linking 2-acetamido-2-deoxy-beta-D-glucopyranose 'C8 H15 N O6'
#
# COMPACT_ATOMS: atom_id res chain seq x y z
N ALA A 11 -24.06 9.37 -2.41
CA ALA A 11 -23.44 10.13 -3.56
C ALA A 11 -24.44 11.01 -4.32
N THR A 12 -23.96 12.15 -4.79
CA THR A 12 -24.80 13.16 -5.41
C THR A 12 -24.19 13.57 -6.74
N PRO A 13 -25.01 13.74 -7.78
CA PRO A 13 -24.53 14.20 -9.10
C PRO A 13 -23.61 15.41 -8.97
N LEU A 14 -22.43 15.32 -9.59
CA LEU A 14 -21.48 16.42 -9.59
C LEU A 14 -22.07 17.67 -10.21
N VAL A 15 -22.11 18.73 -9.42
CA VAL A 15 -22.56 20.05 -9.86
C VAL A 15 -21.37 20.98 -9.78
N LEU A 16 -21.11 21.69 -10.87
CA LEU A 16 -20.04 22.67 -10.89
C LEU A 16 -20.61 24.06 -10.61
N GLY A 17 -19.76 24.92 -10.03
CA GLY A 17 -20.09 26.33 -9.84
C GLY A 17 -20.34 27.13 -11.12
N GLU A 18 -21.40 27.93 -11.11
CA GLU A 18 -21.76 28.68 -12.30
C GLU A 18 -20.80 29.83 -12.54
N ASN A 19 -20.28 30.38 -11.43
CA ASN A 19 -19.39 31.52 -11.48
C ASN A 19 -17.93 31.16 -11.23
N LEU A 20 -17.04 31.63 -12.11
CA LEU A 20 -15.62 31.36 -12.00
C LEU A 20 -14.92 32.26 -10.97
N CYS A 21 -13.95 31.69 -10.24
CA CYS A 21 -13.07 32.46 -9.34
C CYS A 21 -12.32 33.48 -10.16
N SER A 22 -12.11 34.66 -9.59
CA SER A 22 -11.21 35.64 -10.20
C SER A 22 -9.81 35.10 -10.07
N ILE A 23 -9.09 35.09 -11.18
CA ILE A 23 -7.74 34.59 -11.22
C ILE A 23 -6.85 35.75 -11.59
N ASN A 24 -5.89 36.04 -10.71
CA ASN A 24 -4.88 37.03 -11.02
C ASN A 24 -3.46 36.48 -10.99
N GLY A 25 -3.32 35.21 -10.59
CA GLY A 25 -2.02 34.56 -10.49
C GLY A 25 -2.11 33.02 -10.47
N TRP A 26 -0.97 32.37 -10.38
CA TRP A 26 -0.96 30.92 -10.39
C TRP A 26 0.05 30.39 -9.41
N VAL A 27 -0.39 29.45 -8.60
CA VAL A 27 0.55 28.76 -7.72
C VAL A 27 0.50 27.28 -7.97
N PRO A 28 1.68 26.66 -8.03
CA PRO A 28 1.75 25.23 -8.27
C PRO A 28 1.18 24.45 -7.05
N THR A 29 0.38 23.44 -7.31
CA THR A 29 -0.20 22.64 -6.26
C THR A 29 0.44 21.25 -6.29
N TYR A 30 1.10 20.91 -7.38
CA TYR A 30 1.77 19.64 -7.47
C TYR A 30 2.85 19.62 -8.53
N ARG A 31 3.86 18.83 -8.22
CA ARG A 31 4.99 18.70 -9.09
C ARG A 31 5.58 17.30 -8.95
N GLY A 32 5.66 16.62 -10.10
CA GLY A 32 6.19 15.27 -10.16
C GLY A 32 7.66 15.25 -9.81
N GLU A 33 8.16 14.11 -9.37
CA GLU A 33 9.56 14.07 -8.94
C GLU A 33 10.49 14.07 -10.15
N GLY A 34 9.95 13.75 -11.31
CA GLY A 34 10.71 13.82 -12.56
C GLY A 34 10.83 15.23 -13.16
N THR A 35 10.24 16.20 -12.50
CA THR A 35 10.24 17.55 -13.01
C THR A 35 11.51 18.25 -12.54
N THR A 36 12.22 17.57 -11.64
CA THR A 36 13.42 18.12 -11.01
C THR A 36 14.59 17.16 -11.15
N GLY A 37 14.48 15.98 -10.53
CA GLY A 37 15.48 14.91 -10.69
C GLY A 37 15.13 13.91 -11.79
N LYS A 38 15.82 12.78 -11.78
CA LYS A 38 15.53 11.68 -12.71
C LYS A 38 14.53 10.69 -12.14
N ILE A 39 13.95 9.86 -13.01
CA ILE A 39 12.92 8.95 -12.58
C ILE A 39 13.50 7.59 -12.23
N PRO A 40 13.08 7.02 -11.09
CA PRO A 40 13.46 5.65 -10.70
C PRO A 40 13.00 4.60 -11.74
N ASP A 41 13.86 3.65 -12.05
CA ASP A 41 13.62 2.73 -13.14
C ASP A 41 12.39 1.85 -12.94
N GLU A 42 12.02 1.61 -11.68
CA GLU A 42 10.87 0.73 -11.41
C GLU A 42 9.52 1.39 -11.71
N GLN A 43 9.50 2.71 -11.85
CA GLN A 43 8.28 3.39 -12.20
C GLN A 43 7.81 3.06 -13.61
N MET A 44 6.49 3.11 -13.80
CA MET A 44 5.87 2.98 -15.10
C MET A 44 6.24 4.21 -15.91
N LEU A 45 6.65 4.05 -17.17
CA LEU A 45 6.89 5.20 -18.06
C LEU A 45 5.53 5.73 -18.51
N THR A 46 5.31 7.04 -18.41
CA THR A 46 3.99 7.59 -18.79
C THR A 46 3.97 8.50 -20.00
N ARG A 47 2.80 8.61 -20.63
CA ARG A 47 2.61 9.51 -21.74
C ARG A 47 1.14 9.85 -21.84
N GLN A 48 0.87 10.98 -22.46
CA GLN A 48 -0.49 11.49 -22.52
C GLN A 48 -1.15 11.77 -21.13
N ASN A 49 -0.32 12.16 -20.17
CA ASN A 49 -0.83 12.54 -18.84
C ASN A 49 -1.90 13.60 -18.88
N PHE A 50 -2.93 13.44 -18.08
CA PHE A 50 -3.76 14.56 -17.79
C PHE A 50 -4.33 14.45 -16.41
N VAL A 51 -5.19 15.40 -16.04
CA VAL A 51 -5.75 15.41 -14.72
C VAL A 51 -7.24 15.57 -14.87
N SER A 52 -7.98 14.91 -14.00
CA SER A 52 -9.42 15.01 -13.93
C SER A 52 -9.80 14.79 -12.47
N CYS A 53 -10.80 15.55 -12.01
CA CYS A 53 -11.13 15.48 -10.61
C CYS A 53 -12.52 14.91 -10.31
N SER A 54 -12.61 14.12 -9.23
CA SER A 54 -13.89 13.71 -8.62
C SER A 54 -14.23 14.68 -7.51
N ASP A 55 -15.32 14.42 -6.79
CA ASP A 55 -15.72 15.30 -5.69
C ASP A 55 -14.93 14.95 -4.42
N LYS A 56 -14.16 13.86 -4.51
CA LYS A 56 -13.46 13.28 -3.42
C LYS A 56 -11.98 13.57 -3.57
N GLU A 57 -11.50 13.66 -4.81
CA GLU A 57 -10.06 13.68 -5.13
C GLU A 57 -9.76 13.93 -6.60
N CYS A 58 -8.53 14.29 -6.91
CA CYS A 58 -8.10 14.47 -8.28
C CYS A 58 -7.21 13.31 -8.66
N ARG A 59 -7.39 12.82 -9.88
CA ARG A 59 -6.58 11.71 -10.35
C ARG A 59 -5.78 12.10 -11.54
N ARG A 60 -4.61 11.49 -11.67
CA ARG A 60 -3.76 11.70 -12.84
C ARG A 60 -3.92 10.52 -13.78
N PHE A 61 -4.46 10.74 -14.95
CA PHE A 61 -4.54 9.63 -15.95
C PHE A 61 -3.35 9.65 -16.87
N PHE A 62 -2.99 8.50 -17.38
CA PHE A 62 -1.95 8.50 -18.38
C PHE A 62 -1.95 7.23 -19.19
N VAL A 63 -1.02 7.12 -20.13
CA VAL A 63 -0.96 5.92 -20.98
C VAL A 63 0.41 5.32 -20.74
N SER A 64 0.47 4.04 -20.38
CA SER A 64 1.74 3.34 -20.06
C SER A 64 2.57 3.03 -21.30
N MET A 65 3.88 3.22 -21.18
CA MET A 65 4.85 2.69 -22.15
C MET A 65 5.57 1.41 -21.66
N GLY A 66 5.15 0.90 -20.51
CA GLY A 66 5.85 -0.21 -19.85
C GLY A 66 6.73 0.31 -18.73
N TYR A 67 7.31 -0.60 -17.95
CA TYR A 67 8.16 -0.22 -16.83
C TYR A 67 9.50 0.20 -17.39
N GLY A 68 10.15 1.13 -16.71
CA GLY A 68 11.45 1.64 -17.15
C GLY A 68 12.60 0.65 -17.03
N THR A 69 12.45 -0.34 -16.16
CA THR A 69 13.49 -1.34 -15.94
C THR A 69 13.39 -2.50 -16.94
N THR A 70 12.18 -2.78 -17.42
CA THR A 70 11.92 -3.89 -18.32
C THR A 70 11.96 -3.42 -19.76
N THR A 71 12.04 -2.10 -19.96
CA THR A 71 12.09 -1.50 -21.28
C THR A 71 13.54 -1.20 -21.65
N ASN A 72 13.98 -1.68 -22.81
CA ASN A 72 15.30 -1.32 -23.34
C ASN A 72 15.21 -0.17 -24.34
N PHE A 73 16.22 0.70 -24.35
CA PHE A 73 16.21 1.93 -25.17
C PHE A 73 16.08 1.71 -26.67
N ALA A 74 16.79 0.71 -27.20
CA ALA A 74 16.82 0.39 -28.62
C ALA A 74 15.43 0.12 -29.24
N ASP A 75 14.50 -0.36 -28.41
CA ASP A 75 13.10 -0.55 -28.81
C ASP A 75 12.39 0.78 -28.92
N LEU A 76 11.58 0.91 -29.96
CA LEU A 76 10.55 1.92 -29.96
C LEU A 76 9.29 1.14 -29.64
N ILE A 77 8.47 1.65 -28.73
CA ILE A 77 7.22 0.97 -28.38
C ILE A 77 6.02 1.55 -29.12
N VAL A 78 4.97 0.74 -29.20
CA VAL A 78 3.94 0.93 -30.18
C VAL A 78 2.55 0.97 -29.55
N SER A 79 1.66 1.78 -30.13
CA SER A 79 0.32 2.07 -29.61
C SER A 79 -0.51 0.85 -29.21
N GLU A 80 -0.32 -0.27 -29.88
CA GLU A 80 -1.13 -1.45 -29.61
C GLU A 80 -0.78 -2.12 -28.28
N GLN A 81 0.38 -1.80 -27.74
CA GLN A 81 0.82 -2.44 -26.52
C GLN A 81 0.42 -1.60 -25.31
N MET A 82 -0.26 -0.49 -25.57
CA MET A 82 -0.43 0.57 -24.58
C MET A 82 -1.74 0.42 -23.81
N ASN A 83 -1.69 0.82 -22.55
CA ASN A 83 -2.78 0.67 -21.59
C ASN A 83 -3.01 1.97 -20.80
N VAL A 84 -4.25 2.20 -20.42
CA VAL A 84 -4.57 3.43 -19.74
C VAL A 84 -4.64 3.17 -18.25
N TYR A 85 -3.72 3.79 -17.53
CA TYR A 85 -3.74 3.76 -16.07
C TYR A 85 -4.13 5.04 -15.40
N SER A 86 -4.51 4.91 -14.15
CA SER A 86 -4.89 6.01 -13.30
C SER A 86 -4.02 5.93 -12.02
N VAL A 87 -3.91 7.03 -11.29
CA VAL A 87 -3.15 7.08 -10.03
C VAL A 87 -3.72 8.31 -9.31
N LYS A 88 -3.49 8.43 -8.01
CA LYS A 88 -4.06 9.58 -7.30
C LYS A 88 -3.10 10.74 -7.50
N LEU A 89 -3.60 11.93 -7.82
CA LEU A 89 -2.68 13.01 -8.10
C LEU A 89 -1.90 13.31 -6.85
N GLY A 90 -0.59 13.25 -7.00
CA GLY A 90 0.32 13.42 -5.87
C GLY A 90 1.00 12.13 -5.56
N ASP A 91 0.52 11.05 -6.15
CA ASP A 91 1.18 9.77 -5.99
C ASP A 91 2.04 9.54 -7.20
N PRO A 92 3.17 8.88 -7.03
CA PRO A 92 4.02 8.55 -8.16
C PRO A 92 3.52 7.28 -8.81
N PRO A 93 3.72 7.12 -10.13
CA PRO A 93 3.36 5.86 -10.84
C PRO A 93 4.23 4.64 -10.55
N THR A 94 4.31 4.25 -9.28
CA THR A 94 4.85 2.93 -8.90
C THR A 94 3.82 1.86 -9.21
N PRO A 95 4.29 0.66 -9.50
CA PRO A 95 3.42 -0.48 -9.79
C PRO A 95 2.32 -0.68 -8.75
N ASP A 96 2.64 -0.37 -7.49
CA ASP A 96 1.70 -0.54 -6.39
C ASP A 96 0.63 0.54 -6.37
N LYS A 97 0.95 1.70 -6.92
CA LYS A 97 -0.01 2.78 -6.94
C LYS A 97 -0.95 2.76 -8.14
N LEU A 98 -0.57 2.03 -9.18
CA LEU A 98 -1.32 2.12 -10.44
C LEU A 98 -2.70 1.53 -10.28
N LYS A 99 -3.67 2.14 -10.93
CA LYS A 99 -4.98 1.51 -11.14
C LYS A 99 -5.27 1.26 -12.62
N PHE A 100 -5.33 0.01 -13.04
CA PHE A 100 -5.58 -0.24 -14.44
C PHE A 100 -6.95 0.36 -14.78
N GLU A 101 -7.03 1.06 -15.91
CA GLU A 101 -8.27 1.75 -16.27
C GLU A 101 -8.93 1.18 -17.50
N ALA A 102 -8.14 0.99 -18.53
CA ALA A 102 -8.61 0.31 -19.74
C ALA A 102 -7.43 -0.05 -20.67
N VAL A 103 -7.71 -0.74 -21.79
CA VAL A 103 -6.67 -0.93 -22.82
C VAL A 103 -6.85 0.09 -23.89
N GLY A 104 -5.77 0.77 -24.24
CA GLY A 104 -5.84 1.78 -25.28
C GLY A 104 -4.59 2.63 -25.30
N TRP A 105 -4.46 3.43 -26.36
CA TRP A 105 -3.30 4.32 -26.50
C TRP A 105 -3.71 5.75 -26.38
N SER A 106 -4.97 6.00 -26.05
CA SER A 106 -5.45 7.37 -25.88
C SER A 106 -6.76 7.38 -25.09
N ALA A 107 -6.87 8.37 -24.21
CA ALA A 107 -7.87 8.31 -23.18
C ALA A 107 -8.28 9.67 -22.67
N SER A 108 -9.53 9.76 -22.26
CA SER A 108 -10.06 10.91 -21.60
C SER A 108 -11.01 10.41 -20.51
N SER A 109 -11.27 11.24 -19.48
CA SER A 109 -12.08 10.78 -18.36
C SER A 109 -12.63 11.92 -17.54
N CYS A 110 -13.63 11.59 -16.72
CA CYS A 110 -14.37 12.57 -15.97
C CYS A 110 -15.30 11.83 -15.06
N HIS A 111 -15.47 12.37 -13.85
CA HIS A 111 -16.30 11.74 -12.86
C HIS A 111 -17.61 12.44 -12.72
N ASP A 112 -18.71 11.72 -12.87
CA ASP A 112 -20.06 12.35 -12.78
C ASP A 112 -20.64 12.57 -11.41
N GLY A 113 -19.99 12.05 -10.38
CA GLY A 113 -20.51 12.11 -9.00
C GLY A 113 -20.87 10.73 -8.48
N PHE A 114 -20.87 9.76 -9.37
CA PHE A 114 -21.15 8.37 -9.04
C PHE A 114 -19.99 7.48 -9.37
N GLN A 115 -19.69 7.36 -10.68
CA GLN A 115 -18.56 6.53 -11.14
C GLN A 115 -17.63 7.28 -12.08
N TRP A 116 -16.48 6.73 -12.37
CA TRP A 116 -15.62 7.39 -13.34
C TRP A 116 -16.01 6.94 -14.70
N THR A 117 -16.08 7.88 -15.61
CA THR A 117 -16.31 7.50 -16.98
C THR A 117 -14.96 7.59 -17.64
N VAL A 118 -14.58 6.53 -18.37
CA VAL A 118 -13.34 6.54 -19.14
C VAL A 118 -13.50 6.15 -20.62
N LEU A 119 -13.02 7.01 -21.52
CA LEU A 119 -13.04 6.74 -22.96
C LEU A 119 -11.66 6.39 -23.42
N SER A 120 -11.52 5.20 -23.95
CA SER A 120 -10.25 4.73 -24.46
C SER A 120 -10.33 4.38 -25.94
N VAL A 121 -9.21 4.54 -26.64
CA VAL A 121 -9.11 4.18 -28.03
C VAL A 121 -8.15 3.01 -28.11
N ALA A 122 -8.57 1.92 -28.75
CA ALA A 122 -7.75 0.69 -28.83
C ALA A 122 -7.92 -0.10 -30.14
N GLY A 123 -7.14 -1.19 -30.26
CA GLY A 123 -7.16 -2.07 -31.44
C GLY A 123 -7.31 -1.44 -32.83
N ASP A 124 -8.46 -1.68 -33.43
CA ASP A 124 -8.83 -1.11 -34.73
C ASP A 124 -8.65 0.41 -34.77
N GLY A 125 -8.84 1.07 -33.63
CA GLY A 125 -8.89 2.52 -33.55
C GLY A 125 -10.28 2.97 -33.12
N PHE A 126 -11.09 2.06 -32.56
CA PHE A 126 -12.35 2.45 -31.93
C PHE A 126 -12.26 2.87 -30.44
N VAL A 127 -13.42 3.30 -29.92
CA VAL A 127 -13.54 3.81 -28.57
C VAL A 127 -14.37 2.91 -27.66
N SER A 128 -13.76 2.44 -26.58
CA SER A 128 -14.50 1.79 -25.53
C SER A 128 -14.86 2.89 -24.57
N ILE A 129 -16.01 2.75 -23.97
CA ILE A 129 -16.44 3.67 -22.94
C ILE A 129 -16.62 2.84 -21.69
N LEU A 130 -15.90 3.15 -20.62
CA LEU A 130 -16.17 2.39 -19.40
C LEU A 130 -16.52 3.16 -18.14
N TYR A 131 -17.57 2.66 -17.51
CA TYR A 131 -18.23 3.36 -16.42
C TYR A 131 -17.99 2.55 -15.17
N GLY A 132 -17.21 3.11 -14.27
CA GLY A 132 -16.82 2.39 -13.05
C GLY A 132 -16.06 1.11 -13.34
N GLY A 133 -15.21 1.14 -14.37
CA GLY A 133 -14.35 0.00 -14.67
C GLY A 133 -14.93 -1.09 -15.57
N ILE A 134 -16.23 -1.02 -15.84
CA ILE A 134 -16.86 -2.03 -16.69
C ILE A 134 -17.26 -1.42 -18.01
N ILE A 135 -17.29 -2.22 -19.07
CA ILE A 135 -17.55 -1.70 -20.43
C ILE A 135 -19.03 -1.51 -20.70
N THR A 136 -19.44 -0.25 -20.85
CA THR A 136 -20.85 0.09 -21.04
C THR A 136 -21.22 0.37 -22.50
N ASP A 137 -20.22 0.73 -23.31
CA ASP A 137 -20.48 1.15 -24.69
C ASP A 137 -19.22 1.22 -25.56
N THR A 138 -19.41 1.08 -26.86
CA THR A 138 -18.33 1.30 -27.82
C THR A 138 -18.79 2.21 -28.93
N ILE A 139 -17.84 2.89 -29.54
CA ILE A 139 -18.09 3.83 -30.60
C ILE A 139 -17.09 3.52 -31.71
N HIS A 140 -17.60 3.37 -32.93
CA HIS A 140 -16.76 3.01 -34.08
C HIS A 140 -16.65 4.07 -35.15
N PRO A 141 -15.53 4.04 -35.89
CA PRO A 141 -15.21 5.10 -36.86
C PRO A 141 -15.96 4.95 -38.17
N THR A 142 -16.62 6.02 -38.58
CA THR A 142 -17.33 6.09 -39.85
C THR A 142 -16.33 6.65 -40.86
N ASN A 143 -15.96 7.92 -40.68
CA ASN A 143 -15.08 8.63 -41.62
C ASN A 143 -13.73 7.95 -41.90
N GLY A 144 -13.51 6.77 -41.33
CA GLY A 144 -12.25 6.03 -41.52
C GLY A 144 -11.12 6.39 -40.59
N GLY A 145 -10.05 5.59 -40.59
CA GLY A 145 -8.88 5.83 -39.74
C GLY A 145 -9.26 5.92 -38.27
N PRO A 146 -8.24 5.97 -37.38
CA PRO A 146 -8.49 5.83 -35.92
C PRO A 146 -9.25 7.03 -35.34
N LEU A 147 -10.13 6.77 -34.38
CA LEU A 147 -10.70 7.88 -33.61
C LEU A 147 -9.68 8.40 -32.59
N ARG A 148 -10.04 9.54 -32.00
CA ARG A 148 -9.12 10.27 -31.15
C ARG A 148 -9.93 10.96 -30.07
N THR A 149 -9.44 10.87 -28.82
CA THR A 149 -10.14 11.46 -27.66
C THR A 149 -9.54 12.81 -27.34
N GLN A 150 -10.21 13.62 -26.51
CA GLN A 150 -9.63 14.86 -26.02
C GLN A 150 -8.25 14.72 -25.40
N ALA A 151 -7.94 13.56 -24.81
CA ALA A 151 -6.65 13.46 -24.11
C ALA A 151 -6.62 14.58 -23.06
N SER A 152 -7.75 14.76 -22.42
CA SER A 152 -7.96 15.76 -21.45
C SER A 152 -9.22 15.33 -20.71
N SER A 153 -9.34 15.73 -19.47
CA SER A 153 -10.59 15.57 -18.78
C SER A 153 -11.82 16.02 -19.63
N CYS A 154 -12.84 15.17 -19.66
CA CYS A 154 -14.12 15.56 -20.21
C CYS A 154 -14.90 16.26 -19.11
N ILE A 155 -16.07 16.80 -19.41
CA ILE A 155 -16.76 17.63 -18.46
C ILE A 155 -18.06 16.99 -18.06
N CYS A 156 -18.23 16.78 -16.76
CA CYS A 156 -19.51 16.28 -16.26
C CYS A 156 -20.20 17.37 -15.47
N ASN A 157 -21.49 17.52 -15.71
CA ASN A 157 -22.31 18.44 -14.95
C ASN A 157 -23.72 17.88 -14.85
N ASP A 158 -24.20 17.68 -13.62
CA ASP A 158 -25.55 17.14 -13.35
C ASP A 158 -25.75 15.74 -13.91
N GLY A 159 -24.70 14.91 -13.84
CA GLY A 159 -24.85 13.49 -14.12
C GLY A 159 -24.77 13.08 -15.57
N THR A 160 -24.77 14.07 -16.47
CA THR A 160 -24.45 13.87 -17.90
C THR A 160 -23.05 14.38 -18.23
N CYS A 161 -22.33 13.67 -19.08
CA CYS A 161 -20.93 14.06 -19.38
C CYS A 161 -20.81 14.39 -20.83
N TYR A 162 -19.96 15.34 -21.17
CA TYR A 162 -19.77 15.77 -22.56
C TYR A 162 -18.32 15.55 -22.97
N THR A 163 -18.13 14.95 -24.14
CA THR A 163 -16.77 14.79 -24.62
C THR A 163 -16.73 14.99 -26.11
N ILE A 164 -15.54 15.30 -26.64
CA ILE A 164 -15.39 15.51 -28.08
C ILE A 164 -14.53 14.42 -28.72
N ILE A 165 -15.00 13.89 -29.83
CA ILE A 165 -14.28 12.82 -30.55
C ILE A 165 -13.98 13.12 -32.02
N ALA A 166 -12.72 12.93 -32.38
CA ALA A 166 -12.20 13.19 -33.74
C ALA A 166 -12.10 11.96 -34.59
N ASP A 167 -12.49 12.11 -35.85
CA ASP A 167 -12.41 11.07 -36.86
C ASP A 167 -11.64 11.58 -38.08
N GLY A 168 -11.00 10.68 -38.83
CA GLY A 168 -10.41 11.08 -40.11
C GLY A 168 -8.97 10.68 -40.37
N THR A 169 -8.63 10.55 -41.65
CA THR A 169 -7.34 10.01 -42.07
C THR A 169 -6.26 11.03 -41.86
N THR A 170 -6.59 12.30 -42.09
CA THR A 170 -5.65 13.41 -41.95
C THR A 170 -6.37 14.67 -41.51
N TYR A 171 -5.61 15.66 -41.06
CA TYR A 171 -6.16 16.81 -40.37
C TYR A 171 -6.83 17.76 -41.34
N THR A 172 -6.35 17.70 -42.59
CA THR A 172 -6.98 18.38 -43.71
C THR A 172 -8.44 17.89 -43.79
N ALA A 173 -8.65 16.63 -43.42
CA ALA A 173 -9.94 15.96 -43.64
C ALA A 173 -10.72 15.58 -42.35
N SER A 174 -10.38 16.19 -41.22
CA SER A 174 -10.93 15.76 -39.94
C SER A 174 -12.42 16.07 -39.72
N SER A 175 -13.09 15.21 -38.97
CA SER A 175 -14.48 15.40 -38.62
C SER A 175 -14.58 15.34 -37.10
N HIS A 176 -15.44 16.18 -36.50
CA HIS A 176 -15.56 16.15 -35.03
C HIS A 176 -16.98 16.07 -34.54
N ARG A 177 -17.23 15.07 -33.70
CA ARG A 177 -18.49 14.95 -32.99
C ARG A 177 -18.40 15.24 -31.48
N LEU A 178 -19.43 15.88 -31.00
CA LEU A 178 -19.54 16.23 -29.63
C LEU A 178 -20.51 15.21 -29.10
N TYR A 179 -20.03 14.33 -28.24
CA TYR A 179 -20.88 13.31 -27.64
C TYR A 179 -21.41 13.70 -26.31
N ARG A 180 -22.58 13.17 -26.00
CA ARG A 180 -23.18 13.24 -24.67
C ARG A 180 -23.32 11.86 -24.04
N LEU A 181 -22.83 11.67 -22.82
CA LEU A 181 -22.88 10.35 -22.18
C LEU A 181 -23.63 10.44 -20.88
N VAL A 182 -24.34 9.36 -20.55
CA VAL A 182 -25.01 9.23 -19.23
C VAL A 182 -24.79 7.85 -18.63
N ASN A 183 -24.30 7.80 -17.38
CA ASN A 183 -24.03 6.53 -16.74
C ASN A 183 -23.33 5.57 -17.74
N GLY A 184 -22.52 6.16 -18.62
CA GLY A 184 -21.60 5.40 -19.44
C GLY A 184 -22.13 4.96 -20.78
N THR A 185 -23.37 5.27 -21.08
CA THR A 185 -23.85 4.99 -22.39
C THR A 185 -24.03 6.30 -23.13
N SER A 186 -23.84 6.29 -24.43
CA SER A 186 -24.01 7.52 -25.21
C SER A 186 -25.50 7.90 -25.20
N ALA A 187 -25.78 9.16 -24.96
CA ALA A 187 -27.13 9.70 -25.01
C ALA A 187 -27.20 10.66 -26.20
N GLY A 188 -26.53 10.34 -27.29
CA GLY A 188 -26.62 11.18 -28.45
C GLY A 188 -25.43 12.07 -28.68
N TRP A 189 -25.39 12.67 -29.87
CA TRP A 189 -24.29 13.54 -30.22
C TRP A 189 -24.68 14.54 -31.28
N LYS A 190 -23.78 15.45 -31.60
CA LYS A 190 -23.99 16.43 -32.65
C LYS A 190 -22.71 16.58 -33.45
N ALA A 191 -22.82 16.74 -34.75
CA ALA A 191 -21.62 16.98 -35.55
C ALA A 191 -21.26 18.43 -35.35
N LEU A 192 -19.97 18.67 -35.16
CA LEU A 192 -19.48 20.01 -35.10
C LEU A 192 -18.97 20.38 -36.48
N ASP A 193 -19.42 21.55 -36.97
CA ASP A 193 -18.97 22.10 -38.26
C ASP A 193 -17.56 22.68 -38.19
N THR A 194 -16.62 21.91 -38.71
CA THR A 194 -15.19 22.20 -38.62
C THR A 194 -14.64 22.77 -39.94
N THR A 195 -15.42 22.65 -41.01
CA THR A 195 -14.87 22.77 -42.38
C THR A 195 -13.98 24.00 -42.54
N GLY A 196 -12.85 23.80 -43.20
CA GLY A 196 -11.93 24.89 -43.43
C GLY A 196 -10.85 24.87 -42.39
N PHE A 197 -11.12 24.24 -41.24
CA PHE A 197 -10.09 24.12 -40.20
C PHE A 197 -10.10 22.76 -39.47
N ASN A 198 -9.39 22.70 -38.34
CA ASN A 198 -9.16 21.47 -37.58
C ASN A 198 -9.02 21.74 -36.07
N PHE A 199 -9.52 20.81 -35.26
CA PHE A 199 -9.82 21.06 -33.85
C PHE A 199 -9.55 19.84 -33.01
N GLU A 200 -8.34 19.73 -32.54
CA GLU A 200 -7.90 18.51 -31.90
C GLU A 200 -7.56 18.74 -30.45
N PHE A 201 -7.73 17.70 -29.65
CA PHE A 201 -7.26 17.74 -28.28
C PHE A 201 -7.91 18.87 -27.51
N PRO A 202 -9.20 19.13 -27.71
CA PRO A 202 -9.87 20.20 -26.95
C PRO A 202 -9.69 20.03 -25.46
N THR A 203 -9.44 21.14 -24.78
CA THR A 203 -9.29 21.13 -23.35
C THR A 203 -10.32 22.14 -22.82
N CYS A 204 -11.14 21.68 -21.89
CA CYS A 204 -12.41 22.35 -21.60
C CYS A 204 -12.65 22.74 -20.15
N TYR A 205 -13.49 23.75 -19.92
CA TYR A 205 -14.04 23.99 -18.59
C TYR A 205 -15.44 24.49 -18.67
N TYR A 206 -16.05 24.74 -17.51
CA TYR A 206 -17.46 25.05 -17.48
C TYR A 206 -17.71 26.26 -16.67
N THR A 207 -18.42 27.21 -17.27
CA THR A 207 -18.88 28.38 -16.54
C THR A 207 -20.14 28.98 -17.16
N SER A 208 -20.92 29.68 -16.33
CA SER A 208 -22.02 30.47 -16.82
C SER A 208 -22.85 29.66 -17.85
N GLY A 209 -23.16 28.41 -17.49
CA GLY A 209 -24.05 27.59 -18.29
C GLY A 209 -23.50 27.14 -19.61
N LYS A 210 -22.20 27.31 -19.81
CA LYS A 210 -21.58 26.90 -21.07
C LYS A 210 -20.25 26.15 -20.88
N VAL A 211 -20.00 25.18 -21.74
CA VAL A 211 -18.71 24.58 -21.75
C VAL A 211 -17.86 25.26 -22.81
N LYS A 212 -16.60 25.50 -22.47
CA LYS A 212 -15.70 26.27 -23.28
C LYS A 212 -14.44 25.48 -23.44
N CYS A 213 -14.14 25.18 -24.69
CA CYS A 213 -13.03 24.30 -25.04
C CYS A 213 -12.03 24.96 -25.98
N THR A 214 -10.76 24.85 -25.63
CA THR A 214 -9.66 25.31 -26.47
C THR A 214 -9.02 24.18 -27.29
N GLY A 215 -9.23 24.18 -28.59
CA GLY A 215 -8.62 23.12 -29.40
C GLY A 215 -7.21 23.47 -29.88
N THR A 216 -6.70 22.66 -30.80
CA THR A 216 -5.39 22.81 -31.39
C THR A 216 -5.51 22.51 -32.89
N ASN A 217 -5.15 23.48 -33.72
CA ASN A 217 -5.32 23.29 -35.15
C ASN A 217 -4.00 22.84 -35.71
N LEU A 218 -3.99 21.57 -36.12
CA LEU A 218 -2.76 20.95 -36.62
C LEU A 218 -2.58 21.14 -38.11
N TRP A 219 -3.51 21.87 -38.71
CA TRP A 219 -3.53 22.05 -40.15
C TRP A 219 -3.13 23.43 -40.59
N ASN A 220 -4.03 24.39 -40.44
CA ASN A 220 -3.89 25.68 -41.08
C ASN A 220 -3.84 26.86 -40.13
N ASP A 221 -3.41 26.62 -38.89
CA ASP A 221 -3.54 27.65 -37.86
C ASP A 221 -2.50 27.59 -36.71
N ALA A 222 -1.96 28.76 -36.40
CA ALA A 222 -1.03 28.97 -35.29
C ALA A 222 -1.70 29.59 -34.06
N LYS A 223 -2.95 29.96 -34.19
CA LYS A 223 -3.75 30.33 -33.06
C LYS A 223 -4.53 29.09 -32.63
N ARG A 224 -5.38 29.23 -31.62
CA ARG A 224 -6.15 28.09 -31.14
C ARG A 224 -7.64 28.32 -31.32
N PRO A 225 -8.29 27.41 -32.06
CA PRO A 225 -9.72 27.53 -32.19
C PRO A 225 -10.33 27.51 -30.81
N PHE A 226 -11.56 27.99 -30.69
CA PHE A 226 -12.22 27.99 -29.43
C PHE A 226 -13.70 27.69 -29.60
N LEU A 227 -14.23 26.94 -28.64
CA LEU A 227 -15.54 26.35 -28.75
C LEU A 227 -16.38 26.60 -27.53
N GLU A 228 -17.61 27.02 -27.76
CA GLU A 228 -18.57 27.24 -26.71
C GLU A 228 -19.75 26.36 -27.08
N PHE A 229 -20.32 25.69 -26.07
CA PHE A 229 -21.57 24.93 -26.27
C PHE A 229 -22.22 24.71 -24.95
N ASP A 230 -23.52 24.45 -24.97
CA ASP A 230 -24.30 24.31 -23.74
C ASP A 230 -24.98 22.97 -23.71
N GLN A 231 -25.85 22.76 -22.73
CA GLN A 231 -26.46 21.45 -22.57
C GLN A 231 -27.29 21.04 -23.77
N SER A 232 -27.87 22.00 -24.50
CA SER A 232 -28.73 21.66 -25.64
C SER A 232 -27.98 21.51 -26.95
N PHE A 233 -26.65 21.43 -26.85
CA PHE A 233 -25.72 21.31 -28.00
C PHE A 233 -25.76 22.46 -29.01
N THR A 234 -26.32 23.61 -28.64
CA THR A 234 -26.14 24.78 -29.48
C THR A 234 -24.70 25.26 -29.21
N TYR A 235 -23.96 25.48 -30.30
CA TYR A 235 -22.54 25.73 -30.15
C TYR A 235 -22.11 26.76 -31.15
N THR A 236 -21.04 27.49 -30.82
CA THR A 236 -20.36 28.37 -31.78
C THR A 236 -18.84 28.27 -31.63
N PHE A 237 -18.14 28.29 -32.74
CA PHE A 237 -16.71 28.34 -32.68
C PHE A 237 -16.37 29.80 -32.73
N LYS A 238 -15.39 30.18 -31.92
CA LYS A 238 -14.81 31.53 -31.95
C LYS A 238 -13.32 31.42 -32.26
N GLU A 239 -12.78 32.42 -32.95
CA GLU A 239 -11.34 32.50 -33.15
C GLU A 239 -10.79 33.72 -32.41
N PRO A 240 -9.74 33.53 -31.59
CA PRO A 240 -9.22 34.62 -30.79
C PRO A 240 -8.57 35.66 -31.67
N CYS A 241 -8.82 36.93 -31.34
CA CYS A 241 -8.36 38.07 -32.12
C CYS A 241 -7.19 38.74 -31.43
N LEU A 242 -6.11 37.99 -31.20
CA LEU A 242 -4.95 38.52 -30.48
C LEU A 242 -3.62 38.04 -31.07
N GLY A 243 -2.68 38.98 -31.24
CA GLY A 243 -1.37 38.69 -31.79
C GLY A 243 -0.52 37.69 -31.03
N PHE A 244 -1.03 37.23 -29.88
CA PHE A 244 -0.38 36.22 -29.02
C PHE A 244 -0.73 34.81 -29.49
N LEU A 245 0.27 34.15 -30.02
CA LEU A 245 0.01 32.93 -30.74
C LEU A 245 0.13 31.80 -29.76
N GLY A 246 -0.95 31.07 -29.54
CA GLY A 246 -0.95 29.97 -28.57
C GLY A 246 -0.14 28.74 -28.98
N ASP A 247 -0.29 28.36 -30.23
CA ASP A 247 0.13 27.05 -30.75
C ASP A 247 1.64 26.94 -30.84
N THR A 248 2.12 25.75 -31.21
CA THR A 248 3.55 25.45 -31.35
C THR A 248 3.76 24.28 -32.33
N PRO A 249 4.60 24.47 -33.36
CA PRO A 249 5.37 25.68 -33.56
C PRO A 249 4.50 26.79 -34.11
N ARG A 250 5.13 27.96 -34.27
CA ARG A 250 4.48 29.20 -34.70
C ARG A 250 5.55 30.15 -35.20
N GLY A 251 5.14 31.17 -35.92
CA GLY A 251 6.13 32.01 -36.57
C GLY A 251 6.66 33.11 -35.67
N ILE A 252 5.75 34.02 -35.32
CA ILE A 252 6.13 35.32 -34.80
C ILE A 252 4.85 35.99 -34.36
N ASP A 253 4.96 36.93 -33.43
CA ASP A 253 3.77 37.60 -32.94
C ASP A 253 3.30 38.64 -33.93
N THR A 254 1.99 38.81 -34.04
CA THR A 254 1.37 39.59 -35.10
C THR A 254 0.62 40.76 -34.51
N THR A 255 -0.03 41.54 -35.38
CA THR A 255 -1.02 42.52 -34.96
C THR A 255 -2.31 41.73 -34.62
N ASN A 256 -3.26 42.37 -33.96
CA ASN A 256 -4.52 41.69 -33.68
C ASN A 256 -5.46 41.65 -34.88
N TYR A 257 -6.05 40.49 -35.14
CA TYR A 257 -7.13 40.38 -36.13
C TYR A 257 -7.95 39.11 -35.96
N CYS A 258 -9.22 39.18 -36.36
CA CYS A 258 -10.17 38.10 -36.06
C CYS A 258 -10.15 36.96 -37.06
N ASP A 259 -9.18 37.03 -37.98
CA ASP A 259 -8.92 35.94 -38.90
C ASP A 259 -8.00 34.91 -38.23
N LYS A 260 -7.72 33.83 -38.97
CA LYS A 260 -6.81 32.78 -38.54
C LYS A 260 -5.38 32.90 -39.14
N THR A 261 -4.36 32.76 -38.29
CA THR A 261 -2.96 32.90 -38.71
C THR A 261 -2.37 31.69 -39.42
N THR A 262 -2.30 31.72 -40.74
CA THR A 262 -1.96 30.50 -41.48
C THR A 262 -0.46 30.22 -41.54
N THR A 263 0.35 31.16 -41.09
CA THR A 263 1.80 31.03 -41.22
C THR A 263 2.34 30.17 -40.11
N GLU A 264 3.07 29.13 -40.51
CA GLU A 264 3.52 28.05 -39.62
C GLU A 264 2.34 27.40 -38.87
N GLY A 265 1.17 27.44 -39.47
CA GLY A 265 -0.02 26.93 -38.80
C GLY A 265 -0.02 25.44 -38.69
N GLU A 266 0.86 24.78 -39.44
CA GLU A 266 0.89 23.33 -39.50
C GLU A 266 1.74 22.72 -38.40
N GLY A 267 1.28 21.57 -37.87
CA GLY A 267 1.81 21.01 -36.64
C GLY A 267 1.08 21.65 -35.47
N GLY A 268 1.38 21.18 -34.27
CA GLY A 268 0.69 21.69 -33.12
C GLY A 268 0.87 20.80 -31.91
N ILE A 269 0.57 21.35 -30.74
CA ILE A 269 0.53 20.55 -29.57
C ILE A 269 -0.58 21.06 -28.67
N GLN A 270 -1.18 20.18 -27.84
CA GLN A 270 -2.33 20.46 -26.99
C GLN A 270 -2.04 21.57 -26.01
N GLY A 271 -2.98 22.49 -25.90
CA GLY A 271 -2.82 23.63 -24.98
C GLY A 271 -4.12 24.37 -24.79
N PHE A 272 -4.12 25.36 -23.91
CA PHE A 272 -5.37 26.02 -23.53
C PHE A 272 -5.41 27.52 -23.67
N MET A 273 -6.61 28.05 -23.48
CA MET A 273 -6.88 29.47 -23.30
C MET A 273 -8.04 29.55 -22.34
N ILE A 274 -8.12 30.63 -21.59
CA ILE A 274 -9.16 30.78 -20.63
C ILE A 274 -9.91 32.05 -20.99
N GLU A 275 -11.22 31.98 -21.07
CA GLU A 275 -12.02 33.16 -21.29
C GLU A 275 -12.76 33.52 -19.99
N GLY A 276 -12.70 34.78 -19.58
CA GLY A 276 -13.37 35.25 -18.37
C GLY A 276 -13.38 36.76 -18.27
N SER A 277 -13.54 37.26 -17.04
CA SER A 277 -13.35 38.68 -16.73
C SER A 277 -11.92 39.07 -17.12
N ASN A 278 -10.96 38.47 -16.43
CA ASN A 278 -9.60 38.34 -16.91
C ASN A 278 -9.56 37.15 -17.87
N SER A 279 -8.74 37.26 -18.90
CA SER A 279 -8.51 36.17 -19.84
C SER A 279 -7.04 35.74 -19.85
N TRP A 280 -6.77 34.48 -20.15
CA TRP A 280 -5.41 33.96 -20.15
C TRP A 280 -5.07 33.22 -21.39
N ILE A 281 -3.84 33.42 -21.88
CA ILE A 281 -3.24 32.49 -22.87
C ILE A 281 -1.93 31.94 -22.35
N GLY A 282 -1.83 30.62 -22.29
CA GLY A 282 -0.60 29.97 -21.90
C GLY A 282 0.09 29.51 -23.16
N ARG A 283 1.41 29.47 -23.16
CA ARG A 283 2.11 28.92 -24.28
C ARG A 283 3.54 28.51 -23.97
N ILE A 284 4.10 27.67 -24.84
CA ILE A 284 5.51 27.31 -24.77
C ILE A 284 6.33 28.50 -25.23
N ILE A 285 7.40 28.79 -24.49
CA ILE A 285 8.13 30.02 -24.72
C ILE A 285 8.97 30.01 -25.98
N ASN A 286 9.81 28.99 -26.10
CA ASN A 286 10.76 28.88 -27.19
C ASN A 286 10.42 27.72 -28.10
N PRO A 287 9.60 27.98 -29.13
CA PRO A 287 9.04 26.92 -29.99
C PRO A 287 10.09 26.05 -30.69
N GLY A 288 11.29 26.60 -30.88
CA GLY A 288 12.40 25.82 -31.38
C GLY A 288 12.77 24.70 -30.41
N SER A 289 13.25 25.08 -29.23
CA SER A 289 13.77 24.13 -28.26
C SER A 289 12.70 23.51 -27.37
N LYS A 290 11.48 24.01 -27.48
CA LYS A 290 10.35 23.59 -26.63
C LYS A 290 10.56 23.92 -25.15
N LYS A 291 11.43 24.89 -24.88
CA LYS A 291 11.81 25.26 -23.53
C LYS A 291 10.91 26.36 -22.97
N GLY A 292 10.52 26.21 -21.72
CA GLY A 292 9.79 27.27 -21.02
C GLY A 292 8.29 27.35 -21.28
N PHE A 293 7.57 27.74 -20.24
CA PHE A 293 6.14 27.92 -20.36
C PHE A 293 5.75 29.27 -19.74
N GLU A 294 5.04 30.07 -20.53
CA GLU A 294 4.54 31.36 -20.09
C GLU A 294 3.01 31.44 -20.20
N ILE A 295 2.40 32.13 -19.24
CA ILE A 295 0.97 32.42 -19.27
C ILE A 295 0.73 33.90 -19.10
N TYR A 296 -0.28 34.42 -19.77
CA TYR A 296 -0.31 35.82 -20.12
C TYR A 296 -1.73 36.32 -19.97
N LYS A 297 -1.89 37.39 -19.21
CA LYS A 297 -3.19 37.92 -18.83
C LYS A 297 -3.70 38.99 -19.83
N PHE A 298 -5.01 39.14 -19.90
CA PHE A 298 -5.64 40.12 -20.75
C PHE A 298 -6.90 40.64 -20.09
N LEU A 299 -7.13 41.93 -20.20
CA LEU A 299 -8.38 42.47 -19.72
C LEU A 299 -9.48 42.23 -20.74
N GLY A 300 -10.61 41.68 -20.28
CA GLY A 300 -11.73 41.37 -21.16
C GLY A 300 -11.47 40.20 -22.12
N THR A 301 -12.32 40.09 -23.13
CA THR A 301 -12.38 38.89 -23.99
C THR A 301 -11.14 38.71 -24.85
N LEU A 302 -10.94 37.50 -25.33
CA LEU A 302 -9.88 37.21 -26.28
C LEU A 302 -10.40 37.41 -27.69
N PHE A 303 -11.69 37.72 -27.80
CA PHE A 303 -12.37 37.74 -29.08
C PHE A 303 -12.66 39.16 -29.58
N SER A 304 -12.22 40.15 -28.82
CA SER A 304 -12.21 41.52 -29.28
C SER A 304 -10.80 41.86 -29.72
N VAL A 305 -10.69 42.60 -30.81
CA VAL A 305 -9.41 43.04 -31.32
C VAL A 305 -8.91 44.20 -30.45
N GLN A 306 -9.84 44.73 -29.66
CA GLN A 306 -9.62 45.87 -28.78
C GLN A 306 -8.73 45.59 -27.58
N THR A 307 -8.64 44.33 -27.17
CA THR A 307 -8.19 43.98 -25.82
C THR A 307 -6.68 43.89 -25.64
N VAL A 308 -6.25 44.17 -24.42
CA VAL A 308 -4.91 44.63 -24.12
C VAL A 308 -4.15 43.63 -23.26
N GLY A 309 -2.92 43.33 -23.66
CA GLY A 309 -2.03 42.55 -22.81
C GLY A 309 -1.81 43.29 -21.52
N ASN A 310 -1.60 42.57 -20.43
CA ASN A 310 -1.48 43.21 -19.14
C ASN A 310 -0.31 42.65 -18.40
N ARG A 311 -0.36 41.36 -18.10
CA ARG A 311 0.67 40.75 -17.27
C ARG A 311 1.16 39.40 -17.78
N ASN A 312 2.46 39.29 -17.96
CA ASN A 312 3.03 38.04 -18.41
C ASN A 312 3.76 37.31 -17.30
N TYR A 313 3.27 36.11 -16.94
CA TYR A 313 3.96 35.22 -16.01
C TYR A 313 4.79 34.15 -16.73
N GLN A 314 6.09 34.20 -16.57
CA GLN A 314 6.90 33.12 -17.11
C GLN A 314 7.05 32.07 -16.05
N LEU A 315 6.20 31.06 -16.07
CA LEU A 315 6.18 30.10 -14.99
C LEU A 315 7.32 29.12 -15.01
N LEU A 316 7.71 28.71 -16.21
CA LEU A 316 8.77 27.70 -16.34
C LEU A 316 9.78 28.19 -17.33
N SER A 317 11.06 27.99 -17.02
CA SER A 317 12.14 28.43 -17.89
C SER A 317 13.08 27.32 -18.25
N ASN A 318 13.52 26.58 -17.24
CA ASN A 318 14.50 25.54 -17.46
C ASN A 318 13.99 24.19 -18.02
N SER A 319 12.69 24.07 -18.26
CA SER A 319 12.11 22.74 -18.46
C SER A 319 11.57 22.54 -19.87
N THR A 320 11.85 21.38 -20.45
CA THR A 320 11.30 21.03 -21.76
C THR A 320 9.80 20.70 -21.70
N ILE A 321 9.00 21.50 -22.42
CA ILE A 321 7.53 21.46 -22.30
C ILE A 321 6.85 20.82 -23.49
N GLY A 322 5.62 20.35 -23.25
CA GLY A 322 4.79 19.67 -24.23
C GLY A 322 3.33 20.04 -24.01
N ARG A 323 2.50 19.04 -23.74
CA ARG A 323 1.04 19.30 -23.63
C ARG A 323 0.71 20.03 -22.35
N SER A 324 -0.41 20.73 -22.39
CA SER A 324 -0.90 21.51 -21.28
C SER A 324 -2.42 21.41 -21.32
N GLY A 325 -3.09 21.35 -20.19
CA GLY A 325 -4.53 21.25 -20.27
C GLY A 325 -5.14 21.79 -19.01
N LEU A 326 -6.46 22.04 -19.04
CA LEU A 326 -7.18 22.54 -17.89
C LEU A 326 -7.86 21.42 -17.12
N TYR A 327 -8.26 21.72 -15.89
CA TYR A 327 -9.13 20.85 -15.06
C TYR A 327 -9.77 21.62 -13.94
N GLN A 328 -11.01 21.29 -13.62
CA GLN A 328 -11.68 21.94 -12.48
C GLN A 328 -11.85 20.94 -11.36
N PRO A 329 -11.21 21.20 -10.24
CA PRO A 329 -11.46 20.43 -9.04
C PRO A 329 -12.83 20.82 -8.47
N ALA A 330 -13.50 19.89 -7.79
CA ALA A 330 -14.83 20.17 -7.25
C ALA A 330 -14.88 20.02 -5.74
N TYR A 331 -15.29 21.09 -5.05
CA TYR A 331 -15.56 21.04 -3.61
C TYR A 331 -16.77 21.90 -3.32
N GLU A 332 -17.19 21.92 -2.05
CA GLU A 332 -18.20 22.87 -1.59
C GLU A 332 -17.65 24.27 -1.78
N SER A 333 -16.42 24.50 -1.31
CA SER A 333 -15.75 25.80 -1.39
C SER A 333 -16.74 26.94 -1.21
N ARG A 334 -17.02 27.67 -2.29
CA ARG A 334 -18.07 28.68 -2.29
C ARG A 334 -18.61 28.93 -3.69
N ASP A 335 -19.41 29.98 -3.85
CA ASP A 335 -20.01 30.36 -5.14
C ASP A 335 -18.99 30.29 -6.28
N CYS A 336 -17.73 30.39 -5.88
CA CYS A 336 -16.58 30.38 -6.76
C CYS A 336 -16.19 28.99 -7.28
N GLN A 337 -16.09 28.85 -8.60
CA GLN A 337 -15.54 27.63 -9.24
C GLN A 337 -14.05 27.69 -9.52
N GLU A 338 -13.28 26.90 -8.79
CA GLU A 338 -11.84 26.87 -8.94
C GLU A 338 -11.45 26.38 -10.35
N LEU A 339 -10.35 26.93 -10.87
CA LEU A 339 -9.79 26.49 -12.15
C LEU A 339 -8.28 26.24 -12.08
N CYS A 340 -7.86 25.09 -12.56
CA CYS A 340 -6.46 24.70 -12.49
C CYS A 340 -5.99 24.23 -13.86
N PHE A 341 -4.68 24.17 -14.05
CA PHE A 341 -4.20 23.53 -15.24
C PHE A 341 -2.93 22.76 -14.97
N TRP A 342 -2.66 21.79 -15.82
CA TRP A 342 -1.48 20.96 -15.74
C TRP A 342 -0.66 21.20 -16.95
N ILE A 343 0.61 20.82 -16.84
CA ILE A 343 1.58 20.92 -17.92
C ILE A 343 2.50 19.71 -17.86
N GLU A 344 2.63 19.07 -19.00
CA GLU A 344 3.42 17.89 -19.12
C GLU A 344 4.88 18.24 -19.52
N ILE A 345 5.82 17.58 -18.86
CA ILE A 345 7.23 17.96 -18.93
C ILE A 345 8.06 16.74 -19.23
N ALA A 346 8.97 16.85 -20.18
CA ALA A 346 9.94 15.79 -20.47
C ALA A 346 10.76 15.38 -19.22
N ALA A 347 10.90 14.08 -19.01
CA ALA A 347 11.77 13.59 -17.94
C ALA A 347 12.76 12.62 -18.56
N THR A 348 13.53 11.97 -17.72
CA THR A 348 14.30 10.80 -18.13
C THR A 348 14.35 9.82 -16.95
N THR A 349 14.41 8.54 -17.27
CA THR A 349 14.66 7.54 -16.26
C THR A 349 16.10 7.64 -15.76
N LYS A 350 16.39 6.98 -14.65
CA LYS A 350 17.74 6.88 -14.11
C LYS A 350 18.76 6.47 -15.17
N ALA A 351 18.32 5.81 -16.22
CA ALA A 351 19.20 5.50 -17.33
C ALA A 351 18.50 5.62 -18.68
N GLY A 352 18.55 6.80 -19.30
CA GLY A 352 17.88 7.07 -20.61
C GLY A 352 16.37 7.08 -20.49
N LEU A 353 15.67 7.04 -21.63
CA LEU A 353 14.18 6.91 -21.66
C LEU A 353 13.44 8.21 -21.38
N SER A 354 12.32 8.43 -22.06
CA SER A 354 11.69 9.72 -22.05
C SER A 354 10.29 9.67 -21.47
N SER A 355 10.18 9.31 -20.20
CA SER A 355 8.90 9.46 -19.54
C SER A 355 8.62 10.97 -19.43
N ASN A 356 7.36 11.30 -19.15
CA ASN A 356 6.98 12.67 -18.88
C ASN A 356 6.47 12.78 -17.46
N ASP A 357 6.62 13.96 -16.86
CA ASP A 357 5.94 14.24 -15.60
C ASP A 357 5.08 15.49 -15.62
N LEU A 358 4.35 15.68 -14.54
CA LEU A 358 3.34 16.68 -14.46
C LEU A 358 3.72 17.73 -13.47
N ILE A 359 3.25 18.95 -13.74
CA ILE A 359 3.18 20.00 -12.76
C ILE A 359 1.84 20.63 -12.94
N THR A 360 1.23 21.07 -11.85
CA THR A 360 -0.10 21.63 -11.91
C THR A 360 -0.13 22.95 -11.16
N PHE A 361 -0.92 23.89 -11.68
CA PHE A 361 -1.07 25.22 -11.12
C PHE A 361 -2.50 25.47 -10.83
N CYS A 362 -2.78 26.12 -9.71
CA CYS A 362 -4.13 26.60 -9.48
C CYS A 362 -4.15 28.09 -9.41
N GLY A 363 -5.29 28.66 -9.78
CA GLY A 363 -5.43 30.11 -9.80
C GLY A 363 -5.72 30.67 -8.43
N THR A 364 -5.10 31.80 -8.12
CA THR A 364 -5.46 32.59 -6.94
C THR A 364 -6.02 33.94 -7.41
N GLY A 365 -6.82 34.54 -6.52
CA GLY A 365 -7.44 35.85 -6.73
C GLY A 365 -6.41 36.94 -6.65
N GLY A 366 -5.38 36.69 -5.86
CA GLY A 366 -4.33 37.67 -5.66
C GLY A 366 -3.39 37.76 -6.84
N SER A 367 -2.72 38.88 -6.99
CA SER A 367 -1.61 38.92 -7.91
C SER A 367 -0.44 38.21 -7.30
N MET A 368 0.48 37.76 -8.14
CA MET A 368 1.60 37.00 -7.64
C MET A 368 2.90 37.51 -8.21
N PRO A 369 3.99 37.36 -7.45
CA PRO A 369 5.30 37.81 -7.86
C PRO A 369 5.86 36.94 -8.98
N ASP A 370 6.93 37.42 -9.63
CA ASP A 370 7.58 36.68 -10.70
C ASP A 370 8.35 35.53 -10.09
N VAL A 371 8.09 34.32 -10.59
CA VAL A 371 8.81 33.15 -10.13
C VAL A 371 9.02 32.18 -11.29
N ASN A 372 10.23 31.65 -11.35
CA ASN A 372 10.56 30.54 -12.20
C ASN A 372 10.54 29.26 -11.34
N TRP A 373 9.55 28.39 -11.54
CA TRP A 373 9.45 27.09 -10.83
C TRP A 373 10.34 25.95 -11.34
N ALA B 11 -16.18 -1.69 19.81
CA ALA B 11 -15.20 -2.74 20.27
C ALA B 11 -15.57 -3.32 21.65
N THR B 12 -15.26 -4.61 21.82
CA THR B 12 -15.65 -5.38 22.99
C THR B 12 -14.44 -6.13 23.54
N PRO B 13 -14.28 -6.15 24.88
CA PRO B 13 -13.18 -6.87 25.49
C PRO B 13 -13.08 -8.28 24.91
N LEU B 14 -11.87 -8.66 24.50
CA LEU B 14 -11.62 -9.99 23.96
C LEU B 14 -11.90 -11.09 24.99
N VAL B 15 -12.82 -11.97 24.62
CA VAL B 15 -13.20 -13.10 25.43
C VAL B 15 -12.77 -14.37 24.70
N LEU B 16 -12.03 -15.23 25.39
CA LEU B 16 -11.66 -16.50 24.79
C LEU B 16 -12.61 -17.61 25.21
N GLY B 17 -12.72 -18.64 24.36
CA GLY B 17 -13.54 -19.82 24.64
C GLY B 17 -13.04 -20.59 25.85
N GLU B 18 -13.97 -21.00 26.71
CA GLU B 18 -13.59 -21.75 27.90
C GLU B 18 -13.12 -23.16 27.52
N ASN B 19 -13.75 -23.72 26.49
CA ASN B 19 -13.51 -25.09 26.07
C ASN B 19 -12.68 -25.17 24.81
N LEU B 20 -11.65 -25.99 24.84
CA LEU B 20 -10.74 -26.17 23.70
C LEU B 20 -11.32 -27.11 22.64
N CYS B 21 -11.05 -26.80 21.37
CA CYS B 21 -11.37 -27.68 20.25
C CYS B 21 -10.68 -28.99 20.43
N SER B 22 -11.30 -30.08 19.99
CA SER B 22 -10.61 -31.38 19.99
C SER B 22 -9.65 -31.30 18.85
N ILE B 23 -8.39 -31.66 19.10
CA ILE B 23 -7.37 -31.61 18.08
C ILE B 23 -6.87 -33.03 17.84
N ASN B 24 -7.04 -33.51 16.60
CA ASN B 24 -6.49 -34.80 16.26
C ASN B 24 -5.50 -34.75 15.12
N GLY B 25 -5.25 -33.55 14.62
CA GLY B 25 -4.31 -33.39 13.51
C GLY B 25 -3.89 -31.96 13.34
N TRP B 26 -2.96 -31.70 12.43
CA TRP B 26 -2.54 -30.31 12.23
C TRP B 26 -2.42 -29.96 10.78
N VAL B 27 -3.02 -28.83 10.37
CA VAL B 27 -2.81 -28.39 8.99
C VAL B 27 -2.19 -27.01 8.96
N PRO B 28 -1.19 -26.80 8.07
CA PRO B 28 -0.52 -25.50 7.95
C PRO B 28 -1.50 -24.46 7.43
N THR B 29 -1.52 -23.29 8.05
CA THR B 29 -2.40 -22.24 7.60
C THR B 29 -1.61 -21.16 6.89
N TYR B 30 -0.31 -21.13 7.14
CA TYR B 30 0.56 -20.13 6.53
C TYR B 30 1.98 -20.61 6.47
N ARG B 31 2.67 -20.13 5.45
CA ARG B 31 4.04 -20.52 5.26
C ARG B 31 4.71 -19.38 4.57
N GLY B 32 5.82 -18.92 5.13
CA GLY B 32 6.56 -17.78 4.58
C GLY B 32 7.29 -18.22 3.33
N GLU B 33 7.67 -17.26 2.50
CA GLU B 33 8.27 -17.61 1.24
C GLU B 33 9.72 -18.09 1.41
N GLY B 34 10.33 -17.68 2.53
CA GLY B 34 11.67 -18.12 2.86
C GLY B 34 11.73 -19.54 3.39
N THR B 35 10.57 -20.17 3.60
CA THR B 35 10.53 -21.52 4.12
C THR B 35 10.80 -22.54 2.99
N THR B 36 10.85 -22.02 1.77
CA THR B 36 10.95 -22.84 0.58
C THR B 36 12.05 -22.29 -0.31
N GLY B 37 11.88 -21.07 -0.78
CA GLY B 37 12.90 -20.38 -1.56
C GLY B 37 13.80 -19.49 -0.72
N LYS B 38 14.58 -18.65 -1.41
CA LYS B 38 15.44 -17.66 -0.78
C LYS B 38 14.69 -16.35 -0.60
N ILE B 39 15.16 -15.51 0.32
CA ILE B 39 14.49 -14.25 0.65
C ILE B 39 15.07 -13.14 -0.21
N PRO B 40 14.19 -12.32 -0.80
CA PRO B 40 14.62 -11.16 -1.56
C PRO B 40 15.36 -10.18 -0.63
N ASP B 41 16.38 -9.52 -1.18
CA ASP B 41 17.31 -8.74 -0.38
C ASP B 41 16.65 -7.50 0.22
N GLU B 42 15.59 -7.00 -0.42
CA GLU B 42 14.94 -5.78 0.05
C GLU B 42 14.09 -6.01 1.29
N GLN B 43 13.79 -7.26 1.60
CA GLN B 43 13.05 -7.56 2.82
C GLN B 43 13.86 -7.31 4.11
N MET B 44 13.14 -6.94 5.16
CA MET B 44 13.72 -6.76 6.47
C MET B 44 14.19 -8.13 7.01
N LEU B 45 15.39 -8.20 7.58
CA LEU B 45 15.83 -9.47 8.20
C LEU B 45 15.14 -9.59 9.54
N THR B 46 14.51 -10.72 9.83
CA THR B 46 13.76 -10.86 11.06
C THR B 46 14.38 -11.86 12.04
N ARG B 47 14.11 -11.66 13.32
CA ARG B 47 14.46 -12.65 14.31
C ARG B 47 13.44 -12.57 15.42
N GLN B 48 13.34 -13.62 16.22
CA GLN B 48 12.37 -13.69 17.33
C GLN B 48 10.92 -13.51 16.83
N ASN B 49 10.62 -14.08 15.68
CA ASN B 49 9.26 -14.09 15.19
C ASN B 49 8.26 -14.71 16.17
N PHE B 50 7.09 -14.12 16.27
CA PHE B 50 5.97 -14.84 16.86
C PHE B 50 4.64 -14.38 16.29
N VAL B 51 3.58 -14.98 16.78
CA VAL B 51 2.29 -14.66 16.26
C VAL B 51 1.39 -14.38 17.42
N SER B 52 0.54 -13.39 17.27
CA SER B 52 -0.45 -13.07 18.25
C SER B 52 -1.66 -12.56 17.48
N CYS B 53 -2.84 -12.91 17.96
CA CYS B 53 -4.03 -12.54 17.22
C CYS B 53 -4.92 -11.50 17.91
N SER B 54 -5.49 -10.60 17.09
CA SER B 54 -6.61 -9.75 17.52
C SER B 54 -7.92 -10.43 17.15
N ASP B 55 -9.05 -9.76 17.40
CA ASP B 55 -10.37 -10.30 17.06
C ASP B 55 -10.66 -10.07 15.58
N LYS B 56 -9.78 -9.30 14.95
CA LYS B 56 -9.87 -8.87 13.59
C LYS B 56 -8.98 -9.71 12.67
N GLU B 57 -7.83 -10.12 13.17
CA GLU B 57 -6.73 -10.60 12.34
C GLU B 57 -5.58 -11.08 13.24
N CYS B 58 -4.68 -11.85 12.66
CA CYS B 58 -3.47 -12.28 13.36
C CYS B 58 -2.29 -11.53 12.81
N ARG B 59 -1.39 -11.15 13.69
CA ARG B 59 -0.22 -10.40 13.26
C ARG B 59 1.03 -11.17 13.56
N ARG B 60 2.06 -10.92 12.75
CA ARG B 60 3.37 -11.56 12.98
C ARG B 60 4.32 -10.55 13.57
N PHE B 61 4.75 -10.74 14.80
CA PHE B 61 5.70 -9.79 15.40
C PHE B 61 7.11 -10.30 15.20
N PHE B 62 8.06 -9.39 15.09
CA PHE B 62 9.45 -9.81 15.03
C PHE B 62 10.41 -8.70 15.41
N VAL B 63 11.69 -9.01 15.43
CA VAL B 63 12.70 -8.05 15.77
C VAL B 63 13.61 -7.90 14.57
N SER B 64 13.83 -6.67 14.12
CA SER B 64 14.60 -6.39 12.90
C SER B 64 16.09 -6.54 13.11
N MET B 65 16.77 -7.05 12.09
CA MET B 65 18.22 -6.98 12.04
C MET B 65 18.68 -5.95 11.00
N GLY B 66 17.76 -5.17 10.46
CA GLY B 66 18.06 -4.31 9.31
C GLY B 66 17.63 -4.94 7.99
N TYR B 67 17.74 -4.17 6.90
CA TYR B 67 17.41 -4.66 5.57
C TYR B 67 18.52 -5.53 5.00
N GLY B 68 18.13 -6.54 4.22
CA GLY B 68 19.08 -7.50 3.71
C GLY B 68 20.06 -6.92 2.74
N THR B 69 19.65 -5.80 2.13
CA THR B 69 20.44 -5.18 1.07
C THR B 69 21.45 -4.21 1.64
N THR B 70 21.10 -3.62 2.79
CA THR B 70 21.93 -2.61 3.44
C THR B 70 22.82 -3.24 4.51
N THR B 71 22.68 -4.56 4.70
CA THR B 71 23.46 -5.30 5.67
C THR B 71 24.55 -6.09 4.95
N ASN B 72 25.79 -5.93 5.39
CA ASN B 72 26.88 -6.73 4.89
C ASN B 72 27.16 -7.92 5.82
N PHE B 73 27.57 -9.06 5.24
CA PHE B 73 27.76 -10.32 5.98
C PHE B 73 28.81 -10.27 7.09
N ALA B 74 29.93 -9.59 6.79
CA ALA B 74 31.07 -9.48 7.72
C ALA B 74 30.71 -8.86 9.07
N ASP B 75 29.68 -8.01 9.07
CA ASP B 75 29.12 -7.43 10.30
C ASP B 75 28.35 -8.47 11.07
N LEU B 76 28.55 -8.46 12.38
CA LEU B 76 27.60 -9.09 13.27
C LEU B 76 26.83 -7.91 13.83
N ILE B 77 25.50 -8.02 13.86
CA ILE B 77 24.67 -6.94 14.40
C ILE B 77 24.24 -7.18 15.86
N VAL B 78 23.90 -6.10 16.53
CA VAL B 78 23.90 -6.06 17.96
C VAL B 78 22.57 -5.58 18.52
N SER B 79 22.14 -6.19 19.63
CA SER B 79 20.84 -5.92 20.28
C SER B 79 20.42 -4.45 20.40
N GLU B 80 21.37 -3.58 20.68
CA GLU B 80 21.02 -2.17 20.86
C GLU B 80 20.48 -1.53 19.61
N GLN B 81 20.74 -2.15 18.46
CA GLN B 81 20.37 -1.56 17.18
C GLN B 81 18.99 -2.07 16.76
N MET B 82 18.47 -3.00 17.54
CA MET B 82 17.29 -3.72 17.14
C MET B 82 15.98 -3.04 17.51
N ASN B 83 15.00 -3.20 16.62
CA ASN B 83 13.66 -2.62 16.75
C ASN B 83 12.56 -3.63 16.61
N VAL B 84 11.43 -3.39 17.26
CA VAL B 84 10.31 -4.33 17.17
C VAL B 84 9.25 -3.89 16.13
N TYR B 85 9.11 -4.71 15.09
CA TYR B 85 8.11 -4.51 14.06
C TYR B 85 6.98 -5.50 14.09
N SER B 86 5.90 -5.13 13.46
CA SER B 86 4.75 -5.96 13.28
C SER B 86 4.41 -6.01 11.77
N VAL B 87 3.62 -7.00 11.37
CA VAL B 87 3.16 -7.15 9.99
C VAL B 87 1.89 -8.03 10.08
N LYS B 88 1.06 -8.06 9.05
CA LYS B 88 -0.17 -8.85 9.16
C LYS B 88 0.19 -10.25 8.75
N LEU B 89 -0.18 -11.25 9.54
CA LEU B 89 0.22 -12.63 9.23
C LEU B 89 -0.22 -13.03 7.82
N GLY B 90 0.72 -13.42 6.98
CA GLY B 90 0.41 -13.65 5.59
C GLY B 90 1.02 -12.61 4.68
N ASP B 91 1.45 -11.50 5.25
CA ASP B 91 2.19 -10.49 4.48
C ASP B 91 3.68 -10.71 4.71
N PRO B 92 4.50 -10.37 3.71
CA PRO B 92 5.93 -10.45 3.83
C PRO B 92 6.49 -9.16 4.45
N PRO B 93 7.57 -9.27 5.24
CA PRO B 93 8.21 -8.09 5.79
C PRO B 93 8.95 -7.21 4.77
N THR B 94 8.20 -6.69 3.79
CA THR B 94 8.69 -5.62 2.90
C THR B 94 8.59 -4.32 3.67
N PRO B 95 9.43 -3.34 3.29
CA PRO B 95 9.47 -2.03 3.96
C PRO B 95 8.11 -1.36 4.02
N ASP B 96 7.30 -1.59 2.98
CA ASP B 96 5.95 -1.00 2.89
C ASP B 96 4.88 -1.71 3.74
N LYS B 97 5.12 -2.97 4.09
CA LYS B 97 4.22 -3.70 4.98
C LYS B 97 4.52 -3.50 6.46
N LEU B 98 5.74 -3.12 6.79
CA LEU B 98 6.16 -3.09 8.18
C LEU B 98 5.37 -2.07 8.95
N LYS B 99 5.05 -2.41 10.19
CA LYS B 99 4.58 -1.40 11.16
C LYS B 99 5.54 -1.30 12.36
N PHE B 100 6.09 -0.12 12.57
CA PHE B 100 6.99 0.05 13.69
C PHE B 100 6.21 -0.12 14.99
N GLU B 101 6.73 -0.94 15.89
CA GLU B 101 5.98 -1.24 17.11
C GLU B 101 6.61 -0.67 18.36
N ALA B 102 7.94 -0.83 18.49
CA ALA B 102 8.74 -0.20 19.56
C ALA B 102 10.24 -0.44 19.35
N VAL B 103 11.07 0.23 20.16
CA VAL B 103 12.54 -0.02 20.11
C VAL B 103 12.89 -1.07 21.13
N GLY B 104 13.64 -2.08 20.71
CA GLY B 104 13.99 -3.15 21.60
C GLY B 104 14.47 -4.37 20.85
N TRP B 105 15.03 -5.33 21.61
CA TRP B 105 15.64 -6.52 21.03
C TRP B 105 14.89 -7.71 21.44
N SER B 106 13.86 -7.51 22.26
CA SER B 106 12.97 -8.61 22.66
C SER B 106 11.58 -8.11 22.97
N ALA B 107 10.57 -8.89 22.61
CA ALA B 107 9.22 -8.38 22.63
C ALA B 107 8.20 -9.45 22.78
N SER B 108 7.09 -9.09 23.40
CA SER B 108 5.90 -9.89 23.47
C SER B 108 4.66 -9.00 23.26
N SER B 109 3.56 -9.56 22.77
CA SER B 109 2.38 -8.74 22.53
C SER B 109 1.09 -9.52 22.54
N CYS B 110 -0.02 -8.81 22.73
CA CYS B 110 -1.34 -9.42 22.84
C CYS B 110 -2.34 -8.32 22.70
N HIS B 111 -3.50 -8.66 22.15
CA HIS B 111 -4.56 -7.67 21.89
C HIS B 111 -5.71 -7.87 22.84
N ASP B 112 -6.03 -6.86 23.62
CA ASP B 112 -7.10 -7.02 24.61
C ASP B 112 -8.54 -6.88 24.08
N GLY B 113 -8.70 -6.44 22.85
CA GLY B 113 -10.03 -6.14 22.33
C GLY B 113 -10.20 -4.68 21.98
N PHE B 114 -9.25 -3.87 22.44
CA PHE B 114 -9.27 -2.45 22.17
C PHE B 114 -8.03 -2.03 21.42
N GLN B 115 -6.87 -2.26 22.02
CA GLN B 115 -5.61 -1.88 21.43
C GLN B 115 -4.64 -3.04 21.54
N TRP B 116 -3.51 -2.95 20.83
CA TRP B 116 -2.39 -3.88 21.04
C TRP B 116 -1.55 -3.45 22.19
N THR B 117 -1.29 -4.38 23.09
CA THR B 117 -0.32 -4.17 24.14
C THR B 117 1.00 -4.81 23.68
N VAL B 118 2.09 -4.05 23.76
CA VAL B 118 3.43 -4.55 23.38
C VAL B 118 4.48 -4.26 24.43
N LEU B 119 5.15 -5.31 24.88
CA LEU B 119 6.21 -5.22 25.89
C LEU B 119 7.53 -5.39 25.20
N SER B 120 8.41 -4.42 25.36
CA SER B 120 9.70 -4.42 24.68
C SER B 120 10.81 -4.25 25.70
N VAL B 121 11.94 -4.86 25.40
CA VAL B 121 13.14 -4.73 26.24
C VAL B 121 14.21 -3.94 25.47
N ALA B 122 14.66 -2.83 26.03
CA ALA B 122 15.62 -1.96 25.33
C ALA B 122 16.68 -1.30 26.25
N GLY B 123 17.67 -0.68 25.59
CA GLY B 123 18.76 0.05 26.24
C GLY B 123 19.47 -0.65 27.39
N ASP B 124 19.22 -0.15 28.59
CA ASP B 124 19.72 -0.71 29.83
C ASP B 124 19.41 -2.21 29.91
N GLY B 125 18.26 -2.60 29.39
CA GLY B 125 17.73 -3.93 29.63
C GLY B 125 16.39 -3.87 30.34
N PHE B 126 15.72 -2.72 30.32
CA PHE B 126 14.39 -2.58 30.95
C PHE B 126 13.26 -2.86 29.95
N VAL B 127 12.04 -2.81 30.46
CA VAL B 127 10.86 -3.07 29.65
C VAL B 127 9.97 -1.85 29.49
N SER B 128 9.73 -1.44 28.25
CA SER B 128 8.68 -0.48 27.90
C SER B 128 7.41 -1.24 27.66
N ILE B 129 6.29 -0.68 28.08
CA ILE B 129 5.02 -1.28 27.79
C ILE B 129 4.30 -0.28 26.95
N LEU B 130 3.94 -0.64 25.73
CA LEU B 130 3.11 0.29 24.97
C LEU B 130 1.76 -0.19 24.48
N TYR B 131 0.77 0.64 24.77
CA TYR B 131 -0.62 0.35 24.51
C TYR B 131 -1.07 1.21 23.35
N GLY B 132 -1.44 0.57 22.26
CA GLY B 132 -1.88 1.28 21.07
C GLY B 132 -0.81 2.20 20.56
N GLY B 133 0.45 1.82 20.74
CA GLY B 133 1.57 2.51 20.11
C GLY B 133 2.12 3.68 20.90
N ILE B 134 1.57 3.91 22.08
CA ILE B 134 2.07 4.99 22.95
C ILE B 134 2.53 4.42 24.25
N ILE B 135 3.50 5.09 24.89
CA ILE B 135 4.17 4.48 26.05
C ILE B 135 3.42 4.70 27.32
N THR B 136 2.86 3.63 27.86
CA THR B 136 1.99 3.73 29.02
C THR B 136 2.70 3.37 30.35
N ASP B 137 3.78 2.61 30.28
CA ASP B 137 4.47 2.15 31.48
C ASP B 137 5.84 1.51 31.19
N THR B 138 6.71 1.58 32.18
CA THR B 138 8.01 0.94 32.12
C THR B 138 8.27 0.06 33.34
N ILE B 139 9.05 -1.00 33.13
CA ILE B 139 9.41 -1.90 34.19
C ILE B 139 10.92 -2.02 34.27
N HIS B 140 11.48 -1.90 35.47
CA HIS B 140 12.92 -1.99 35.65
C HIS B 140 13.43 -3.19 36.40
N PRO B 141 14.67 -3.61 36.10
CA PRO B 141 15.22 -4.80 36.71
C PRO B 141 15.66 -4.55 38.14
N THR B 142 15.25 -5.44 39.05
CA THR B 142 15.72 -5.42 40.43
C THR B 142 16.90 -6.39 40.53
N ASN B 143 16.60 -7.66 40.25
CA ASN B 143 17.55 -8.77 40.32
C ASN B 143 18.79 -8.61 39.44
N GLY B 144 18.94 -7.42 38.83
CA GLY B 144 20.09 -7.09 37.97
C GLY B 144 20.04 -7.71 36.58
N GLY B 145 20.99 -7.32 35.72
CA GLY B 145 21.09 -7.88 34.37
C GLY B 145 19.79 -7.66 33.64
N PRO B 146 19.75 -7.94 32.33
CA PRO B 146 18.61 -7.50 31.48
C PRO B 146 17.37 -8.30 31.81
N LEU B 147 16.20 -7.67 31.71
CA LEU B 147 14.95 -8.41 31.74
C LEU B 147 14.71 -9.11 30.39
N ARG B 148 13.74 -10.02 30.41
CA ARG B 148 13.44 -10.82 29.25
C ARG B 148 11.94 -11.07 29.19
N THR B 149 11.37 -10.97 27.98
CA THR B 149 9.95 -11.21 27.75
C THR B 149 9.72 -12.63 27.25
N GLN B 150 8.45 -13.02 27.20
CA GLN B 150 8.09 -14.35 26.73
C GLN B 150 8.54 -14.65 25.34
N ALA B 151 8.73 -13.61 24.51
CA ALA B 151 9.08 -13.80 23.12
C ALA B 151 8.00 -14.66 22.44
N SER B 152 6.76 -14.38 22.81
CA SER B 152 5.61 -15.14 22.45
C SER B 152 4.45 -14.26 22.83
N SER B 153 3.32 -14.44 22.15
CA SER B 153 2.07 -13.82 22.52
C SER B 153 1.77 -13.96 24.02
N CYS B 154 1.43 -12.84 24.67
CA CYS B 154 0.90 -12.87 26.02
C CYS B 154 -0.59 -13.17 25.92
N ILE B 155 -1.26 -13.31 27.05
CA ILE B 155 -2.65 -13.74 27.04
C ILE B 155 -3.59 -12.68 27.55
N CYS B 156 -4.56 -12.28 26.73
CA CYS B 156 -5.57 -11.33 27.18
C CYS B 156 -6.89 -12.06 27.27
N ASN B 157 -7.62 -11.77 28.34
CA ASN B 157 -8.95 -12.29 28.53
C ASN B 157 -9.73 -11.31 29.39
N ASP B 158 -10.83 -10.80 28.86
CA ASP B 158 -11.69 -9.84 29.58
C ASP B 158 -10.97 -8.54 29.90
N GLY B 159 -10.10 -8.10 28.99
CA GLY B 159 -9.56 -6.75 29.06
C GLY B 159 -8.35 -6.57 29.95
N THR B 160 -8.01 -7.62 30.71
CA THR B 160 -6.75 -7.69 31.46
C THR B 160 -5.80 -8.68 30.76
N CYS B 161 -4.50 -8.38 30.70
CA CYS B 161 -3.56 -9.25 30.01
C CYS B 161 -2.52 -9.73 30.99
N TYR B 162 -2.02 -10.93 30.78
CA TYR B 162 -1.05 -11.57 31.68
C TYR B 162 0.21 -11.88 30.91
N THR B 163 1.35 -11.52 31.46
CA THR B 163 2.61 -11.87 30.83
C THR B 163 3.65 -12.24 31.88
N ILE B 164 4.69 -12.96 31.44
CA ILE B 164 5.74 -13.42 32.35
C ILE B 164 7.09 -12.81 32.00
N ILE B 165 7.72 -12.21 33.02
CA ILE B 165 8.99 -11.52 32.86
C ILE B 165 10.11 -12.10 33.72
N ALA B 166 11.23 -12.34 33.04
CA ALA B 166 12.42 -12.92 33.64
C ALA B 166 13.49 -11.88 33.97
N ASP B 167 14.12 -12.08 35.12
CA ASP B 167 15.21 -11.23 35.60
C ASP B 167 16.44 -12.09 35.99
N GLY B 168 17.63 -11.52 35.95
CA GLY B 168 18.78 -12.22 36.50
C GLY B 168 19.96 -12.38 35.56
N THR B 169 21.14 -12.49 36.17
CA THR B 169 22.42 -12.50 35.48
C THR B 169 22.58 -13.78 34.67
N THR B 170 22.21 -14.90 35.29
CA THR B 170 22.36 -16.20 34.67
C THR B 170 21.23 -17.13 35.09
N TYR B 171 21.13 -18.27 34.39
CA TYR B 171 19.95 -19.14 34.48
C TYR B 171 19.91 -19.95 35.74
N THR B 172 21.09 -20.19 36.26
CA THR B 172 21.26 -20.69 37.60
C THR B 172 20.55 -19.76 38.62
N ALA B 173 20.54 -18.46 38.32
CA ALA B 173 20.11 -17.41 39.25
C ALA B 173 18.86 -16.64 38.83
N SER B 174 18.09 -17.15 37.89
CA SER B 174 16.95 -16.41 37.37
C SER B 174 15.78 -16.23 38.36
N SER B 175 15.00 -15.18 38.12
CA SER B 175 13.81 -14.86 38.89
C SER B 175 12.71 -14.57 37.90
N HIS B 176 11.48 -14.96 38.20
CA HIS B 176 10.36 -14.75 37.26
C HIS B 176 9.16 -14.21 37.91
N ARG B 177 8.68 -13.10 37.37
CA ARG B 177 7.42 -12.57 37.87
C ARG B 177 6.34 -12.68 36.80
N LEU B 178 5.14 -12.90 37.30
CA LEU B 178 3.98 -12.98 36.47
C LEU B 178 3.28 -11.64 36.63
N TYR B 179 3.24 -10.86 35.54
CA TYR B 179 2.61 -9.52 35.54
C TYR B 179 1.20 -9.50 35.05
N ARG B 180 0.41 -8.60 35.59
CA ARG B 180 -0.95 -8.36 35.11
C ARG B 180 -1.00 -6.97 34.58
N LEU B 181 -1.53 -6.81 33.37
CA LEU B 181 -1.63 -5.47 32.76
C LEU B 181 -3.05 -5.13 32.40
N VAL B 182 -3.41 -3.85 32.48
CA VAL B 182 -4.72 -3.34 32.04
C VAL B 182 -4.56 -2.04 31.28
N ASN B 183 -5.16 -1.96 30.09
CA ASN B 183 -5.07 -0.77 29.24
C ASN B 183 -3.62 -0.23 29.22
N GLY B 184 -2.66 -1.14 29.38
CA GLY B 184 -1.26 -0.82 29.19
C GLY B 184 -0.46 -0.48 30.44
N THR B 185 -1.15 -0.40 31.57
CA THR B 185 -0.47 -0.13 32.83
C THR B 185 -0.45 -1.38 33.69
N SER B 186 0.60 -1.56 34.49
CA SER B 186 0.70 -2.78 35.29
C SER B 186 -0.30 -2.68 36.41
N ALA B 187 -1.06 -3.76 36.61
CA ALA B 187 -2.05 -3.82 37.66
C ALA B 187 -1.57 -4.84 38.65
N GLY B 188 -0.28 -4.84 38.91
CA GLY B 188 0.28 -5.74 39.91
C GLY B 188 0.94 -6.99 39.35
N TRP B 189 1.62 -7.72 40.22
CA TRP B 189 2.31 -8.94 39.82
C TRP B 189 2.50 -9.90 40.96
N LYS B 190 3.00 -11.10 40.64
CA LYS B 190 3.32 -12.10 41.63
C LYS B 190 4.66 -12.73 41.29
N ALA B 191 5.50 -12.93 42.31
CA ALA B 191 6.74 -13.69 42.12
C ALA B 191 6.38 -15.14 41.97
N LEU B 192 6.95 -15.76 40.97
CA LEU B 192 6.78 -17.19 40.78
C LEU B 192 7.96 -17.85 41.46
N ASP B 193 7.69 -18.92 42.22
CA ASP B 193 8.73 -19.70 42.91
C ASP B 193 9.39 -20.68 41.94
N THR B 194 10.60 -20.32 41.55
CA THR B 194 11.30 -21.03 40.49
C THR B 194 12.43 -21.89 41.07
N THR B 195 12.76 -21.64 42.33
CA THR B 195 14.03 -22.12 42.91
C THR B 195 14.31 -23.54 42.56
N GLY B 196 15.55 -23.76 42.15
CA GLY B 196 16.01 -25.08 41.80
C GLY B 196 15.90 -25.37 40.33
N PHE B 197 15.11 -24.57 39.62
CA PHE B 197 15.07 -24.71 38.17
C PHE B 197 15.01 -23.36 37.45
N ASN B 198 14.74 -23.41 36.14
CA ASN B 198 14.68 -22.20 35.33
C ASN B 198 13.57 -22.26 34.28
N PHE B 199 12.95 -21.11 33.95
CA PHE B 199 11.66 -21.08 33.22
C PHE B 199 11.63 -19.92 32.25
N GLU B 200 12.06 -20.16 31.04
CA GLU B 200 12.27 -19.06 30.11
C GLU B 200 11.42 -19.19 28.88
N PHE B 201 11.07 -18.04 28.31
CA PHE B 201 10.31 -18.01 27.06
C PHE B 201 9.04 -18.84 27.15
N PRO B 202 8.23 -18.64 28.22
CA PRO B 202 6.95 -19.37 28.30
C PRO B 202 6.08 -19.09 27.10
N THR B 203 5.34 -20.09 26.67
CA THR B 203 4.43 -19.98 25.55
C THR B 203 3.09 -20.56 26.03
N CYS B 204 2.04 -19.78 25.83
CA CYS B 204 0.86 -19.94 26.67
C CYS B 204 -0.44 -20.00 25.88
N TYR B 205 -1.42 -20.66 26.48
CA TYR B 205 -2.79 -20.58 26.00
C TYR B 205 -3.75 -20.58 27.18
N TYR B 206 -5.04 -20.47 26.87
CA TYR B 206 -6.07 -20.36 27.90
C TYR B 206 -7.15 -21.37 27.67
N THR B 207 -7.51 -22.06 28.76
CA THR B 207 -8.64 -22.96 28.75
C THR B 207 -9.16 -23.21 30.15
N SER B 208 -10.48 -23.42 30.25
CA SER B 208 -11.10 -23.89 31.48
C SER B 208 -10.68 -23.00 32.66
N GLY B 209 -10.77 -21.70 32.45
CA GLY B 209 -10.47 -20.74 33.49
C GLY B 209 -9.03 -20.67 33.98
N LYS B 210 -8.10 -21.29 33.24
CA LYS B 210 -6.70 -21.22 33.62
C LYS B 210 -5.81 -20.91 32.44
N VAL B 211 -4.76 -20.15 32.67
CA VAL B 211 -3.70 -20.03 31.65
C VAL B 211 -2.58 -21.07 31.83
N LYS B 212 -2.15 -21.65 30.74
CA LYS B 212 -1.25 -22.78 30.78
C LYS B 212 -0.05 -22.48 29.93
N CYS B 213 1.12 -22.46 30.55
CA CYS B 213 2.35 -22.05 29.88
C CYS B 213 3.45 -23.12 29.89
N THR B 214 4.09 -23.28 28.75
CA THR B 214 5.18 -24.20 28.61
C THR B 214 6.52 -23.48 28.55
N GLY B 215 7.27 -23.52 29.63
CA GLY B 215 8.56 -22.86 29.60
C GLY B 215 9.69 -23.72 29.04
N THR B 216 10.91 -23.19 29.12
CA THR B 216 12.10 -23.81 28.64
C THR B 216 13.18 -23.67 29.72
N ASN B 217 13.71 -24.81 30.18
CA ASN B 217 14.70 -24.79 31.25
C ASN B 217 16.08 -24.83 30.66
N LEU B 218 16.76 -23.68 30.71
CA LEU B 218 18.08 -23.58 30.10
C LEU B 218 19.21 -23.99 31.02
N TRP B 219 18.87 -24.46 32.22
CA TRP B 219 19.83 -24.78 33.25
C TRP B 219 19.98 -26.26 33.47
N ASN B 220 19.00 -26.87 34.13
CA ASN B 220 19.16 -28.20 34.69
C ASN B 220 18.14 -29.21 34.17
N ASP B 221 17.52 -28.92 33.03
CA ASP B 221 16.42 -29.74 32.57
C ASP B 221 16.28 -29.91 31.06
N ALA B 222 16.10 -31.16 30.63
CA ALA B 222 15.80 -31.52 29.23
C ALA B 222 14.31 -31.74 28.91
N LYS B 223 13.47 -31.66 29.94
CA LYS B 223 12.04 -31.60 29.77
C LYS B 223 11.61 -30.11 29.83
N ARG B 224 10.32 -29.86 29.77
CA ARG B 224 9.92 -28.46 29.79
C ARG B 224 9.04 -28.25 30.95
N PRO B 225 9.38 -27.27 31.78
CA PRO B 225 8.53 -26.93 32.91
C PRO B 225 7.17 -26.50 32.41
N PHE B 226 6.16 -26.69 33.23
CA PHE B 226 4.83 -26.31 32.84
C PHE B 226 4.19 -25.53 33.97
N LEU B 227 3.36 -24.55 33.60
CA LEU B 227 2.80 -23.59 34.53
C LEU B 227 1.29 -23.40 34.32
N GLU B 228 0.55 -23.39 35.43
CA GLU B 228 -0.87 -23.20 35.42
C GLU B 228 -1.07 -22.06 36.36
N PHE B 229 -1.85 -21.05 35.95
CA PHE B 229 -2.34 -20.01 36.86
C PHE B 229 -3.66 -19.45 36.41
N ASP B 230 -4.36 -18.81 37.33
CA ASP B 230 -5.69 -18.28 36.99
C ASP B 230 -5.71 -16.78 37.25
N GLN B 231 -6.90 -16.16 37.13
CA GLN B 231 -7.00 -14.71 37.25
C GLN B 231 -6.53 -14.19 38.61
N SER B 232 -6.69 -14.99 39.65
CA SER B 232 -6.29 -14.55 41.00
C SER B 232 -4.81 -14.76 41.31
N PHE B 233 -4.04 -15.13 40.29
CA PHE B 233 -2.61 -15.51 40.43
C PHE B 233 -2.29 -16.73 41.30
N THR B 234 -3.27 -17.56 41.63
CA THR B 234 -2.94 -18.85 42.25
C THR B 234 -2.37 -19.72 41.12
N TYR B 235 -1.22 -20.31 41.38
CA TYR B 235 -0.45 -20.96 40.32
C TYR B 235 0.24 -22.19 40.85
N THR B 236 0.38 -23.19 39.99
CA THR B 236 1.25 -24.34 40.31
C THR B 236 2.17 -24.69 39.13
N PHE B 237 3.39 -25.11 39.45
CA PHE B 237 4.27 -25.64 38.44
C PHE B 237 4.09 -27.16 38.40
N LYS B 238 4.01 -27.69 37.19
CA LYS B 238 3.92 -29.11 36.99
C LYS B 238 5.12 -29.47 36.15
N GLU B 239 5.59 -30.70 36.29
CA GLU B 239 6.63 -31.24 35.43
C GLU B 239 6.06 -32.46 34.74
N PRO B 240 6.15 -32.50 33.41
CA PRO B 240 5.62 -33.61 32.63
C PRO B 240 6.35 -34.91 32.91
N CYS B 241 5.57 -36.00 33.04
CA CYS B 241 6.05 -37.29 33.48
C CYS B 241 6.15 -38.21 32.29
N LEU B 242 6.88 -37.81 31.25
CA LEU B 242 6.91 -38.62 30.03
C LEU B 242 8.29 -38.64 29.45
N GLY B 243 8.70 -39.82 28.98
CA GLY B 243 10.05 -40.05 28.43
C GLY B 243 10.36 -39.31 27.15
N PHE B 244 9.36 -38.58 26.65
CA PHE B 244 9.46 -37.75 25.43
C PHE B 244 10.00 -36.38 25.81
N LEU B 245 11.24 -36.14 25.44
CA LEU B 245 11.94 -34.97 25.91
C LEU B 245 11.68 -33.86 24.94
N GLY B 246 11.12 -32.76 25.44
CA GLY B 246 10.74 -31.60 24.61
C GLY B 246 11.89 -30.72 24.13
N ASP B 247 12.81 -30.46 25.05
CA ASP B 247 13.85 -29.43 24.90
C ASP B 247 14.87 -29.87 23.88
N THR B 248 15.84 -28.98 23.61
CA THR B 248 16.93 -29.16 22.63
C THR B 248 18.10 -28.25 23.01
N PRO B 249 19.30 -28.83 23.22
CA PRO B 249 19.53 -30.22 22.96
C PRO B 249 19.06 -31.06 24.14
N ARG B 250 19.18 -32.37 23.94
CA ARG B 250 18.71 -33.38 24.86
C ARG B 250 19.43 -34.68 24.54
N GLY B 251 19.34 -35.63 25.47
CA GLY B 251 20.19 -36.78 25.38
C GLY B 251 19.56 -37.85 24.54
N ILE B 252 18.46 -38.38 25.05
CA ILE B 252 17.93 -39.66 24.67
C ILE B 252 16.63 -39.85 25.41
N ASP B 253 15.74 -40.63 24.83
CA ASP B 253 14.41 -40.78 25.43
C ASP B 253 14.51 -41.72 26.62
N THR B 254 13.71 -41.45 27.64
CA THR B 254 13.83 -42.16 28.92
C THR B 254 12.58 -42.95 29.25
N THR B 255 12.56 -43.58 30.43
CA THR B 255 11.32 -44.14 30.95
C THR B 255 10.52 -42.96 31.49
N ASN B 256 9.27 -43.17 31.84
CA ASN B 256 8.47 -42.07 32.39
C ASN B 256 8.64 -41.90 33.86
N TYR B 257 8.90 -40.67 34.31
CA TYR B 257 8.95 -40.37 35.77
C TYR B 257 8.67 -38.91 36.02
N CYS B 258 8.20 -38.59 37.22
CA CYS B 258 7.73 -37.24 37.53
C CYS B 258 8.82 -36.30 38.05
N ASP B 259 10.05 -36.77 38.05
CA ASP B 259 11.18 -35.90 38.32
C ASP B 259 11.61 -35.16 37.02
N LYS B 260 12.67 -34.39 37.12
CA LYS B 260 13.21 -33.62 36.01
C LYS B 260 14.51 -34.22 35.44
N THR B 261 14.61 -34.28 34.11
CA THR B 261 15.73 -34.95 33.43
C THR B 261 17.01 -34.13 33.29
N THR B 262 17.98 -34.39 34.16
CA THR B 262 19.11 -33.47 34.31
C THR B 262 20.18 -33.65 33.22
N THR B 263 20.07 -34.73 32.46
CA THR B 263 21.12 -35.09 31.52
C THR B 263 20.96 -34.30 30.26
N GLU B 264 22.03 -33.60 29.90
CA GLU B 264 21.99 -32.62 28.80
C GLU B 264 20.89 -31.55 29.03
N GLY B 265 20.68 -31.22 30.29
CA GLY B 265 19.63 -30.29 30.73
C GLY B 265 19.96 -28.86 30.39
N GLU B 266 21.24 -28.60 30.19
CA GLU B 266 21.70 -27.26 29.89
C GLU B 266 21.62 -26.91 28.42
N GLY B 267 21.35 -25.63 28.21
CA GLY B 267 21.00 -25.12 26.91
C GLY B 267 19.52 -25.30 26.77
N GLY B 268 18.98 -24.79 25.67
CA GLY B 268 17.55 -24.95 25.37
C GLY B 268 17.09 -23.99 24.31
N ILE B 269 15.87 -24.21 23.84
CA ILE B 269 15.26 -23.32 22.90
C ILE B 269 13.74 -23.37 23.11
N GLN B 270 13.09 -22.24 22.81
CA GLN B 270 11.68 -22.06 23.05
C GLN B 270 10.85 -23.12 22.34
N GLY B 271 9.94 -23.72 23.09
CA GLY B 271 8.97 -24.67 22.55
C GLY B 271 7.77 -24.89 23.44
N PHE B 272 6.82 -25.70 22.95
CA PHE B 272 5.56 -25.86 23.65
C PHE B 272 5.17 -27.29 23.97
N MET B 273 4.12 -27.39 24.80
CA MET B 273 3.36 -28.59 25.07
C MET B 273 1.92 -28.16 25.21
N ILE B 274 1.01 -29.01 24.82
CA ILE B 274 -0.39 -28.73 25.02
C ILE B 274 -0.98 -29.76 26.01
N GLU B 275 -1.74 -29.28 26.97
CA GLU B 275 -2.43 -30.19 27.88
C GLU B 275 -3.92 -30.15 27.57
N GLY B 276 -4.53 -31.31 27.38
CA GLY B 276 -5.98 -31.39 27.10
C GLY B 276 -6.54 -32.79 27.22
N SER B 277 -7.68 -33.03 26.57
CA SER B 277 -8.24 -34.38 26.47
C SER B 277 -7.17 -35.23 25.79
N ASN B 278 -6.88 -34.85 24.55
CA ASN B 278 -5.65 -35.23 23.90
C ASN B 278 -4.57 -34.28 24.34
N SER B 279 -3.37 -34.78 24.61
CA SER B 279 -2.23 -33.91 24.89
C SER B 279 -1.13 -34.02 23.82
N TRP B 280 -0.38 -32.94 23.61
CA TRP B 280 0.67 -32.89 22.58
C TRP B 280 2.01 -32.43 23.05
N ILE B 281 3.06 -33.08 22.57
CA ILE B 281 4.41 -32.52 22.64
C ILE B 281 5.02 -32.36 21.26
N GLY B 282 5.43 -31.14 20.93
CA GLY B 282 6.17 -30.87 19.70
C GLY B 282 7.65 -30.80 20.00
N ARG B 283 8.48 -31.13 19.04
CA ARG B 283 9.91 -31.07 19.26
C ARG B 283 10.72 -31.14 18.00
N ILE B 284 11.95 -30.65 18.09
CA ILE B 284 12.91 -30.73 17.00
C ILE B 284 13.38 -32.17 16.96
N ILE B 285 13.38 -32.70 15.75
CA ILE B 285 13.62 -34.12 15.55
C ILE B 285 15.06 -34.50 15.79
N ASN B 286 15.99 -33.78 15.17
CA ASN B 286 17.39 -34.13 15.23
C ASN B 286 18.19 -33.04 15.90
N PRO B 287 18.36 -33.16 17.23
CA PRO B 287 18.94 -32.09 18.05
C PRO B 287 20.35 -31.68 17.62
N GLY B 288 21.08 -32.61 16.98
CA GLY B 288 22.41 -32.29 16.45
C GLY B 288 22.31 -31.25 15.37
N SER B 289 21.72 -31.65 14.24
CA SER B 289 21.57 -30.78 13.09
C SER B 289 20.45 -29.74 13.16
N LYS B 290 19.60 -29.86 14.16
CA LYS B 290 18.42 -29.00 14.33
C LYS B 290 17.43 -29.15 13.18
N LYS B 291 17.48 -30.31 12.50
CA LYS B 291 16.62 -30.61 11.35
C LYS B 291 15.31 -31.28 11.77
N GLY B 292 14.21 -30.82 11.16
CA GLY B 292 12.93 -31.51 11.38
C GLY B 292 12.16 -31.19 12.65
N PHE B 293 10.85 -31.26 12.54
CA PHE B 293 9.99 -31.00 13.65
C PHE B 293 8.91 -32.06 13.65
N GLU B 294 8.74 -32.69 14.82
CA GLU B 294 7.71 -33.69 15.03
C GLU B 294 6.83 -33.31 16.20
N ILE B 295 5.55 -33.65 16.12
CA ILE B 295 4.62 -33.43 17.23
C ILE B 295 3.95 -34.72 17.51
N TYR B 296 3.64 -34.93 18.77
CA TYR B 296 3.41 -36.27 19.22
C TYR B 296 2.21 -36.31 20.20
N LYS B 297 1.30 -37.24 20.00
CA LYS B 297 -0.03 -37.20 20.62
C LYS B 297 -0.11 -38.14 21.79
N PHE B 298 -0.84 -37.75 22.81
CA PHE B 298 -0.99 -38.56 24.02
C PHE B 298 -2.40 -38.59 24.50
N LEU B 299 -2.88 -39.76 24.90
CA LEU B 299 -4.19 -39.83 25.53
C LEU B 299 -4.03 -39.39 26.97
N GLY B 300 -4.87 -38.44 27.36
CA GLY B 300 -4.87 -37.93 28.73
C GLY B 300 -3.68 -37.06 29.07
N THR B 301 -3.46 -36.81 30.36
CA THR B 301 -2.53 -35.80 30.82
C THR B 301 -1.06 -36.15 30.58
N LEU B 302 -0.24 -35.12 30.50
CA LEU B 302 1.19 -35.25 30.42
C LEU B 302 1.77 -35.46 31.80
N PHE B 303 0.91 -35.39 32.82
CA PHE B 303 1.36 -35.35 34.20
C PHE B 303 1.11 -36.63 34.98
N SER B 304 0.59 -37.62 34.29
CA SER B 304 0.54 -38.96 34.80
C SER B 304 1.63 -39.80 34.16
N VAL B 305 2.27 -40.64 34.96
CA VAL B 305 3.28 -41.57 34.45
C VAL B 305 2.60 -42.71 33.66
N GLN B 306 1.27 -42.75 33.75
CA GLN B 306 0.45 -43.82 33.22
C GLN B 306 0.23 -43.71 31.71
N THR B 307 0.44 -42.51 31.18
CA THR B 307 -0.14 -42.15 29.90
C THR B 307 0.75 -42.53 28.73
N VAL B 308 0.09 -42.75 27.60
CA VAL B 308 0.60 -43.58 26.51
C VAL B 308 0.77 -42.71 25.26
N GLY B 309 1.95 -42.79 24.63
CA GLY B 309 2.11 -42.26 23.27
C GLY B 309 1.15 -42.91 22.28
N ASN B 310 0.62 -42.14 21.34
CA ASN B 310 -0.40 -42.68 20.49
C ASN B 310 0.01 -42.47 19.07
N ARG B 311 0.32 -41.24 18.72
CA ARG B 311 0.49 -40.93 17.31
C ARG B 311 1.59 -39.92 17.21
N ASN B 312 2.52 -40.17 16.31
CA ASN B 312 3.57 -39.22 16.02
C ASN B 312 3.48 -38.70 14.60
N TYR B 313 3.28 -37.40 14.49
CA TYR B 313 3.28 -36.73 13.21
C TYR B 313 4.62 -36.08 12.98
N GLN B 314 5.30 -36.45 11.88
CA GLN B 314 6.51 -35.75 11.46
C GLN B 314 6.19 -34.65 10.50
N LEU B 315 6.03 -33.43 11.00
CA LEU B 315 5.51 -32.35 10.17
C LEU B 315 6.57 -31.82 9.21
N LEU B 316 7.80 -31.64 9.71
CA LEU B 316 8.86 -31.07 8.88
C LEU B 316 10.08 -31.97 8.97
N SER B 317 10.74 -32.16 7.83
CA SER B 317 11.89 -33.05 7.73
C SER B 317 13.11 -32.34 7.19
N ASN B 318 12.93 -31.64 6.07
CA ASN B 318 14.04 -31.00 5.37
C ASN B 318 14.48 -29.63 5.87
N SER B 319 13.82 -29.09 6.88
CA SER B 319 14.02 -27.68 7.31
C SER B 319 14.74 -27.55 8.64
N THR B 320 15.65 -26.60 8.71
CA THR B 320 16.35 -26.31 9.95
C THR B 320 15.49 -25.46 10.91
N ILE B 321 15.18 -26.08 12.04
CA ILE B 321 14.23 -25.54 12.99
C ILE B 321 14.84 -24.84 14.21
N GLY B 322 14.02 -23.98 14.82
CA GLY B 322 14.40 -23.15 15.94
C GLY B 322 13.27 -23.03 16.94
N ARG B 323 12.78 -21.81 17.10
CA ARG B 323 11.78 -21.61 18.13
C ARG B 323 10.44 -22.10 17.60
N SER B 324 9.55 -22.45 18.52
CA SER B 324 8.17 -22.85 18.21
C SER B 324 7.31 -22.32 19.35
N GLY B 325 6.06 -21.94 19.07
CA GLY B 325 5.21 -21.34 20.09
C GLY B 325 3.76 -21.47 19.75
N LEU B 326 2.88 -21.29 20.72
CA LEU B 326 1.46 -21.34 20.45
C LEU B 326 0.85 -19.97 20.21
N TYR B 327 -0.40 -19.98 19.76
CA TYR B 327 -1.24 -18.77 19.72
C TYR B 327 -2.67 -19.15 19.49
N GLN B 328 -3.59 -18.36 20.05
CA GLN B 328 -5.01 -18.64 19.87
C GLN B 328 -5.62 -17.53 19.07
N PRO B 329 -6.11 -17.87 17.89
CA PRO B 329 -6.91 -16.94 17.10
C PRO B 329 -8.29 -16.78 17.73
N ALA B 330 -8.89 -15.60 17.60
CA ALA B 330 -10.19 -15.32 18.21
C ALA B 330 -11.24 -14.98 17.17
N TYR B 331 -12.33 -15.76 17.16
CA TYR B 331 -13.53 -15.47 16.35
C TYR B 331 -14.77 -15.86 17.15
N GLU B 332 -15.93 -15.59 16.57
CA GLU B 332 -17.18 -16.10 17.11
C GLU B 332 -17.13 -17.62 17.06
N SER B 333 -16.77 -18.16 15.90
CA SER B 333 -16.68 -19.61 15.67
C SER B 333 -17.80 -20.33 16.42
N ARG B 334 -17.43 -21.05 17.48
CA ARG B 334 -18.41 -21.67 18.37
C ARG B 334 -17.83 -21.88 19.76
N ASP B 335 -18.54 -22.66 20.59
CA ASP B 335 -18.10 -22.99 21.95
C ASP B 335 -16.62 -23.38 21.99
N CYS B 336 -16.13 -23.81 20.84
CA CYS B 336 -14.79 -24.31 20.64
C CYS B 336 -13.74 -23.20 20.53
N GLN B 337 -12.73 -23.24 21.39
CA GLN B 337 -11.56 -22.35 21.25
C GLN B 337 -10.44 -22.94 20.38
N GLU B 338 -10.21 -22.33 19.22
CA GLU B 338 -9.18 -22.79 18.30
C GLU B 338 -7.77 -22.62 18.89
N LEU B 339 -6.86 -23.52 18.53
CA LEU B 339 -5.46 -23.50 19.00
C LEU B 339 -4.45 -23.79 17.87
N CYS B 340 -3.50 -22.89 17.66
CA CYS B 340 -2.55 -22.97 16.54
C CYS B 340 -1.16 -22.81 17.10
N PHE B 341 -0.17 -23.18 16.33
CA PHE B 341 1.19 -22.88 16.74
C PHE B 341 2.05 -22.57 15.54
N TRP B 342 3.14 -21.85 15.79
CA TRP B 342 4.09 -21.42 14.77
C TRP B 342 5.44 -22.03 15.04
N ILE B 343 6.23 -22.09 13.98
CA ILE B 343 7.55 -22.61 14.05
C ILE B 343 8.41 -21.74 13.19
N GLU B 344 9.53 -21.32 13.75
CA GLU B 344 10.47 -20.44 13.08
C GLU B 344 11.55 -21.29 12.41
N ILE B 345 11.91 -20.88 11.23
CA ILE B 345 12.71 -21.71 10.37
C ILE B 345 13.85 -20.90 9.81
N ALA B 346 15.06 -21.42 9.87
CA ALA B 346 16.20 -20.76 9.21
C ALA B 346 15.92 -20.44 7.72
N ALA B 347 16.25 -19.25 7.27
CA ALA B 347 16.18 -18.90 5.86
C ALA B 347 17.56 -18.41 5.44
N THR B 348 17.64 -17.89 4.23
CA THR B 348 18.81 -17.14 3.77
C THR B 348 18.33 -16.12 2.76
N THR B 349 18.96 -14.96 2.75
CA THR B 349 18.71 -13.96 1.73
C THR B 349 19.28 -14.43 0.40
N LYS B 350 18.81 -13.83 -0.70
CA LYS B 350 19.32 -14.08 -2.04
C LYS B 350 20.85 -14.15 -2.09
N ALA B 351 21.53 -13.48 -1.16
CA ALA B 351 22.97 -13.60 -1.06
C ALA B 351 23.44 -13.69 0.39
N GLY B 352 23.46 -14.90 0.96
CA GLY B 352 23.92 -15.14 2.36
C GLY B 352 22.91 -14.63 3.36
N LEU B 353 23.30 -14.50 4.63
CA LEU B 353 22.44 -13.88 5.69
C LEU B 353 21.38 -14.84 6.22
N SER B 354 21.09 -14.78 7.52
CA SER B 354 20.28 -15.80 8.15
C SER B 354 19.00 -15.23 8.72
N SER B 355 18.15 -14.69 7.86
CA SER B 355 16.82 -14.36 8.32
C SER B 355 16.09 -15.68 8.70
N ASN B 356 15.06 -15.57 9.51
CA ASN B 356 14.18 -16.68 9.79
C ASN B 356 12.80 -16.44 9.18
N ASP B 357 12.10 -17.50 8.77
CA ASP B 357 10.67 -17.39 8.44
C ASP B 357 9.73 -18.27 9.30
N LEU B 358 8.44 -18.11 9.06
CA LEU B 358 7.43 -18.76 9.86
C LEU B 358 6.63 -19.74 9.04
N ILE B 359 6.22 -20.79 9.75
CA ILE B 359 5.16 -21.65 9.29
C ILE B 359 4.23 -21.89 10.46
N THR B 360 2.94 -21.88 10.20
CA THR B 360 1.97 -21.97 11.27
C THR B 360 1.04 -23.13 10.93
N PHE B 361 0.69 -23.88 11.98
CA PHE B 361 -0.26 -24.96 11.90
C PHE B 361 -1.46 -24.74 12.80
N CYS B 362 -2.64 -25.11 12.30
CA CYS B 362 -3.84 -25.08 13.12
C CYS B 362 -4.37 -26.48 13.32
N GLY B 363 -4.98 -26.68 14.48
CA GLY B 363 -5.56 -27.96 14.80
C GLY B 363 -6.87 -28.22 14.11
N THR B 364 -7.03 -29.46 13.65
CA THR B 364 -8.34 -29.97 13.21
C THR B 364 -8.80 -31.14 14.10
N GLY B 365 -10.11 -31.32 14.15
CA GLY B 365 -10.75 -32.35 14.95
C GLY B 365 -10.54 -33.69 14.31
N GLY B 366 -10.42 -33.68 12.98
CA GLY B 366 -10.17 -34.90 12.20
C GLY B 366 -8.75 -35.43 12.33
N SER B 367 -8.59 -36.74 12.22
CA SER B 367 -7.26 -37.29 12.09
C SER B 367 -6.73 -36.90 10.71
N MET B 368 -5.40 -36.86 10.59
CA MET B 368 -4.78 -36.43 9.34
C MET B 368 -3.78 -37.45 8.87
N PRO B 369 -3.55 -37.50 7.55
CA PRO B 369 -2.54 -38.38 7.01
C PRO B 369 -1.10 -37.88 7.31
N ASP B 370 -0.13 -38.77 7.13
CA ASP B 370 1.24 -38.40 7.26
C ASP B 370 1.66 -37.47 6.12
N VAL B 371 2.20 -36.32 6.48
CA VAL B 371 2.71 -35.38 5.49
C VAL B 371 4.01 -34.70 5.94
N ASN B 372 4.97 -34.61 5.01
CA ASN B 372 6.15 -33.80 5.19
C ASN B 372 5.98 -32.48 4.43
N TRP B 373 5.72 -31.39 5.14
CA TRP B 373 5.54 -30.07 4.52
C TRP B 373 6.80 -29.34 4.08
N ALA C 11 -16.12 14.29 13.38
CA ALA C 11 -14.88 14.99 13.80
C ALA C 11 -15.12 16.18 14.73
N THR C 12 -14.21 16.38 15.67
CA THR C 12 -14.33 17.37 16.74
C THR C 12 -13.05 18.23 16.81
N PRO C 13 -13.21 19.55 16.99
CA PRO C 13 -12.07 20.43 17.15
C PRO C 13 -11.08 19.86 18.15
N LEU C 14 -9.82 19.77 17.74
CA LEU C 14 -8.75 19.30 18.62
C LEU C 14 -8.62 20.20 19.83
N VAL C 15 -8.76 19.59 21.00
CA VAL C 15 -8.60 20.26 22.27
C VAL C 15 -7.40 19.63 22.97
N LEU C 16 -6.50 20.47 23.45
CA LEU C 16 -5.35 19.97 24.16
C LEU C 16 -5.57 20.08 25.65
N GLY C 17 -4.93 19.18 26.40
CA GLY C 17 -4.99 19.18 27.87
C GLY C 17 -4.39 20.42 28.51
N GLU C 18 -5.09 20.98 29.49
CA GLU C 18 -4.64 22.21 30.11
C GLU C 18 -3.41 21.97 30.99
N ASN C 19 -3.36 20.78 31.60
CA ASN C 19 -2.29 20.43 32.55
C ASN C 19 -1.33 19.42 31.98
N LEU C 20 -0.04 19.71 32.11
CA LEU C 20 1.00 18.86 31.54
C LEU C 20 1.33 17.67 32.42
N CYS C 21 1.62 16.55 31.79
CA CYS C 21 2.14 15.37 32.48
C CYS C 21 3.39 15.73 33.23
N SER C 22 3.58 15.16 34.42
CA SER C 22 4.87 15.29 35.13
C SER C 22 5.85 14.44 34.35
N ILE C 23 7.00 15.02 34.05
CA ILE C 23 8.01 14.30 33.29
C ILE C 23 9.22 14.20 34.18
N ASN C 24 9.68 12.97 34.39
CA ASN C 24 10.91 12.77 35.11
C ASN C 24 11.95 11.97 34.33
N GLY C 25 11.58 11.49 33.14
CA GLY C 25 12.52 10.76 32.31
C GLY C 25 12.06 10.70 30.89
N TRP C 26 12.82 10.03 30.03
CA TRP C 26 12.47 9.96 28.62
C TRP C 26 12.65 8.59 28.06
N VAL C 27 11.66 8.15 27.26
CA VAL C 27 11.83 6.90 26.55
C VAL C 27 11.54 7.12 25.08
N PRO C 28 12.36 6.47 24.22
CA PRO C 28 12.19 6.57 22.77
C PRO C 28 10.94 5.85 22.34
N THR C 29 10.16 6.48 21.48
CA THR C 29 8.94 5.85 20.96
C THR C 29 9.12 5.46 19.49
N TYR C 30 10.13 6.01 18.84
CA TYR C 30 10.37 5.70 17.45
C TYR C 30 11.79 6.03 17.07
N ARG C 31 12.30 5.31 16.09
CA ARG C 31 13.68 5.43 15.69
C ARG C 31 13.70 5.02 14.26
N GLY C 32 14.22 5.89 13.41
CA GLY C 32 14.36 5.57 12.00
C GLY C 32 15.42 4.53 11.77
N GLU C 33 15.37 3.86 10.62
CA GLU C 33 16.32 2.81 10.37
C GLU C 33 17.69 3.38 10.01
N GLY C 34 17.74 4.65 9.65
CA GLY C 34 19.01 5.30 9.35
C GLY C 34 19.77 5.75 10.58
N THR C 35 19.17 5.55 11.75
CA THR C 35 19.76 6.05 12.98
C THR C 35 20.74 5.03 13.47
N THR C 36 20.75 3.89 12.80
CA THR C 36 21.59 2.75 13.21
C THR C 36 22.40 2.21 12.03
N GLY C 37 21.71 1.69 11.03
CA GLY C 37 22.34 1.30 9.78
C GLY C 37 22.29 2.39 8.71
N LYS C 38 22.57 1.97 7.47
CA LYS C 38 22.55 2.86 6.32
C LYS C 38 21.17 2.85 5.67
N ILE C 39 20.88 3.89 4.90
CA ILE C 39 19.58 4.02 4.25
C ILE C 39 19.63 3.37 2.86
N PRO C 40 18.58 2.60 2.52
CA PRO C 40 18.35 2.04 1.17
C PRO C 40 18.21 3.12 0.10
N ASP C 41 18.86 2.90 -1.05
CA ASP C 41 18.99 3.95 -2.07
C ASP C 41 17.66 4.38 -2.66
N GLU C 42 16.66 3.51 -2.60
CA GLU C 42 15.34 3.81 -3.15
C GLU C 42 14.54 4.77 -2.31
N GLN C 43 14.91 4.93 -1.05
CA GLN C 43 14.21 5.89 -0.19
C GLN C 43 14.43 7.34 -0.65
N MET C 44 13.46 8.18 -0.34
CA MET C 44 13.54 9.60 -0.56
C MET C 44 14.57 10.17 0.46
N LEU C 45 15.43 11.08 0.00
CA LEU C 45 16.36 11.77 0.90
C LEU C 45 15.59 12.87 1.60
N THR C 46 15.71 12.98 2.91
CA THR C 46 14.89 13.95 3.64
C THR C 46 15.72 14.99 4.34
N ARG C 47 15.08 16.13 4.55
CA ARG C 47 15.69 17.18 5.33
C ARG C 47 14.59 17.96 5.98
N GLN C 48 14.91 18.61 7.08
CA GLN C 48 13.97 19.49 7.80
C GLN C 48 12.81 18.69 8.35
N ASN C 49 13.09 17.43 8.65
CA ASN C 49 12.15 16.57 9.38
C ASN C 49 11.52 17.20 10.61
N PHE C 50 10.21 17.01 10.74
CA PHE C 50 9.59 17.21 12.04
C PHE C 50 8.40 16.34 12.26
N VAL C 51 7.76 16.49 13.39
CA VAL C 51 6.63 15.61 13.69
C VAL C 51 5.53 16.49 14.16
N SER C 52 4.34 16.14 13.72
CA SER C 52 3.12 16.79 14.12
C SER C 52 2.03 15.73 14.29
N CYS C 53 1.20 15.87 15.30
CA CYS C 53 0.18 14.86 15.52
C CYS C 53 -1.24 15.33 15.23
N SER C 54 -2.06 14.43 14.67
CA SER C 54 -3.52 14.58 14.64
C SER C 54 -4.09 13.82 15.84
N ASP C 55 -5.42 13.72 15.88
CA ASP C 55 -6.08 13.01 16.98
C ASP C 55 -6.12 11.52 16.71
N LYS C 56 -5.71 11.19 15.50
CA LYS C 56 -5.78 9.85 14.94
C LYS C 56 -4.40 9.21 14.91
N GLU C 57 -3.37 10.01 14.70
CA GLU C 57 -2.02 9.50 14.40
C GLU C 57 -1.01 10.62 14.35
N CYS C 58 0.28 10.26 14.42
CA CYS C 58 1.37 11.22 14.30
C CYS C 58 2.03 11.09 12.96
N ARG C 59 2.34 12.22 12.32
CA ARG C 59 2.92 12.19 10.99
C ARG C 59 4.28 12.78 11.00
N ARG C 60 5.14 12.28 10.11
CA ARG C 60 6.46 12.85 9.98
C ARG C 60 6.52 13.71 8.72
N PHE C 61 6.72 15.01 8.85
CA PHE C 61 6.83 15.86 7.68
C PHE C 61 8.27 16.05 7.34
N PHE C 62 8.57 16.22 6.06
CA PHE C 62 9.93 16.57 5.72
C PHE C 62 10.01 17.24 4.34
N VAL C 63 11.22 17.65 3.96
CA VAL C 63 11.43 18.25 2.68
C VAL C 63 12.33 17.29 1.88
N SER C 64 11.93 16.98 0.64
CA SER C 64 12.65 16.04 -0.21
C SER C 64 13.89 16.65 -0.84
N MET C 65 14.92 15.83 -0.94
CA MET C 65 16.07 16.17 -1.76
C MET C 65 16.11 15.32 -3.06
N GLY C 66 15.08 14.51 -3.29
CA GLY C 66 15.10 13.58 -4.41
C GLY C 66 15.37 12.17 -3.91
N TYR C 67 15.25 11.19 -4.78
CA TYR C 67 15.51 9.82 -4.39
C TYR C 67 17.01 9.58 -4.34
N GLY C 68 17.44 8.69 -3.45
CA GLY C 68 18.86 8.42 -3.27
C GLY C 68 19.53 7.72 -4.43
N THR C 69 18.73 7.03 -5.23
CA THR C 69 19.23 6.30 -6.39
C THR C 69 19.37 7.18 -7.63
N THR C 70 18.52 8.18 -7.74
CA THR C 70 18.48 9.05 -8.91
C THR C 70 19.34 10.28 -8.68
N THR C 71 19.87 10.41 -7.45
CA THR C 71 20.69 11.55 -7.07
C THR C 71 22.16 11.16 -7.09
N ASN C 72 22.97 11.93 -7.82
CA ASN C 72 24.42 11.73 -7.84
C ASN C 72 25.11 12.67 -6.84
N PHE C 73 26.19 12.19 -6.20
CA PHE C 73 26.88 12.92 -5.14
C PHE C 73 27.45 14.27 -5.57
N ALA C 74 28.03 14.32 -6.77
CA ALA C 74 28.69 15.52 -7.31
C ALA C 74 27.76 16.74 -7.40
N ASP C 75 26.46 16.49 -7.56
CA ASP C 75 25.43 17.53 -7.51
C ASP C 75 25.23 18.04 -6.10
N LEU C 76 25.09 19.35 -5.99
CA LEU C 76 24.48 19.93 -4.82
C LEU C 76 23.07 20.26 -5.30
N ILE C 77 22.07 19.93 -4.50
CA ILE C 77 20.69 20.25 -4.85
C ILE C 77 20.18 21.51 -4.14
N VAL C 78 19.15 22.10 -4.74
CA VAL C 78 18.84 23.47 -4.53
C VAL C 78 17.38 23.65 -4.08
N SER C 79 17.13 24.64 -3.22
CA SER C 79 15.81 24.90 -2.63
C SER C 79 14.60 24.92 -3.60
N GLU C 80 14.82 25.40 -4.81
CA GLU C 80 13.74 25.53 -5.78
C GLU C 80 13.24 24.20 -6.27
N GLN C 81 14.03 23.16 -6.05
CA GLN C 81 13.69 21.83 -6.53
C GLN C 81 12.99 21.03 -5.47
N MET C 82 12.84 21.63 -4.29
CA MET C 82 12.41 20.89 -3.13
C MET C 82 10.89 20.92 -2.92
N ASN C 83 10.40 19.82 -2.39
CA ASN C 83 8.98 19.61 -2.18
C ASN C 83 8.72 19.11 -0.78
N VAL C 84 7.51 19.34 -0.28
CA VAL C 84 7.18 18.97 1.07
C VAL C 84 6.36 17.71 1.08
N TYR C 85 6.91 16.67 1.69
CA TYR C 85 6.21 15.39 1.88
C TYR C 85 5.81 15.09 3.30
N SER C 86 4.82 14.20 3.41
CA SER C 86 4.38 13.69 4.69
C SER C 86 4.45 12.16 4.66
N VAL C 87 4.50 11.52 5.81
CA VAL C 87 4.53 10.04 5.94
C VAL C 87 3.95 9.76 7.32
N LYS C 88 3.54 8.53 7.58
CA LYS C 88 3.01 8.24 8.94
C LYS C 88 4.18 7.95 9.84
N LEU C 89 4.20 8.53 11.07
CA LEU C 89 5.38 8.36 11.92
C LEU C 89 5.55 6.89 12.25
N GLY C 90 6.69 6.34 11.87
CA GLY C 90 6.90 4.91 12.00
C GLY C 90 7.00 4.20 10.67
N ASP C 91 6.59 4.90 9.62
CA ASP C 91 6.76 4.41 8.27
C ASP C 91 8.02 5.03 7.67
N PRO C 92 8.71 4.28 6.77
CA PRO C 92 9.92 4.79 6.16
C PRO C 92 9.55 5.55 4.90
N PRO C 93 10.36 6.56 4.52
CA PRO C 93 10.02 7.34 3.34
C PRO C 93 10.30 6.63 2.04
N THR C 94 9.62 5.51 1.82
CA THR C 94 9.63 4.85 0.52
C THR C 94 8.65 5.60 -0.37
N PRO C 95 8.83 5.49 -1.70
CA PRO C 95 7.99 6.18 -2.69
C PRO C 95 6.51 5.86 -2.55
N ASP C 96 6.22 4.63 -2.16
CA ASP C 96 4.86 4.20 -1.95
C ASP C 96 4.21 4.74 -0.67
N LYS C 97 5.02 5.08 0.34
CA LYS C 97 4.49 5.62 1.59
C LYS C 97 4.29 7.14 1.54
N LEU C 98 5.00 7.81 0.62
CA LEU C 98 5.03 9.28 0.61
C LEU C 98 3.70 9.87 0.29
N LYS C 99 3.41 10.98 0.92
CA LYS C 99 2.21 11.74 0.62
C LYS C 99 2.65 13.15 0.31
N PHE C 100 2.48 13.53 -0.95
CA PHE C 100 2.84 14.87 -1.38
C PHE C 100 1.99 15.87 -0.61
N GLU C 101 2.64 16.88 -0.05
CA GLU C 101 1.92 17.82 0.78
C GLU C 101 1.86 19.19 0.18
N ALA C 102 2.98 19.64 -0.38
CA ALA C 102 3.09 20.94 -1.11
C ALA C 102 4.48 21.15 -1.76
N VAL C 103 4.64 22.24 -2.52
CA VAL C 103 5.93 22.53 -3.16
C VAL C 103 6.55 23.58 -2.33
N GLY C 104 7.82 23.40 -1.97
CA GLY C 104 8.51 24.34 -1.09
C GLY C 104 9.72 23.72 -0.43
N TRP C 105 10.55 24.55 0.19
CA TRP C 105 11.81 24.09 0.76
C TRP C 105 11.74 24.22 2.23
N SER C 106 10.63 24.73 2.74
CA SER C 106 10.47 24.84 4.18
C SER C 106 8.99 24.83 4.57
N ALA C 107 8.68 24.08 5.62
CA ALA C 107 7.30 23.80 5.95
C ALA C 107 7.05 23.59 7.42
N SER C 108 5.83 23.89 7.82
CA SER C 108 5.33 23.63 9.15
C SER C 108 3.89 23.13 9.01
N SER C 109 3.41 22.40 10.02
CA SER C 109 2.05 21.86 9.91
C SER C 109 1.48 21.46 11.23
N CYS C 110 0.14 21.39 11.26
CA CYS C 110 -0.61 21.12 12.48
C CYS C 110 -2.01 20.75 12.08
N HIS C 111 -2.61 19.86 12.87
CA HIS C 111 -3.93 19.35 12.59
C HIS C 111 -4.94 19.90 13.54
N ASP C 112 -5.93 20.60 13.01
CA ASP C 112 -6.93 21.25 13.86
C ASP C 112 -8.07 20.36 14.39
N GLY C 113 -8.14 19.11 13.93
CA GLY C 113 -9.24 18.21 14.27
C GLY C 113 -10.14 17.89 13.08
N PHE C 114 -9.97 18.65 12.00
CA PHE C 114 -10.71 18.43 10.77
C PHE C 114 -9.80 18.08 9.62
N GLN C 115 -8.89 18.98 9.28
CA GLN C 115 -7.94 18.73 8.22
C GLN C 115 -6.53 19.06 8.70
N TRP C 116 -5.53 18.70 7.89
CA TRP C 116 -4.17 19.23 8.10
C TRP C 116 -3.96 20.60 7.48
N THR C 117 -3.37 21.46 8.28
CA THR C 117 -2.95 22.77 7.80
C THR C 117 -1.46 22.66 7.58
N VAL C 118 -1.03 23.05 6.38
CA VAL C 118 0.39 23.08 6.05
C VAL C 118 0.82 24.42 5.46
N LEU C 119 1.89 24.96 6.04
CA LEU C 119 2.51 26.18 5.54
C LEU C 119 3.83 25.86 4.84
N SER C 120 3.93 26.26 3.59
CA SER C 120 5.12 26.02 2.85
C SER C 120 5.69 27.30 2.27
N VAL C 121 7.01 27.32 2.11
CA VAL C 121 7.70 28.45 1.54
C VAL C 121 8.26 28.04 0.21
N ALA C 122 7.89 28.74 -0.87
CA ALA C 122 8.32 28.36 -2.22
C ALA C 122 8.67 29.52 -3.11
N GLY C 123 9.20 29.19 -4.30
CA GLY C 123 9.56 30.13 -5.37
C GLY C 123 10.26 31.43 -4.99
N ASP C 124 9.51 32.55 -5.11
CA ASP C 124 9.95 33.87 -4.68
C ASP C 124 10.51 33.83 -3.23
N GLY C 125 9.94 32.96 -2.40
CA GLY C 125 10.20 32.98 -0.98
C GLY C 125 8.94 33.35 -0.21
N PHE C 126 7.76 33.13 -0.80
CA PHE C 126 6.47 33.38 -0.13
C PHE C 126 5.91 32.10 0.49
N VAL C 127 4.81 32.26 1.21
CA VAL C 127 4.19 31.16 1.90
C VAL C 127 2.82 30.83 1.29
N SER C 128 2.69 29.59 0.84
CA SER C 128 1.38 28.98 0.60
C SER C 128 0.86 28.34 1.90
N ILE C 129 -0.44 28.45 2.10
CA ILE C 129 -1.08 27.82 3.24
C ILE C 129 -2.03 26.82 2.63
N LEU C 130 -1.84 25.53 2.91
CA LEU C 130 -2.85 24.59 2.44
C LEU C 130 -3.59 23.72 3.48
N TYR C 131 -4.92 23.76 3.37
CA TYR C 131 -5.79 23.12 4.31
C TYR C 131 -6.35 21.89 3.64
N GLY C 132 -5.97 20.74 4.16
CA GLY C 132 -6.48 19.49 3.63
C GLY C 132 -6.08 19.26 2.19
N GLY C 133 -4.87 19.68 1.84
CA GLY C 133 -4.34 19.43 0.49
C GLY C 133 -4.69 20.48 -0.57
N ILE C 134 -5.55 21.44 -0.23
CA ILE C 134 -5.89 22.48 -1.19
C ILE C 134 -5.43 23.87 -0.72
N ILE C 135 -5.06 24.72 -1.67
CA ILE C 135 -4.51 26.05 -1.35
C ILE C 135 -5.56 27.06 -0.95
N THR C 136 -5.58 27.40 0.32
CA THR C 136 -6.60 28.29 0.88
C THR C 136 -6.10 29.73 1.02
N ASP C 137 -4.79 29.93 1.07
CA ASP C 137 -4.21 31.25 1.35
C ASP C 137 -2.70 31.37 1.09
N THR C 138 -2.26 32.56 0.68
CA THR C 138 -0.83 32.86 0.51
C THR C 138 -0.44 34.08 1.35
N ILE C 139 0.82 34.08 1.79
CA ILE C 139 1.39 35.17 2.56
C ILE C 139 2.68 35.65 1.89
N HIS C 140 2.82 36.97 1.71
CA HIS C 140 3.95 37.53 0.98
C HIS C 140 4.84 38.38 1.85
N PRO C 141 6.15 38.41 1.53
CA PRO C 141 7.13 39.14 2.31
C PRO C 141 7.01 40.65 2.11
N THR C 142 7.01 41.38 3.21
CA THR C 142 7.07 42.84 3.19
C THR C 142 8.53 43.25 3.39
N ASN C 143 9.08 42.82 4.52
CA ASN C 143 10.42 43.15 4.97
C ASN C 143 11.53 42.54 4.08
N GLY C 144 11.15 42.11 2.88
CA GLY C 144 12.07 41.65 1.83
C GLY C 144 12.66 40.27 2.11
N GLY C 145 13.35 39.71 1.12
CA GLY C 145 14.03 38.43 1.31
C GLY C 145 13.04 37.37 1.73
N PRO C 146 13.45 36.09 1.76
CA PRO C 146 12.49 34.98 1.86
C PRO C 146 11.86 34.91 3.24
N LEU C 147 10.59 34.57 3.34
CA LEU C 147 10.01 34.23 4.63
C LEU C 147 10.51 32.86 5.11
N ARG C 148 10.19 32.57 6.36
CA ARG C 148 10.69 31.36 7.00
C ARG C 148 9.66 30.83 7.99
N THR C 149 9.36 29.53 7.94
CA THR C 149 8.37 28.91 8.83
C THR C 149 9.06 28.33 10.02
N GLN C 150 8.29 28.00 11.05
CA GLN C 150 8.85 27.33 12.22
C GLN C 150 9.68 26.07 11.95
N ALA C 151 9.41 25.38 10.86
CA ALA C 151 10.07 24.12 10.60
C ALA C 151 9.88 23.24 11.82
N SER C 152 8.64 23.19 12.29
CA SER C 152 8.25 22.47 13.48
C SER C 152 6.75 22.53 13.41
N SER C 153 6.10 21.58 14.05
CA SER C 153 4.65 21.62 14.23
C SER C 153 4.12 22.95 14.79
N CYS C 154 3.09 23.50 14.17
CA CYS C 154 2.41 24.67 14.69
C CYS C 154 1.38 24.15 15.67
N ILE C 155 0.66 25.04 16.35
CA ILE C 155 -0.18 24.63 17.47
C ILE C 155 -1.64 24.90 17.17
N CYS C 156 -2.44 23.87 17.25
CA CYS C 156 -3.87 24.08 17.05
C CYS C 156 -4.57 23.76 18.34
N ASN C 157 -5.56 24.58 18.64
CA ASN C 157 -6.36 24.44 19.84
C ASN C 157 -7.71 25.08 19.63
N ASP C 158 -8.75 24.25 19.63
CA ASP C 158 -10.11 24.72 19.46
C ASP C 158 -10.33 25.25 18.06
N GLY C 159 -9.70 24.62 17.08
CA GLY C 159 -10.03 24.91 15.68
C GLY C 159 -9.38 26.12 15.05
N THR C 160 -8.65 26.90 15.86
CA THR C 160 -7.74 27.94 15.34
C THR C 160 -6.29 27.48 15.52
N CYS C 161 -5.44 27.77 14.54
CA CYS C 161 -4.03 27.37 14.64
C CYS C 161 -3.11 28.56 14.71
N TYR C 162 -2.02 28.43 15.46
CA TYR C 162 -1.05 29.49 15.65
C TYR C 162 0.32 29.10 15.08
N THR C 163 0.91 29.99 14.31
CA THR C 163 2.26 29.76 13.83
C THR C 163 3.06 31.06 13.74
N ILE C 164 4.37 30.94 13.72
CA ILE C 164 5.25 32.09 13.70
C ILE C 164 6.04 32.18 12.42
N ILE C 165 5.99 33.33 11.77
CA ILE C 165 6.66 33.54 10.49
C ILE C 165 7.73 34.62 10.56
N ALA C 166 8.93 34.28 10.08
CA ALA C 166 10.04 35.23 9.99
C ALA C 166 10.23 35.86 8.60
N ASP C 167 10.66 37.12 8.61
CA ASP C 167 10.95 37.93 7.43
C ASP C 167 12.33 38.59 7.58
N GLY C 168 12.96 38.96 6.48
CA GLY C 168 14.18 39.76 6.57
C GLY C 168 15.40 39.18 5.90
N THR C 169 16.29 40.09 5.47
CA THR C 169 17.46 39.75 4.65
C THR C 169 18.51 39.01 5.47
N THR C 170 18.67 39.43 6.72
CA THR C 170 19.65 38.84 7.62
C THR C 170 19.15 38.92 9.06
N TYR C 171 19.80 38.16 9.94
CA TYR C 171 19.31 37.92 11.30
C TYR C 171 19.49 39.12 12.20
N THR C 172 20.49 39.92 11.90
CA THR C 172 20.62 41.26 12.46
C THR C 172 19.32 42.05 12.25
N ALA C 173 18.64 41.81 11.13
CA ALA C 173 17.52 42.64 10.67
C ALA C 173 16.16 41.93 10.65
N SER C 174 16.04 40.80 11.32
CA SER C 174 14.81 39.97 11.26
C SER C 174 13.55 40.59 11.88
N SER C 175 12.41 40.17 11.35
CA SER C 175 11.09 40.60 11.78
C SER C 175 10.28 39.32 11.95
N HIS C 176 9.47 39.22 13.00
CA HIS C 176 8.66 38.03 13.21
C HIS C 176 7.25 38.39 13.49
N ARG C 177 6.34 37.76 12.77
CA ARG C 177 4.93 37.90 13.03
C ARG C 177 4.38 36.61 13.59
N LEU C 178 3.38 36.75 14.42
CA LEU C 178 2.69 35.64 14.99
C LEU C 178 1.33 35.57 14.29
N TYR C 179 1.12 34.52 13.47
CA TYR C 179 -0.11 34.36 12.69
C TYR C 179 -1.15 33.51 13.37
N ARG C 180 -2.40 33.81 13.10
CA ARG C 180 -3.53 33.00 13.55
C ARG C 180 -4.32 32.51 12.30
N LEU C 181 -4.59 31.22 12.22
CA LEU C 181 -5.22 30.62 11.05
C LEU C 181 -6.46 29.85 11.46
N VAL C 182 -7.48 29.90 10.62
CA VAL C 182 -8.68 29.13 10.87
C VAL C 182 -9.07 28.48 9.55
N ASN C 183 -9.38 27.18 9.58
CA ASN C 183 -9.76 26.43 8.39
C ASN C 183 -8.89 26.88 7.20
N GLY C 184 -7.64 27.23 7.48
CA GLY C 184 -6.64 27.43 6.44
C GLY C 184 -6.46 28.84 5.89
N THR C 185 -7.30 29.75 6.35
CA THR C 185 -7.16 31.15 5.98
C THR C 185 -6.61 31.92 7.19
N SER C 186 -5.93 33.04 6.95
CA SER C 186 -5.37 33.81 8.06
C SER C 186 -6.49 34.59 8.70
N ALA C 187 -6.53 34.56 10.03
CA ALA C 187 -7.54 35.25 10.80
C ALA C 187 -6.82 36.32 11.53
N GLY C 188 -5.69 36.73 10.98
CA GLY C 188 -4.96 37.89 11.50
C GLY C 188 -3.63 37.55 12.09
N TRP C 189 -2.89 38.58 12.51
CA TRP C 189 -1.58 38.37 13.12
C TRP C 189 -1.21 39.51 14.02
N LYS C 190 -0.05 39.38 14.65
CA LYS C 190 0.51 40.42 15.51
C LYS C 190 2.02 40.49 15.28
N ALA C 191 2.58 41.67 15.19
CA ALA C 191 4.03 41.78 15.12
C ALA C 191 4.59 41.50 16.52
N LEU C 192 5.61 40.68 16.56
CA LEU C 192 6.31 40.42 17.78
C LEU C 192 7.52 41.37 17.85
N ASP C 193 7.71 42.00 19.02
CA ASP C 193 8.83 42.89 19.24
C ASP C 193 10.13 42.13 19.53
N THR C 194 10.97 42.04 18.50
CA THR C 194 12.18 41.23 18.52
C THR C 194 13.43 42.08 18.73
N THR C 195 13.30 43.41 18.57
CA THR C 195 14.46 44.30 18.40
C THR C 195 15.59 44.07 19.39
N GLY C 196 16.79 44.02 18.85
CA GLY C 196 17.96 43.76 19.65
C GLY C 196 18.35 42.30 19.66
N PHE C 197 17.41 41.43 19.30
CA PHE C 197 17.73 40.01 19.16
C PHE C 197 17.06 39.34 17.95
N ASN C 198 17.11 38.02 17.90
CA ASN C 198 16.59 37.25 16.76
C ASN C 198 15.99 35.92 17.23
N PHE C 199 14.91 35.49 16.56
CA PHE C 199 14.03 34.45 17.08
C PHE C 199 13.57 33.49 15.97
N GLU C 200 14.37 32.47 15.70
CA GLU C 200 14.13 31.60 14.55
C GLU C 200 13.79 30.17 14.89
N PHE C 201 13.02 29.55 14.03
CA PHE C 201 12.67 28.18 14.22
C PHE C 201 12.07 27.93 15.61
N PRO C 202 11.05 28.70 16.00
CA PRO C 202 10.43 28.43 17.30
C PRO C 202 9.76 27.08 17.36
N THR C 203 9.90 26.42 18.49
CA THR C 203 9.36 25.10 18.67
C THR C 203 8.48 25.19 19.92
N CYS C 204 7.25 24.74 19.82
CA CYS C 204 6.23 25.19 20.74
C CYS C 204 5.39 24.11 21.38
N TYR C 205 4.78 24.40 22.50
CA TYR C 205 3.75 23.52 23.06
C TYR C 205 2.72 24.34 23.78
N TYR C 206 1.70 23.68 24.29
CA TYR C 206 0.60 24.39 24.91
C TYR C 206 0.35 23.85 26.28
N THR C 207 0.26 24.75 27.25
CA THR C 207 -0.17 24.40 28.59
C THR C 207 -0.79 25.59 29.33
N SER C 208 -1.70 25.30 30.25
CA SER C 208 -2.22 26.31 31.17
C SER C 208 -2.64 27.59 30.43
N GLY C 209 -3.36 27.40 29.33
CA GLY C 209 -3.89 28.50 28.55
C GLY C 209 -2.87 29.35 27.81
N LYS C 210 -1.63 28.86 27.71
CA LYS C 210 -0.58 29.61 27.03
C LYS C 210 0.28 28.75 26.16
N VAL C 211 0.68 29.30 25.02
CA VAL C 211 1.58 28.61 24.13
C VAL C 211 2.96 29.10 24.43
N LYS C 212 3.91 28.18 24.50
CA LYS C 212 5.24 28.45 24.96
C LYS C 212 6.22 27.95 23.92
N CYS C 213 6.98 28.88 23.36
CA CYS C 213 7.86 28.64 22.24
C CYS C 213 9.33 28.88 22.56
N THR C 214 10.17 27.92 22.22
CA THR C 214 11.61 28.10 22.33
C THR C 214 12.24 28.44 20.97
N GLY C 215 12.72 29.65 20.80
CA GLY C 215 13.37 30.02 19.55
C GLY C 215 14.87 29.77 19.54
N THR C 216 15.49 30.25 18.46
CA THR C 216 16.91 30.06 18.25
C THR C 216 17.47 31.38 17.77
N ASN C 217 18.44 31.92 18.52
CA ASN C 217 19.06 33.22 18.19
C ASN C 217 20.35 33.03 17.39
N LEU C 218 20.27 33.34 16.10
CA LEU C 218 21.39 33.09 15.20
C LEU C 218 22.27 34.28 15.11
N TRP C 219 21.98 35.30 15.91
CA TRP C 219 22.69 36.57 15.88
C TRP C 219 23.63 36.82 17.05
N ASN C 220 23.07 37.20 18.19
CA ASN C 220 23.84 37.72 19.29
C ASN C 220 23.65 36.91 20.59
N ASP C 221 23.27 35.64 20.47
CA ASP C 221 22.89 34.84 21.65
C ASP C 221 23.14 33.30 21.57
N ALA C 222 23.77 32.80 22.64
CA ALA C 222 24.08 31.38 22.81
C ALA C 222 23.10 30.69 23.76
N LYS C 223 22.18 31.47 24.30
CA LYS C 223 21.02 30.92 24.98
C LYS C 223 19.84 30.92 23.99
N ARG C 224 18.69 30.42 24.43
CA ARG C 224 17.54 30.40 23.55
C ARG C 224 16.48 31.34 24.07
N PRO C 225 16.04 32.27 23.22
CA PRO C 225 14.90 33.10 23.52
C PRO C 225 13.68 32.24 23.79
N PHE C 226 12.77 32.74 24.63
CA PHE C 226 11.58 32.01 24.96
C PHE C 226 10.38 32.92 24.88
N LEU C 227 9.26 32.40 24.44
CA LEU C 227 8.11 33.21 24.12
C LEU C 227 6.86 32.60 24.66
N GLU C 228 6.06 33.42 25.31
CA GLU C 228 4.77 33.00 25.87
C GLU C 228 3.73 33.84 25.19
N PHE C 229 2.62 33.25 24.77
CA PHE C 229 1.47 34.01 24.26
C PHE C 229 0.21 33.23 24.47
N ASP C 230 -0.93 33.89 24.44
CA ASP C 230 -2.21 33.21 24.63
C ASP C 230 -3.12 33.48 23.45
N GLN C 231 -4.40 33.09 23.57
CA GLN C 231 -5.30 33.23 22.43
C GLN C 231 -5.51 34.67 21.98
N SER C 232 -5.48 35.63 22.91
CA SER C 232 -5.66 37.02 22.55
C SER C 232 -4.38 37.70 21.99
N PHE C 233 -3.33 36.92 21.78
CA PHE C 233 -2.03 37.41 21.33
C PHE C 233 -1.28 38.32 22.30
N THR C 234 -1.67 38.36 23.56
CA THR C 234 -0.84 39.07 24.53
C THR C 234 0.36 38.15 24.81
N TYR C 235 1.56 38.69 24.70
CA TYR C 235 2.76 37.89 24.67
C TYR C 235 3.87 38.56 25.41
N THR C 236 4.74 37.76 26.04
CA THR C 236 6.01 38.28 26.57
C THR C 236 7.20 37.39 26.13
N PHE C 237 8.33 38.03 25.82
CA PHE C 237 9.58 37.30 25.69
C PHE C 237 10.27 37.16 27.05
N LYS C 238 10.82 35.99 27.32
CA LYS C 238 11.58 35.74 28.53
C LYS C 238 12.93 35.19 28.08
N GLU C 239 13.97 35.49 28.82
CA GLU C 239 15.27 34.91 28.56
C GLU C 239 15.62 34.02 29.74
N PRO C 240 16.02 32.78 29.49
CA PRO C 240 16.36 31.86 30.57
C PRO C 240 17.60 32.31 31.34
N CYS C 241 17.54 32.23 32.67
CA CYS C 241 18.60 32.70 33.55
C CYS C 241 19.43 31.56 34.08
N LEU C 242 20.07 30.80 33.19
CA LEU C 242 20.81 29.61 33.60
C LEU C 242 22.07 29.42 32.77
N GLY C 243 23.16 29.03 33.45
CA GLY C 243 24.46 28.85 32.84
C GLY C 243 24.55 27.69 31.84
N PHE C 244 23.46 26.96 31.68
CA PHE C 244 23.34 25.86 30.69
C PHE C 244 22.93 26.41 29.32
N LEU C 245 23.87 26.37 28.40
CA LEU C 245 23.70 27.05 27.14
C LEU C 245 23.07 26.13 26.15
N GLY C 246 21.87 26.47 25.69
CA GLY C 246 21.08 25.60 24.81
C GLY C 246 21.60 25.50 23.38
N ASP C 247 22.02 26.65 22.85
CA ASP C 247 22.33 26.80 21.43
C ASP C 247 23.62 26.10 21.04
N THR C 248 23.91 26.15 19.74
CA THR C 248 25.10 25.53 19.14
C THR C 248 25.44 26.25 17.82
N PRO C 249 26.69 26.73 17.68
CA PRO C 249 27.74 26.52 18.66
C PRO C 249 27.58 27.47 19.83
N ARG C 250 28.44 27.28 20.82
CA ARG C 250 28.42 28.03 22.07
C ARG C 250 29.79 27.92 22.69
N GLY C 251 30.08 28.80 23.63
CA GLY C 251 31.43 28.88 24.17
C GLY C 251 31.68 27.87 25.27
N ILE C 252 30.98 28.07 26.38
CA ILE C 252 31.34 27.48 27.65
C ILE C 252 30.20 27.77 28.62
N ASP C 253 30.03 26.91 29.61
CA ASP C 253 28.98 27.16 30.57
C ASP C 253 29.34 28.30 31.50
N THR C 254 28.33 29.05 31.92
CA THR C 254 28.57 30.29 32.65
C THR C 254 27.94 30.21 34.04
N THR C 255 28.04 31.31 34.79
CA THR C 255 27.22 31.50 35.99
C THR C 255 25.80 31.91 35.54
N ASN C 256 24.82 31.83 36.44
CA ASN C 256 23.44 32.20 36.09
C ASN C 256 23.23 33.71 36.08
N TYR C 257 22.64 34.23 35.01
CA TYR C 257 22.21 35.63 34.97
C TYR C 257 21.10 35.84 33.92
N CYS C 258 20.25 36.84 34.14
CA CYS C 258 19.05 37.02 33.34
C CYS C 258 19.29 37.86 32.10
N ASP C 259 20.56 38.16 31.85
CA ASP C 259 20.97 38.76 30.59
C ASP C 259 21.16 37.69 29.48
N LYS C 260 21.60 38.14 28.30
CA LYS C 260 21.80 37.26 27.16
C LYS C 260 23.30 37.04 26.92
N THR C 261 23.71 35.78 26.70
CA THR C 261 25.11 35.41 26.51
C THR C 261 25.62 35.65 25.10
N THR C 262 26.36 36.73 24.90
CA THR C 262 26.73 37.18 23.55
C THR C 262 27.95 36.46 22.97
N THR C 263 28.63 35.68 23.79
CA THR C 263 29.86 35.05 23.37
C THR C 263 29.56 33.81 22.57
N GLU C 264 30.09 33.76 21.35
CA GLU C 264 29.79 32.71 20.37
C GLU C 264 28.27 32.67 20.07
N GLY C 265 27.64 33.82 20.21
CA GLY C 265 26.19 33.93 20.05
C GLY C 265 25.73 33.72 18.63
N GLU C 266 26.65 33.90 17.69
CA GLU C 266 26.30 33.80 16.29
C GLU C 266 26.36 32.39 15.73
N GLY C 267 25.46 32.13 14.78
CA GLY C 267 25.18 30.80 14.33
C GLY C 267 24.12 30.23 15.24
N GLY C 268 23.63 29.05 14.90
CA GLY C 268 22.58 28.43 15.69
C GLY C 268 21.89 27.31 14.96
N ILE C 269 21.14 26.52 15.71
CA ILE C 269 20.38 25.42 15.17
C ILE C 269 19.14 25.20 16.04
N GLN C 270 18.04 24.83 15.41
CA GLN C 270 16.78 24.66 16.08
C GLN C 270 16.84 23.71 17.25
N GLY C 271 16.29 24.14 18.37
CA GLY C 271 16.26 23.32 19.60
C GLY C 271 15.23 23.82 20.59
N PHE C 272 15.00 23.06 21.65
CA PHE C 272 13.95 23.38 22.60
C PHE C 272 14.39 23.58 24.07
N MET C 273 13.39 23.99 24.87
CA MET C 273 13.42 24.04 26.32
C MET C 273 11.99 23.83 26.74
N ILE C 274 11.83 23.22 27.90
CA ILE C 274 10.52 22.95 28.44
C ILE C 274 10.40 23.66 29.79
N GLU C 275 9.33 24.44 29.95
CA GLU C 275 9.03 25.11 31.20
C GLU C 275 7.89 24.37 31.88
N GLY C 276 8.07 24.03 33.15
CA GLY C 276 7.01 23.36 33.92
C GLY C 276 7.31 23.32 35.40
N SER C 277 6.65 22.39 36.11
CA SER C 277 7.00 22.09 37.49
C SER C 277 8.48 21.71 37.52
N ASN C 278 8.79 20.62 36.83
CA ASN C 278 10.13 20.32 36.37
C ASN C 278 10.35 21.10 35.07
N SER C 279 11.59 21.53 34.82
CA SER C 279 11.92 22.17 33.55
C SER C 279 13.08 21.45 32.88
N TRP C 280 13.10 21.49 31.54
CA TRP C 280 14.13 20.78 30.77
C TRP C 280 14.85 21.63 29.78
N ILE C 281 16.16 21.41 29.66
CA ILE C 281 16.91 21.93 28.52
C ILE C 281 17.62 20.79 27.85
N GLY C 282 17.38 20.67 26.54
CA GLY C 282 18.08 19.70 25.73
C GLY C 282 19.12 20.43 24.93
N ARG C 283 20.24 19.78 24.64
CA ARG C 283 21.29 20.36 23.82
C ARG C 283 22.28 19.36 23.23
N ILE C 284 22.98 19.81 22.17
CA ILE C 284 24.00 18.99 21.55
C ILE C 284 25.18 18.97 22.48
N ILE C 285 25.72 17.78 22.75
CA ILE C 285 26.78 17.61 23.73
C ILE C 285 28.10 18.25 23.32
N ASN C 286 28.60 17.89 22.14
CA ASN C 286 29.92 18.35 21.68
C ASN C 286 29.80 19.27 20.48
N PRO C 287 29.62 20.58 20.73
CA PRO C 287 29.29 21.55 19.69
C PRO C 287 30.29 21.59 18.55
N GLY C 288 31.53 21.14 18.79
CA GLY C 288 32.53 21.00 17.73
C GLY C 288 32.15 19.92 16.72
N SER C 289 32.11 18.67 17.18
CA SER C 289 31.83 17.53 16.32
C SER C 289 30.34 17.31 16.07
N LYS C 290 29.49 18.05 16.80
CA LYS C 290 28.03 17.90 16.75
C LYS C 290 27.55 16.52 17.26
N LYS C 291 28.37 15.88 18.09
CA LYS C 291 28.10 14.53 18.52
C LYS C 291 27.33 14.58 19.82
N GLY C 292 26.32 13.74 19.91
CA GLY C 292 25.62 13.52 21.16
C GLY C 292 24.53 14.51 21.48
N PHE C 293 23.57 14.04 22.26
CA PHE C 293 22.50 14.88 22.70
C PHE C 293 22.18 14.59 24.16
N GLU C 294 22.17 15.66 24.97
CA GLU C 294 21.85 15.54 26.40
C GLU C 294 20.64 16.39 26.75
N ILE C 295 19.85 15.93 27.72
CA ILE C 295 18.73 16.73 28.22
C ILE C 295 18.85 16.77 29.74
N TYR C 296 18.41 17.86 30.33
CA TYR C 296 18.90 18.20 31.66
C TYR C 296 17.78 18.83 32.47
N LYS C 297 17.58 18.31 33.66
CA LYS C 297 16.39 18.62 34.45
C LYS C 297 16.66 19.69 35.49
N PHE C 298 15.65 20.51 35.76
CA PHE C 298 15.75 21.60 36.72
C PHE C 298 14.54 21.69 37.58
N LEU C 299 14.72 21.90 38.88
CA LEU C 299 13.57 22.18 39.72
C LEU C 299 13.10 23.62 39.52
N GLY C 300 11.80 23.78 39.26
CA GLY C 300 11.20 25.10 39.06
C GLY C 300 11.61 25.75 37.76
N THR C 301 11.34 27.06 37.65
CA THR C 301 11.46 27.80 36.38
C THR C 301 12.88 27.95 35.83
N LEU C 302 12.97 28.17 34.53
CA LEU C 302 14.22 28.47 33.87
C LEU C 302 14.52 29.96 33.95
N PHE C 303 13.59 30.71 34.55
CA PHE C 303 13.65 32.14 34.49
C PHE C 303 13.98 32.77 35.81
N SER C 304 14.24 31.92 36.81
CA SER C 304 14.82 32.36 38.08
C SER C 304 16.31 32.01 38.06
N VAL C 305 17.14 32.94 38.52
CA VAL C 305 18.57 32.69 38.66
C VAL C 305 18.83 31.71 39.83
N GLN C 306 17.78 31.49 40.63
CA GLN C 306 17.81 30.71 41.86
C GLN C 306 17.91 29.22 41.62
N THR C 307 17.48 28.82 40.43
CA THR C 307 17.11 27.43 40.20
C THR C 307 18.26 26.50 39.88
N VAL C 308 18.08 25.23 40.27
CA VAL C 308 19.14 24.26 40.46
C VAL C 308 19.09 23.13 39.44
N GLY C 309 20.23 22.85 38.81
CA GLY C 309 20.38 21.62 38.04
C GLY C 309 20.14 20.40 38.93
N ASN C 310 19.55 19.37 38.38
CA ASN C 310 19.23 18.21 39.18
C ASN C 310 19.75 16.96 38.52
N ARG C 311 19.27 16.69 37.32
CA ARG C 311 19.55 15.42 36.66
C ARG C 311 19.92 15.60 35.20
N ASN C 312 21.02 14.98 34.80
CA ASN C 312 21.44 15.07 33.43
C ASN C 312 21.33 13.72 32.75
N TYR C 313 20.49 13.65 31.72
CA TYR C 313 20.34 12.45 30.91
C TYR C 313 21.10 12.60 29.60
N GLN C 314 22.07 11.72 29.38
CA GLN C 314 22.79 11.75 28.13
C GLN C 314 22.15 10.76 27.22
N LEU C 315 21.19 11.22 26.42
CA LEU C 315 20.40 10.31 25.58
C LEU C 315 21.16 9.69 24.40
N LEU C 316 21.90 10.53 23.70
CA LEU C 316 22.65 10.06 22.55
C LEU C 316 24.11 10.43 22.68
N SER C 317 24.99 9.52 22.28
CA SER C 317 26.43 9.70 22.40
C SER C 317 27.11 9.47 21.07
N ASN C 318 26.80 8.36 20.43
CA ASN C 318 27.47 7.99 19.20
C ASN C 318 26.97 8.65 17.91
N SER C 319 25.94 9.49 18.02
CA SER C 319 25.25 9.94 16.81
C SER C 319 25.45 11.44 16.49
N THR C 320 25.65 11.77 15.23
CA THR C 320 25.78 13.18 14.81
C THR C 320 24.42 13.89 14.78
N ILE C 321 24.28 14.90 15.63
CA ILE C 321 22.99 15.55 15.88
C ILE C 321 22.84 16.88 15.19
N GLY C 322 21.58 17.30 15.07
CA GLY C 322 21.19 18.54 14.39
C GLY C 322 19.96 19.15 15.03
N ARG C 323 18.91 19.36 14.24
CA ARG C 323 17.68 19.96 14.78
C ARG C 323 16.97 19.05 15.77
N SER C 324 16.24 19.70 16.66
CA SER C 324 15.45 19.01 17.66
C SER C 324 14.21 19.83 17.86
N GLY C 325 13.08 19.21 18.17
CA GLY C 325 11.87 19.98 18.35
C GLY C 325 10.83 19.23 19.15
N LEU C 326 9.82 19.95 19.58
CA LEU C 326 8.77 19.38 20.41
C LEU C 326 7.54 19.06 19.58
N TYR C 327 6.70 18.20 20.16
CA TYR C 327 5.37 17.89 19.63
C TYR C 327 4.49 17.26 20.70
N GLN C 328 3.20 17.58 20.64
CA GLN C 328 2.24 16.99 21.55
C GLN C 328 1.28 16.10 20.81
N PRO C 329 1.30 14.82 21.17
CA PRO C 329 0.35 13.87 20.65
C PRO C 329 -0.97 14.10 21.39
N ALA C 330 -2.11 13.89 20.72
CA ALA C 330 -3.42 14.09 21.32
C ALA C 330 -4.23 12.80 21.39
N TYR C 331 -4.63 12.44 22.62
CA TYR C 331 -5.57 11.34 22.83
C TYR C 331 -6.53 11.74 23.94
N GLU C 332 -7.50 10.88 24.22
CA GLU C 332 -8.33 11.03 25.40
C GLU C 332 -7.43 10.98 26.63
N SER C 333 -6.56 9.95 26.68
CA SER C 333 -5.64 9.71 27.80
C SER C 333 -6.28 10.09 29.14
N ARG C 334 -5.82 11.19 29.74
CA ARG C 334 -6.45 11.76 30.92
C ARG C 334 -6.16 13.24 31.05
N ASP C 335 -6.48 13.82 32.21
CA ASP C 335 -6.25 15.25 32.49
C ASP C 335 -4.86 15.69 32.05
N CYS C 336 -3.98 14.69 31.94
CA CYS C 336 -2.60 14.86 31.56
C CYS C 336 -2.37 15.09 30.05
N GLN C 337 -1.70 16.18 29.69
CA GLN C 337 -1.25 16.39 28.32
C GLN C 337 0.17 15.86 28.10
N GLU C 338 0.28 14.81 27.30
CA GLU C 338 1.56 14.21 26.96
C GLU C 338 2.45 15.16 26.13
N LEU C 339 3.76 15.05 26.33
CA LEU C 339 4.75 15.88 25.63
C LEU C 339 5.94 15.07 25.14
N CYS C 340 6.21 15.15 23.84
CA CYS C 340 7.30 14.39 23.24
C CYS C 340 8.16 15.33 22.42
N PHE C 341 9.36 14.87 22.05
CA PHE C 341 10.21 15.67 21.18
C PHE C 341 11.00 14.79 20.26
N TRP C 342 11.41 15.37 19.15
CA TRP C 342 12.14 14.61 18.15
C TRP C 342 13.48 15.22 17.98
N ILE C 343 14.38 14.48 17.34
CA ILE C 343 15.74 14.88 17.17
C ILE C 343 16.10 14.33 15.85
N GLU C 344 16.63 15.21 15.00
CA GLU C 344 17.14 14.85 13.67
C GLU C 344 18.60 14.43 13.66
N ILE C 345 18.91 13.37 12.95
CA ILE C 345 20.21 12.73 13.03
C ILE C 345 20.80 12.51 11.64
N ALA C 346 22.03 12.93 11.41
CA ALA C 346 22.71 12.63 10.15
C ALA C 346 22.67 11.13 9.82
N ALA C 347 22.29 10.79 8.58
CA ALA C 347 22.40 9.41 8.08
C ALA C 347 23.35 9.37 6.90
N THR C 348 23.45 8.21 6.26
CA THR C 348 24.03 8.10 4.90
C THR C 348 23.29 7.02 4.10
N THR C 349 23.12 7.25 2.82
CA THR C 349 22.55 6.24 1.94
C THR C 349 23.56 5.09 1.81
N LYS C 350 23.08 3.96 1.30
CA LYS C 350 23.93 2.78 1.02
C LYS C 350 25.21 3.16 0.26
N ALA C 351 25.17 4.27 -0.47
CA ALA C 351 26.37 4.78 -1.13
C ALA C 351 26.48 6.29 -1.05
N GLY C 352 27.06 6.81 0.04
CA GLY C 352 27.24 8.26 0.23
C GLY C 352 25.91 8.95 0.51
N LEU C 353 25.88 10.28 0.45
CA LEU C 353 24.64 11.07 0.57
C LEU C 353 24.24 11.26 2.03
N SER C 354 23.69 12.43 2.37
CA SER C 354 23.49 12.80 3.76
C SER C 354 22.00 13.01 4.07
N SER C 355 21.22 11.96 3.93
CA SER C 355 19.85 12.03 4.41
C SER C 355 19.89 12.10 5.94
N ASN C 356 18.80 12.59 6.53
CA ASN C 356 18.68 12.61 7.98
C ASN C 356 17.58 11.66 8.40
N ASP C 357 17.67 11.10 9.59
CA ASP C 357 16.55 10.38 10.16
C ASP C 357 16.13 10.88 11.52
N LEU C 358 15.03 10.34 12.02
CA LEU C 358 14.41 10.79 13.25
C LEU C 358 14.52 9.80 14.38
N ILE C 359 14.65 10.32 15.58
CA ILE C 359 14.35 9.57 16.78
C ILE C 359 13.46 10.45 17.63
N THR C 360 12.48 9.86 18.29
CA THR C 360 11.55 10.60 19.11
C THR C 360 11.53 10.00 20.50
N PHE C 361 11.26 10.84 21.49
CA PHE C 361 11.22 10.45 22.90
C PHE C 361 9.96 10.96 23.53
N CYS C 362 9.35 10.15 24.39
CA CYS C 362 8.21 10.65 25.13
C CYS C 362 8.54 10.64 26.58
N GLY C 363 7.95 11.60 27.29
CA GLY C 363 8.15 11.75 28.73
C GLY C 363 7.36 10.73 29.52
N THR C 364 8.02 10.09 30.48
CA THR C 364 7.32 9.34 31.51
C THR C 364 7.41 10.01 32.90
N GLY C 365 6.45 9.71 33.76
CA GLY C 365 6.34 10.30 35.10
C GLY C 365 7.44 9.75 35.99
N GLY C 366 7.80 8.49 35.72
CA GLY C 366 8.84 7.79 36.46
C GLY C 366 10.25 8.26 36.15
N SER C 367 11.14 8.11 37.12
CA SER C 367 12.54 8.36 36.85
C SER C 367 13.05 7.21 35.98
N MET C 368 14.11 7.46 35.24
CA MET C 368 14.63 6.46 34.34
C MET C 368 16.12 6.30 34.53
N PRO C 369 16.65 5.12 34.16
CA PRO C 369 18.06 4.84 34.30
C PRO C 369 18.86 5.52 33.19
N ASP C 370 20.17 5.58 33.36
CA ASP C 370 21.07 6.13 32.37
C ASP C 370 21.15 5.18 31.19
N VAL C 371 20.81 5.71 30.01
CA VAL C 371 20.86 4.92 28.79
C VAL C 371 21.41 5.73 27.61
N ASN C 372 22.29 5.08 26.86
CA ASN C 372 22.77 5.60 25.61
C ASN C 372 22.02 4.88 24.50
N TRP C 373 21.12 5.57 23.79
CA TRP C 373 20.35 4.95 22.67
C TRP C 373 21.04 4.89 21.33
N ALA D 11 -24.41 -7.39 3.96
CA ALA D 11 -24.07 -8.33 2.84
C ALA D 11 -25.23 -9.25 2.51
N THR D 12 -25.33 -9.61 1.23
CA THR D 12 -26.45 -10.38 0.73
C THR D 12 -25.93 -11.53 -0.11
N PRO D 13 -26.53 -12.74 0.05
CA PRO D 13 -26.14 -13.90 -0.76
C PRO D 13 -26.05 -13.54 -2.23
N LEU D 14 -24.94 -13.90 -2.87
CA LEU D 14 -24.73 -13.63 -4.29
C LEU D 14 -25.75 -14.36 -5.14
N VAL D 15 -26.49 -13.58 -5.92
CA VAL D 15 -27.52 -14.10 -6.82
C VAL D 15 -27.05 -13.77 -8.23
N LEU D 16 -27.03 -14.77 -9.08
CA LEU D 16 -26.68 -14.54 -10.49
C LEU D 16 -27.91 -14.38 -11.37
N GLY D 17 -27.75 -13.66 -12.47
CA GLY D 17 -28.83 -13.43 -13.42
C GLY D 17 -29.25 -14.71 -14.13
N GLU D 18 -30.57 -14.92 -14.23
CA GLU D 18 -31.07 -16.14 -14.81
C GLU D 18 -30.85 -16.14 -16.32
N ASN D 19 -30.91 -14.95 -16.91
CA ASN D 19 -30.79 -14.78 -18.37
C ASN D 19 -29.47 -14.19 -18.83
N LEU D 20 -28.86 -14.83 -19.81
CA LEU D 20 -27.54 -14.41 -20.25
C LEU D 20 -27.63 -13.24 -21.23
N CYS D 21 -26.65 -12.34 -21.14
CA CYS D 21 -26.46 -11.30 -22.14
C CYS D 21 -26.28 -11.92 -23.52
N SER D 22 -26.84 -11.29 -24.54
CA SER D 22 -26.53 -11.66 -25.92
C SER D 22 -25.10 -11.26 -26.14
N ILE D 23 -24.31 -12.17 -26.69
CA ILE D 23 -22.92 -11.88 -26.95
C ILE D 23 -22.75 -12.00 -28.44
N ASN D 24 -22.26 -10.93 -29.06
CA ASN D 24 -21.89 -11.00 -30.48
C ASN D 24 -20.43 -10.68 -30.72
N GLY D 25 -19.75 -10.19 -29.70
CA GLY D 25 -18.35 -9.81 -29.84
C GLY D 25 -17.60 -9.83 -28.54
N TRP D 26 -16.31 -9.52 -28.59
CA TRP D 26 -15.52 -9.57 -27.39
C TRP D 26 -14.61 -8.39 -27.31
N VAL D 27 -14.58 -7.77 -26.13
CA VAL D 27 -13.59 -6.75 -25.88
C VAL D 27 -12.76 -7.06 -24.64
N PRO D 28 -11.43 -6.80 -24.71
CA PRO D 28 -10.56 -7.02 -23.58
C PRO D 28 -10.84 -6.03 -22.48
N THR D 29 -10.83 -6.50 -21.25
CA THR D 29 -11.14 -5.60 -20.15
C THR D 29 -9.92 -5.44 -19.31
N TYR D 30 -8.97 -6.34 -19.51
CA TYR D 30 -7.73 -6.33 -18.73
C TYR D 30 -6.61 -7.05 -19.48
N ARG D 31 -5.41 -6.56 -19.25
CA ARG D 31 -4.25 -7.14 -19.88
C ARG D 31 -3.07 -6.94 -18.94
N GLY D 32 -2.44 -8.03 -18.54
CA GLY D 32 -1.27 -7.93 -17.70
C GLY D 32 -0.11 -7.32 -18.47
N GLU D 33 0.85 -6.81 -17.73
CA GLU D 33 1.97 -6.15 -18.36
C GLU D 33 2.95 -7.14 -18.98
N GLY D 34 2.90 -8.39 -18.57
CA GLY D 34 3.73 -9.41 -19.19
C GLY D 34 3.18 -9.94 -20.51
N THR D 35 2.02 -9.44 -20.93
CA THR D 35 1.40 -9.90 -22.16
C THR D 35 2.00 -9.17 -23.35
N THR D 36 2.79 -8.15 -23.05
CA THR D 36 3.34 -7.27 -24.08
C THR D 36 4.85 -7.17 -23.86
N GLY D 37 5.25 -6.59 -22.73
CA GLY D 37 6.66 -6.52 -22.35
C GLY D 37 7.12 -7.67 -21.47
N LYS D 38 8.30 -7.52 -20.88
CA LYS D 38 8.85 -8.48 -19.94
C LYS D 38 8.42 -8.17 -18.50
N ILE D 39 8.54 -9.13 -17.61
CA ILE D 39 8.10 -8.98 -16.23
C ILE D 39 9.29 -8.58 -15.38
N PRO D 40 9.11 -7.56 -14.53
CA PRO D 40 10.09 -7.15 -13.51
C PRO D 40 10.44 -8.31 -12.57
N ASP D 41 11.70 -8.40 -12.21
CA ASP D 41 12.18 -9.56 -11.49
C ASP D 41 11.59 -9.69 -10.10
N GLU D 42 11.20 -8.56 -9.51
CA GLU D 42 10.66 -8.55 -8.15
C GLU D 42 9.27 -9.14 -8.05
N GLN D 43 8.56 -9.24 -9.16
CA GLN D 43 7.22 -9.81 -9.14
C GLN D 43 7.26 -11.30 -8.79
N MET D 44 6.17 -11.76 -8.18
CA MET D 44 5.99 -13.16 -7.90
C MET D 44 5.76 -13.87 -9.24
N LEU D 45 6.43 -15.01 -9.48
CA LEU D 45 6.14 -15.84 -10.65
C LEU D 45 4.80 -16.55 -10.44
N THR D 46 3.90 -16.47 -11.42
CA THR D 46 2.60 -17.11 -11.27
C THR D 46 2.37 -18.29 -12.22
N ARG D 47 1.49 -19.19 -11.80
CA ARG D 47 1.01 -20.27 -12.64
C ARG D 47 -0.38 -20.64 -12.16
N GLN D 48 -1.15 -21.26 -13.03
CA GLN D 48 -2.52 -21.63 -12.72
C GLN D 48 -3.39 -20.41 -12.36
N ASN D 49 -3.10 -19.27 -12.96
CA ASN D 49 -3.98 -18.12 -12.93
C ASN D 49 -5.43 -18.37 -13.32
N PHE D 50 -6.35 -17.76 -12.58
CA PHE D 50 -7.70 -17.68 -13.04
C PHE D 50 -8.36 -16.47 -12.44
N VAL D 51 -9.63 -16.27 -12.74
CA VAL D 51 -10.30 -15.09 -12.23
C VAL D 51 -11.64 -15.52 -11.68
N SER D 52 -12.04 -14.84 -10.62
CA SER D 52 -13.26 -15.18 -9.89
C SER D 52 -13.74 -13.89 -9.31
N CYS D 53 -15.04 -13.62 -9.40
CA CYS D 53 -15.51 -12.32 -8.97
C CYS D 53 -16.38 -12.39 -7.74
N SER D 54 -16.22 -11.39 -6.88
CA SER D 54 -17.19 -11.10 -5.81
C SER D 54 -18.18 -10.06 -6.34
N ASP D 55 -19.03 -9.55 -5.45
CA ASP D 55 -20.06 -8.59 -5.83
C ASP D 55 -19.46 -7.19 -5.80
N LYS D 56 -18.23 -7.16 -5.33
CA LYS D 56 -17.52 -5.93 -5.02
C LYS D 56 -16.43 -5.72 -6.05
N GLU D 57 -15.86 -6.81 -6.55
CA GLU D 57 -14.62 -6.77 -7.33
C GLU D 57 -14.24 -8.15 -7.89
N CYS D 58 -13.33 -8.14 -8.86
CA CYS D 58 -12.84 -9.38 -9.45
C CYS D 58 -11.42 -9.60 -9.04
N ARG D 59 -11.11 -10.83 -8.64
CA ARG D 59 -9.79 -11.16 -8.17
C ARG D 59 -9.13 -12.19 -9.08
N ARG D 60 -7.80 -12.13 -9.11
CA ARG D 60 -7.02 -13.03 -9.90
C ARG D 60 -6.36 -13.93 -8.91
N PHE D 61 -6.70 -15.19 -8.95
CA PHE D 61 -5.98 -16.14 -8.13
C PHE D 61 -4.86 -16.79 -8.93
N PHE D 62 -3.85 -17.25 -8.22
CA PHE D 62 -2.79 -18.01 -8.89
C PHE D 62 -1.97 -18.83 -7.88
N VAL D 63 -1.02 -19.57 -8.42
CA VAL D 63 -0.15 -20.39 -7.61
C VAL D 63 1.28 -19.86 -7.80
N SER D 64 1.93 -19.54 -6.70
CA SER D 64 3.28 -18.98 -6.74
C SER D 64 4.33 -20.00 -7.16
N MET D 65 5.33 -19.55 -7.91
CA MET D 65 6.57 -20.31 -8.09
C MET D 65 7.76 -19.68 -7.34
N GLY D 66 7.50 -18.65 -6.54
CA GLY D 66 8.59 -17.86 -5.94
C GLY D 66 8.83 -16.52 -6.66
N TYR D 67 9.66 -15.68 -6.07
CA TYR D 67 9.92 -14.38 -6.65
C TYR D 67 10.93 -14.60 -7.73
N GLY D 68 10.88 -13.76 -8.76
CA GLY D 68 11.69 -13.93 -9.96
C GLY D 68 13.15 -13.61 -9.72
N THR D 69 13.38 -12.82 -8.69
CA THR D 69 14.73 -12.41 -8.34
C THR D 69 15.46 -13.43 -7.47
N THR D 70 14.71 -14.15 -6.63
CA THR D 70 15.28 -15.12 -5.69
C THR D 70 15.26 -16.51 -6.30
N THR D 71 14.72 -16.60 -7.52
CA THR D 71 14.65 -17.86 -8.24
C THR D 71 15.74 -17.89 -9.30
N ASN D 72 16.55 -18.96 -9.28
CA ASN D 72 17.53 -19.20 -10.32
C ASN D 72 16.99 -20.17 -11.38
N PHE D 73 17.35 -19.94 -12.66
CA PHE D 73 16.85 -20.72 -13.80
C PHE D 73 17.14 -22.22 -13.75
N ALA D 74 18.35 -22.58 -13.32
CA ALA D 74 18.81 -23.98 -13.25
C ALA D 74 17.93 -24.88 -12.38
N ASP D 75 17.28 -24.29 -11.38
CA ASP D 75 16.30 -24.98 -10.56
C ASP D 75 15.01 -25.24 -11.32
N LEU D 76 14.48 -26.43 -11.14
CA LEU D 76 13.09 -26.66 -11.45
C LEU D 76 12.42 -26.65 -10.08
N ILE D 77 11.32 -25.90 -9.95
CA ILE D 77 10.56 -25.85 -8.69
C ILE D 77 9.37 -26.82 -8.65
N VAL D 78 8.96 -27.16 -7.44
CA VAL D 78 8.22 -28.38 -7.21
C VAL D 78 6.94 -28.10 -6.43
N SER D 79 5.89 -28.87 -6.72
CA SER D 79 4.53 -28.62 -6.23
C SER D 79 4.39 -28.42 -4.71
N GLU D 80 5.25 -29.08 -3.95
CA GLU D 80 5.18 -29.00 -2.49
C GLU D 80 5.54 -27.63 -1.95
N GLN D 81 6.22 -26.83 -2.78
CA GLN D 81 6.77 -25.55 -2.36
C GLN D 81 5.79 -24.45 -2.71
N MET D 82 4.71 -24.84 -3.32
CA MET D 82 3.84 -23.89 -3.95
C MET D 82 2.74 -23.47 -3.01
N ASN D 83 2.32 -22.22 -3.17
CA ASN D 83 1.28 -21.59 -2.36
C ASN D 83 0.25 -20.92 -3.24
N VAL D 84 -0.96 -20.75 -2.69
CA VAL D 84 -2.05 -20.07 -3.39
C VAL D 84 -2.21 -18.59 -2.95
N TYR D 85 -1.96 -17.68 -3.88
CA TYR D 85 -2.14 -16.25 -3.67
C TYR D 85 -3.29 -15.68 -4.46
N SER D 86 -3.77 -14.54 -3.99
CA SER D 86 -4.80 -13.75 -4.63
C SER D 86 -4.28 -12.34 -4.89
N VAL D 87 -4.90 -11.58 -5.78
CA VAL D 87 -4.53 -10.18 -6.03
C VAL D 87 -5.81 -9.59 -6.58
N LYS D 88 -5.93 -8.28 -6.64
CA LYS D 88 -7.13 -7.72 -7.26
C LYS D 88 -6.90 -7.71 -8.76
N LEU D 89 -7.84 -8.22 -9.55
CA LEU D 89 -7.68 -8.15 -11.00
C LEU D 89 -7.44 -6.70 -11.42
N GLY D 90 -6.32 -6.49 -12.11
CA GLY D 90 -5.91 -5.15 -12.50
C GLY D 90 -4.65 -4.75 -11.79
N ASP D 91 -4.34 -5.47 -10.72
CA ASP D 91 -3.12 -5.21 -9.95
C ASP D 91 -2.09 -6.22 -10.32
N PRO D 92 -0.81 -5.85 -10.27
CA PRO D 92 0.25 -6.76 -10.62
C PRO D 92 0.68 -7.54 -9.38
N PRO D 93 1.13 -8.78 -9.57
CA PRO D 93 1.60 -9.58 -8.44
C PRO D 93 2.94 -9.11 -7.83
N THR D 94 2.96 -7.88 -7.33
CA THR D 94 4.06 -7.41 -6.51
C THR D 94 3.89 -7.99 -5.12
N PRO D 95 4.97 -8.12 -4.36
CA PRO D 95 4.92 -8.60 -2.99
C PRO D 95 3.93 -7.87 -2.10
N ASP D 96 3.81 -6.56 -2.28
CA ASP D 96 2.88 -5.73 -1.51
C ASP D 96 1.39 -5.90 -1.91
N LYS D 97 1.14 -6.31 -3.14
CA LYS D 97 -0.21 -6.54 -3.61
C LYS D 97 -0.74 -7.91 -3.25
N LEU D 98 0.16 -8.87 -3.05
CA LEU D 98 -0.21 -10.26 -2.76
C LEU D 98 -1.02 -10.45 -1.51
N LYS D 99 -2.06 -11.27 -1.60
CA LYS D 99 -2.77 -11.75 -0.43
C LYS D 99 -2.65 -13.27 -0.39
N PHE D 100 -1.98 -13.75 0.64
CA PHE D 100 -1.84 -15.20 0.86
C PHE D 100 -3.21 -15.82 1.06
N GLU D 101 -3.48 -16.88 0.30
CA GLU D 101 -4.80 -17.48 0.33
C GLU D 101 -4.81 -18.83 1.04
N ALA D 102 -3.83 -19.67 0.72
CA ALA D 102 -3.61 -21.01 1.32
C ALA D 102 -2.32 -21.67 0.80
N VAL D 103 -2.00 -22.84 1.35
CA VAL D 103 -0.82 -23.62 0.89
C VAL D 103 -1.32 -24.70 -0.02
N GLY D 104 -0.76 -24.77 -1.21
CA GLY D 104 -1.22 -25.74 -2.21
C GLY D 104 -0.66 -25.51 -3.59
N TRP D 105 -0.84 -26.45 -4.50
CA TRP D 105 -0.26 -26.32 -5.83
C TRP D 105 -1.36 -26.32 -6.77
N SER D 106 -2.59 -26.39 -6.26
CA SER D 106 -3.75 -26.25 -7.11
C SER D 106 -4.94 -25.72 -6.34
N ALA D 107 -5.70 -24.83 -6.98
CA ALA D 107 -6.76 -24.07 -6.30
C ALA D 107 -7.91 -23.63 -7.16
N SER D 108 -9.05 -23.47 -6.51
CA SER D 108 -10.21 -22.94 -7.12
C SER D 108 -10.93 -22.10 -6.08
N SER D 109 -11.69 -21.09 -6.52
CA SER D 109 -12.35 -20.20 -5.56
C SER D 109 -13.59 -19.48 -6.10
N CYS D 110 -14.44 -19.07 -5.18
CA CYS D 110 -15.68 -18.44 -5.54
C CYS D 110 -16.20 -17.69 -4.32
N HIS D 111 -16.93 -16.60 -4.58
CA HIS D 111 -17.39 -15.77 -3.50
C HIS D 111 -18.86 -15.93 -3.36
N ASP D 112 -19.32 -16.32 -2.18
CA ASP D 112 -20.76 -16.54 -1.99
C ASP D 112 -21.62 -15.29 -1.75
N GLY D 113 -20.98 -14.16 -1.46
CA GLY D 113 -21.70 -12.93 -1.06
C GLY D 113 -21.34 -12.52 0.36
N PHE D 114 -20.67 -13.43 1.06
CA PHE D 114 -20.23 -13.19 2.43
C PHE D 114 -18.74 -13.26 2.55
N GLN D 115 -18.17 -14.41 2.22
CA GLN D 115 -16.72 -14.62 2.29
C GLN D 115 -16.21 -15.29 1.01
N TRP D 116 -14.91 -15.31 0.81
CA TRP D 116 -14.32 -16.15 -0.24
C TRP D 116 -14.16 -17.57 0.23
N THR D 117 -14.61 -18.48 -0.62
CA THR D 117 -14.34 -19.88 -0.40
C THR D 117 -13.18 -20.22 -1.31
N VAL D 118 -12.19 -20.89 -0.74
CA VAL D 118 -11.04 -21.36 -1.51
C VAL D 118 -10.74 -22.82 -1.25
N LEU D 119 -10.66 -23.57 -2.35
CA LEU D 119 -10.26 -24.98 -2.34
C LEU D 119 -8.81 -25.12 -2.79
N SER D 120 -7.98 -25.70 -1.92
CA SER D 120 -6.59 -25.90 -2.27
C SER D 120 -6.19 -27.34 -2.12
N VAL D 121 -5.27 -27.78 -2.97
CA VAL D 121 -4.70 -29.12 -2.91
C VAL D 121 -3.24 -29.08 -2.44
N ALA D 122 -2.94 -29.71 -1.30
CA ALA D 122 -1.60 -29.64 -0.69
C ALA D 122 -1.06 -30.96 -0.14
N GLY D 123 0.19 -30.93 0.35
CA GLY D 123 0.92 -32.10 0.88
C GLY D 123 0.69 -33.49 0.24
N ASP D 124 0.01 -34.36 0.98
CA ASP D 124 -0.43 -35.66 0.52
C ASP D 124 -1.07 -35.60 -0.88
N GLY D 125 -1.81 -34.53 -1.16
CA GLY D 125 -2.67 -34.47 -2.32
C GLY D 125 -4.14 -34.42 -1.93
N PHE D 126 -4.40 -33.96 -0.70
CA PHE D 126 -5.77 -33.70 -0.24
C PHE D 126 -6.22 -32.26 -0.46
N VAL D 127 -7.46 -31.99 -0.11
CA VAL D 127 -8.04 -30.67 -0.32
C VAL D 127 -8.37 -29.99 1.00
N SER D 128 -7.80 -28.81 1.22
CA SER D 128 -8.26 -27.92 2.27
C SER D 128 -9.30 -27.02 1.68
N ILE D 129 -10.31 -26.72 2.48
CA ILE D 129 -11.35 -25.79 2.04
C ILE D 129 -11.29 -24.66 3.03
N LEU D 130 -11.03 -23.46 2.52
CA LEU D 130 -11.07 -22.33 3.42
C LEU D 130 -12.00 -21.17 3.13
N TYR D 131 -12.79 -20.84 4.15
CA TYR D 131 -13.83 -19.86 4.04
C TYR D 131 -13.35 -18.64 4.78
N GLY D 132 -13.16 -17.55 4.03
CA GLY D 132 -12.74 -16.27 4.59
C GLY D 132 -11.37 -16.32 5.24
N GLY D 133 -10.51 -17.19 4.69
CA GLY D 133 -9.14 -17.30 5.17
C GLY D 133 -8.89 -18.35 6.24
N ILE D 134 -9.94 -18.95 6.80
CA ILE D 134 -9.78 -19.91 7.87
C ILE D 134 -10.23 -21.28 7.40
N ILE D 135 -9.61 -22.32 7.91
CA ILE D 135 -9.85 -23.67 7.42
C ILE D 135 -11.10 -24.29 8.02
N THR D 136 -12.10 -24.48 7.17
CA THR D 136 -13.41 -24.96 7.62
C THR D 136 -13.65 -26.44 7.32
N ASP D 137 -12.90 -26.99 6.35
CA ASP D 137 -13.09 -28.39 5.95
C ASP D 137 -11.97 -28.96 5.10
N THR D 138 -11.79 -30.28 5.18
CA THR D 138 -10.81 -31.00 4.38
C THR D 138 -11.49 -32.17 3.67
N ILE D 139 -10.99 -32.48 2.48
CA ILE D 139 -11.48 -33.61 1.71
C ILE D 139 -10.30 -34.51 1.37
N HIS D 140 -10.49 -35.82 1.56
CA HIS D 140 -9.42 -36.81 1.30
C HIS D 140 -9.67 -37.77 0.14
N PRO D 141 -8.59 -38.18 -0.55
CA PRO D 141 -8.72 -39.03 -1.72
C PRO D 141 -9.05 -40.46 -1.32
N THR D 142 -10.07 -41.00 -1.98
CA THR D 142 -10.41 -42.41 -1.84
C THR D 142 -9.71 -43.18 -2.97
N ASN D 143 -10.10 -42.85 -4.19
CA ASN D 143 -9.60 -43.46 -5.41
C ASN D 143 -8.07 -43.43 -5.59
N GLY D 144 -7.36 -42.95 -4.56
CA GLY D 144 -5.90 -42.88 -4.58
C GLY D 144 -5.32 -41.73 -5.38
N GLY D 145 -4.01 -41.51 -5.25
CA GLY D 145 -3.32 -40.45 -5.98
C GLY D 145 -3.93 -39.09 -5.68
N PRO D 146 -3.31 -38.00 -6.18
CA PRO D 146 -3.65 -36.65 -5.69
C PRO D 146 -5.01 -36.19 -6.18
N LEU D 147 -5.76 -35.45 -5.37
CA LEU D 147 -6.98 -34.80 -5.89
C LEU D 147 -6.61 -33.62 -6.76
N ARG D 148 -7.63 -33.09 -7.44
CA ARG D 148 -7.44 -32.03 -8.44
C ARG D 148 -8.66 -31.11 -8.46
N THR D 149 -8.44 -29.80 -8.40
CA THR D 149 -9.54 -28.83 -8.40
C THR D 149 -9.80 -28.34 -9.81
N GLN D 150 -10.92 -27.64 -10.00
CA GLN D 150 -11.21 -27.04 -11.32
C GLN D 150 -10.12 -26.13 -11.88
N ALA D 151 -9.33 -25.49 -11.00
CA ALA D 151 -8.32 -24.54 -11.48
C ALA D 151 -9.05 -23.49 -12.27
N SER D 152 -10.19 -23.10 -11.73
CA SER D 152 -11.11 -22.19 -12.35
C SER D 152 -12.05 -21.80 -11.21
N SER D 153 -12.64 -20.62 -11.32
CA SER D 153 -13.70 -20.21 -10.43
C SER D 153 -14.79 -21.27 -10.31
N CYS D 154 -15.16 -21.62 -9.09
CA CYS D 154 -16.34 -22.45 -8.84
C CYS D 154 -17.57 -21.54 -8.89
N ILE D 155 -18.77 -22.07 -8.66
CA ILE D 155 -19.96 -21.27 -8.92
C ILE D 155 -20.78 -21.13 -7.67
N CYS D 156 -21.05 -19.90 -7.26
CA CYS D 156 -21.90 -19.71 -6.09
C CYS D 156 -23.17 -19.06 -6.53
N ASN D 157 -24.28 -19.52 -5.97
CA ASN D 157 -25.57 -18.98 -6.24
C ASN D 157 -26.47 -19.22 -5.06
N ASP D 158 -26.91 -18.14 -4.42
CA ASP D 158 -27.80 -18.21 -3.27
C ASP D 158 -27.10 -18.83 -2.05
N GLY D 159 -25.83 -18.50 -1.87
CA GLY D 159 -25.14 -18.88 -0.64
C GLY D 159 -24.56 -20.28 -0.57
N THR D 160 -24.94 -21.14 -1.52
CA THR D 160 -24.31 -22.46 -1.69
C THR D 160 -23.40 -22.47 -2.93
N CYS D 161 -22.25 -23.10 -2.83
CA CYS D 161 -21.31 -23.13 -3.93
C CYS D 161 -21.09 -24.55 -4.44
N TYR D 162 -20.80 -24.65 -5.72
CA TYR D 162 -20.66 -25.94 -6.42
C TYR D 162 -19.29 -26.00 -7.06
N THR D 163 -18.61 -27.11 -6.85
CA THR D 163 -17.32 -27.33 -7.47
C THR D 163 -17.12 -28.79 -7.82
N ILE D 164 -16.24 -29.06 -8.77
CA ILE D 164 -15.98 -30.42 -9.21
C ILE D 164 -14.57 -30.87 -8.87
N ILE D 165 -14.49 -32.02 -8.21
CA ILE D 165 -13.20 -32.56 -7.79
C ILE D 165 -12.85 -33.90 -8.45
N ALA D 166 -11.62 -33.99 -8.98
CA ALA D 166 -11.10 -35.22 -9.63
C ALA D 166 -10.18 -36.03 -8.73
N ASP D 167 -10.30 -37.35 -8.89
CA ASP D 167 -9.52 -38.34 -8.16
C ASP D 167 -8.92 -39.34 -9.15
N GLY D 168 -7.80 -39.96 -8.80
CA GLY D 168 -7.30 -41.08 -9.59
C GLY D 168 -5.87 -40.98 -10.07
N THR D 169 -5.27 -42.15 -10.27
CA THR D 169 -3.84 -42.27 -10.60
C THR D 169 -3.55 -41.78 -12.01
N THR D 170 -4.45 -42.09 -12.93
CA THR D 170 -4.30 -41.70 -14.32
C THR D 170 -5.68 -41.43 -14.95
N TYR D 171 -5.65 -40.79 -16.12
CA TYR D 171 -6.85 -40.25 -16.78
C TYR D 171 -7.70 -41.33 -17.38
N THR D 172 -7.06 -42.43 -17.72
CA THR D 172 -7.74 -43.66 -18.06
C THR D 172 -8.66 -44.08 -16.90
N ALA D 173 -8.24 -43.78 -15.67
CA ALA D 173 -8.89 -44.30 -14.45
C ALA D 173 -9.57 -43.25 -13.57
N SER D 174 -9.80 -42.06 -14.12
CA SER D 174 -10.28 -40.93 -13.29
C SER D 174 -11.70 -41.08 -12.78
N SER D 175 -11.96 -40.43 -11.66
CA SER D 175 -13.27 -40.38 -11.02
C SER D 175 -13.56 -38.92 -10.74
N HIS D 176 -14.81 -38.50 -10.90
CA HIS D 176 -15.17 -37.11 -10.60
C HIS D 176 -16.39 -36.95 -9.76
N ARG D 177 -16.27 -36.18 -8.68
CA ARG D 177 -17.37 -35.86 -7.77
C ARG D 177 -17.73 -34.39 -7.89
N LEU D 178 -19.01 -34.15 -7.75
CA LEU D 178 -19.55 -32.83 -7.81
C LEU D 178 -19.89 -32.45 -6.39
N TYR D 179 -19.17 -31.50 -5.82
CA TYR D 179 -19.38 -31.14 -4.43
C TYR D 179 -20.29 -29.94 -4.28
N ARG D 180 -21.00 -29.89 -3.16
CA ARG D 180 -21.79 -28.72 -2.79
C ARG D 180 -21.28 -28.19 -1.44
N LEU D 181 -21.05 -26.89 -1.38
CA LEU D 181 -20.44 -26.27 -0.21
C LEU D 181 -21.31 -25.16 0.31
N VAL D 182 -21.31 -24.96 1.62
CA VAL D 182 -22.04 -23.86 2.24
C VAL D 182 -21.20 -23.31 3.37
N ASN D 183 -21.04 -21.98 3.41
CA ASN D 183 -20.23 -21.31 4.44
C ASN D 183 -18.93 -22.10 4.76
N GLY D 184 -18.42 -22.79 3.74
CA GLY D 184 -17.12 -23.41 3.79
C GLY D 184 -17.08 -24.86 4.19
N THR D 185 -18.23 -25.42 4.53
CA THR D 185 -18.29 -26.84 4.84
C THR D 185 -18.99 -27.61 3.69
N SER D 186 -18.63 -28.87 3.47
CA SER D 186 -19.28 -29.64 2.41
C SER D 186 -20.68 -29.99 2.84
N ALA D 187 -21.64 -29.71 1.96
CA ALA D 187 -23.03 -30.05 2.21
C ALA D 187 -23.42 -31.18 1.27
N GLY D 188 -22.46 -32.08 1.03
CA GLY D 188 -22.74 -33.28 0.26
C GLY D 188 -22.21 -33.22 -1.15
N TRP D 189 -22.32 -34.36 -1.85
CA TRP D 189 -21.80 -34.45 -3.20
C TRP D 189 -22.48 -35.56 -3.95
N LYS D 190 -22.16 -35.68 -5.22
CA LYS D 190 -22.69 -36.73 -6.07
C LYS D 190 -21.57 -37.24 -6.98
N ALA D 191 -21.50 -38.55 -7.19
CA ALA D 191 -20.56 -39.08 -8.17
C ALA D 191 -21.06 -38.75 -9.56
N LEU D 192 -20.18 -38.26 -10.40
CA LEU D 192 -20.51 -38.07 -11.79
C LEU D 192 -20.05 -39.30 -12.56
N ASP D 193 -20.94 -39.82 -13.41
CA ASP D 193 -20.63 -40.98 -14.25
C ASP D 193 -19.80 -40.62 -15.48
N THR D 194 -18.50 -40.91 -15.37
CA THR D 194 -17.51 -40.48 -16.33
C THR D 194 -17.12 -41.63 -17.27
N THR D 195 -17.46 -42.86 -16.89
CA THR D 195 -16.84 -44.08 -17.48
C THR D 195 -16.77 -44.04 -19.00
N GLY D 196 -15.59 -44.42 -19.50
CA GLY D 196 -15.33 -44.37 -20.93
C GLY D 196 -14.63 -43.10 -21.37
N PHE D 197 -14.72 -42.04 -20.57
CA PHE D 197 -14.01 -40.80 -20.89
C PHE D 197 -13.42 -40.11 -19.67
N ASN D 198 -12.94 -38.88 -19.86
CA ASN D 198 -12.26 -38.12 -18.80
C ASN D 198 -12.58 -36.59 -18.83
N PHE D 199 -12.68 -35.98 -17.65
CA PHE D 199 -13.33 -34.69 -17.51
C PHE D 199 -12.56 -33.85 -16.52
N GLU D 200 -11.61 -33.09 -17.02
CA GLU D 200 -10.71 -32.37 -16.13
C GLU D 200 -10.79 -30.84 -16.28
N PHE D 201 -10.46 -30.12 -15.21
CA PHE D 201 -10.39 -28.68 -15.26
C PHE D 201 -11.68 -28.10 -15.85
N PRO D 202 -12.85 -28.50 -15.30
CA PRO D 202 -14.09 -27.93 -15.79
C PRO D 202 -14.13 -26.46 -15.58
N THR D 203 -14.71 -25.75 -16.53
CA THR D 203 -14.80 -24.32 -16.45
C THR D 203 -16.26 -23.98 -16.68
N CYS D 204 -16.83 -23.20 -15.77
CA CYS D 204 -18.28 -23.20 -15.60
C CYS D 204 -18.95 -21.84 -15.59
N TYR D 205 -20.24 -21.83 -15.90
CA TYR D 205 -21.07 -20.65 -15.69
C TYR D 205 -22.49 -21.05 -15.35
N TYR D 206 -23.32 -20.06 -15.07
CA TYR D 206 -24.67 -20.34 -14.66
C TYR D 206 -25.66 -19.56 -15.51
N THR D 207 -26.68 -20.27 -15.99
CA THR D 207 -27.80 -19.65 -16.66
C THR D 207 -29.02 -20.55 -16.60
N SER D 208 -30.19 -19.91 -16.57
CA SER D 208 -31.45 -20.63 -16.76
C SER D 208 -31.56 -21.80 -15.80
N GLY D 209 -31.20 -21.54 -14.54
CA GLY D 209 -31.31 -22.53 -13.47
C GLY D 209 -30.37 -23.71 -13.55
N LYS D 210 -29.35 -23.63 -14.39
CA LYS D 210 -28.42 -24.75 -14.54
C LYS D 210 -27.01 -24.28 -14.67
N VAL D 211 -26.10 -25.04 -14.08
CA VAL D 211 -24.69 -24.76 -14.24
C VAL D 211 -24.13 -25.60 -15.37
N LYS D 212 -23.33 -24.97 -16.22
CA LYS D 212 -22.87 -25.57 -17.47
C LYS D 212 -21.38 -25.48 -17.53
N CYS D 213 -20.77 -26.65 -17.56
CA CYS D 213 -19.32 -26.76 -17.46
C CYS D 213 -18.68 -27.39 -18.69
N THR D 214 -17.60 -26.77 -19.15
CA THR D 214 -16.75 -27.34 -20.18
C THR D 214 -15.49 -28.03 -19.59
N GLY D 215 -15.45 -29.35 -19.64
CA GLY D 215 -14.24 -30.02 -19.21
C GLY D 215 -13.19 -30.18 -20.29
N THR D 216 -12.16 -30.96 -19.95
CA THR D 216 -11.06 -31.24 -20.84
C THR D 216 -10.76 -32.73 -20.77
N ASN D 217 -10.83 -33.42 -21.91
CA ASN D 217 -10.56 -34.86 -21.95
C ASN D 217 -9.13 -35.12 -22.34
N LEU D 218 -8.36 -35.55 -21.35
CA LEU D 218 -6.93 -35.77 -21.52
C LEU D 218 -6.62 -37.16 -22.00
N TRP D 219 -7.66 -37.96 -22.21
CA TRP D 219 -7.50 -39.37 -22.49
C TRP D 219 -7.82 -39.74 -23.92
N ASN D 220 -9.10 -39.79 -24.25
CA ASN D 220 -9.57 -40.36 -25.52
C ASN D 220 -10.34 -39.37 -26.41
N ASP D 221 -10.13 -38.07 -26.21
CA ASP D 221 -10.98 -37.05 -26.84
C ASP D 221 -10.29 -35.70 -27.18
N ALA D 222 -10.50 -35.26 -28.42
CA ALA D 222 -10.02 -33.98 -28.95
C ALA D 222 -11.15 -32.94 -29.00
N LYS D 223 -12.34 -33.34 -28.61
CA LYS D 223 -13.42 -32.41 -28.34
C LYS D 223 -13.48 -32.17 -26.83
N ARG D 224 -14.41 -31.34 -26.38
CA ARG D 224 -14.52 -31.07 -24.97
C ARG D 224 -15.85 -31.60 -24.45
N PRO D 225 -15.78 -32.49 -23.44
CA PRO D 225 -17.02 -32.94 -22.79
C PRO D 225 -17.72 -31.77 -22.20
N PHE D 226 -19.02 -31.88 -22.02
CA PHE D 226 -19.80 -30.78 -21.52
C PHE D 226 -20.76 -31.28 -20.48
N LEU D 227 -20.99 -30.48 -19.45
CA LEU D 227 -21.80 -30.92 -18.33
C LEU D 227 -22.84 -29.92 -17.95
N GLU D 228 -24.03 -30.43 -17.67
CA GLU D 228 -25.15 -29.63 -17.20
C GLU D 228 -25.57 -30.24 -15.88
N PHE D 229 -25.79 -29.41 -14.86
CA PHE D 229 -26.41 -29.86 -13.62
C PHE D 229 -27.11 -28.72 -12.95
N ASP D 230 -28.05 -29.05 -12.07
CA ASP D 230 -28.79 -28.00 -11.36
C ASP D 230 -28.59 -28.12 -9.85
N GLN D 231 -29.39 -27.38 -9.07
CA GLN D 231 -29.22 -27.38 -7.62
C GLN D 231 -29.47 -28.75 -6.97
N SER D 232 -30.36 -29.55 -7.54
CA SER D 232 -30.65 -30.87 -6.97
C SER D 232 -29.66 -31.97 -7.41
N PHE D 233 -28.58 -31.58 -8.08
CA PHE D 233 -27.59 -32.52 -8.63
C PHE D 233 -28.05 -33.50 -9.71
N THR D 234 -29.20 -33.26 -10.34
CA THR D 234 -29.54 -34.00 -11.56
C THR D 234 -28.70 -33.40 -12.68
N TYR D 235 -28.01 -34.28 -13.41
CA TYR D 235 -26.98 -33.85 -14.33
C TYR D 235 -26.97 -34.71 -15.57
N THR D 236 -26.57 -34.14 -16.71
CA THR D 236 -26.32 -34.93 -17.92
C THR D 236 -25.02 -34.46 -18.60
N PHE D 237 -24.26 -35.41 -19.14
CA PHE D 237 -23.12 -35.07 -19.99
C PHE D 237 -23.59 -35.02 -21.43
N LYS D 238 -23.16 -33.98 -22.14
CA LYS D 238 -23.42 -33.81 -23.56
C LYS D 238 -22.09 -33.72 -24.26
N GLU D 239 -22.02 -34.24 -25.48
CA GLU D 239 -20.83 -34.10 -26.28
C GLU D 239 -21.19 -33.23 -27.47
N PRO D 240 -20.36 -32.20 -27.75
CA PRO D 240 -20.63 -31.27 -28.84
C PRO D 240 -20.51 -31.95 -30.19
N CYS D 241 -21.49 -31.68 -31.07
CA CYS D 241 -21.57 -32.31 -32.37
C CYS D 241 -21.09 -31.37 -33.44
N LEU D 242 -19.84 -30.92 -33.34
CA LEU D 242 -19.29 -29.97 -34.31
C LEU D 242 -17.84 -30.28 -34.67
N GLY D 243 -17.51 -30.15 -35.95
CA GLY D 243 -16.18 -30.44 -36.48
C GLY D 243 -15.08 -29.50 -36.01
N PHE D 244 -15.48 -28.48 -35.24
CA PHE D 244 -14.55 -27.55 -34.58
C PHE D 244 -14.02 -28.14 -33.26
N LEU D 245 -12.76 -28.53 -33.30
CA LEU D 245 -12.15 -29.25 -32.21
C LEU D 245 -11.59 -28.27 -31.22
N GLY D 246 -12.13 -28.29 -30.00
CA GLY D 246 -11.72 -27.34 -28.96
C GLY D 246 -10.35 -27.57 -28.34
N ASP D 247 -10.02 -28.84 -28.15
CA ASP D 247 -8.89 -29.26 -27.31
C ASP D 247 -7.56 -28.99 -27.98
N THR D 248 -6.47 -29.26 -27.26
CA THR D 248 -5.12 -29.14 -27.80
C THR D 248 -4.16 -30.08 -27.06
N PRO D 249 -3.40 -30.92 -27.80
CA PRO D 249 -3.36 -30.90 -29.26
C PRO D 249 -4.55 -31.64 -29.82
N ARG D 250 -4.67 -31.58 -31.15
CA ARG D 250 -5.78 -32.12 -31.90
C ARG D 250 -5.31 -32.35 -33.35
N GLY D 251 -6.05 -33.13 -34.11
CA GLY D 251 -5.58 -33.55 -35.41
C GLY D 251 -5.88 -32.54 -36.48
N ILE D 252 -7.18 -32.39 -36.74
CA ILE D 252 -7.68 -31.77 -37.95
C ILE D 252 -9.18 -31.62 -37.79
N ASP D 253 -9.76 -30.65 -38.49
CA ASP D 253 -11.19 -30.43 -38.35
C ASP D 253 -11.94 -31.47 -39.12
N THR D 254 -13.08 -31.87 -38.59
CA THR D 254 -13.83 -33.01 -39.12
C THR D 254 -15.19 -32.58 -39.65
N THR D 255 -15.99 -33.55 -40.09
CA THR D 255 -17.42 -33.33 -40.31
C THR D 255 -18.09 -33.36 -38.94
N ASN D 256 -19.35 -32.93 -38.88
CA ASN D 256 -20.08 -32.93 -37.60
C ASN D 256 -20.64 -34.30 -37.26
N TYR D 257 -20.48 -34.72 -36.02
CA TYR D 257 -21.12 -35.94 -35.54
C TYR D 257 -21.14 -35.98 -34.02
N CYS D 258 -22.13 -36.66 -33.47
CA CYS D 258 -22.38 -36.59 -32.02
C CYS D 258 -21.58 -37.60 -31.23
N ASP D 259 -20.66 -38.27 -31.91
CA ASP D 259 -19.68 -39.11 -31.25
C ASP D 259 -18.45 -38.29 -30.75
N LYS D 260 -17.48 -38.98 -30.19
CA LYS D 260 -16.28 -38.37 -29.64
C LYS D 260 -15.06 -38.63 -30.55
N THR D 261 -14.27 -37.59 -30.81
CA THR D 261 -13.14 -37.66 -31.73
C THR D 261 -11.89 -38.20 -31.10
N THR D 262 -11.60 -39.47 -31.33
CA THR D 262 -10.54 -40.14 -30.59
C THR D 262 -9.14 -39.91 -31.15
N THR D 263 -9.05 -39.25 -32.30
CA THR D 263 -7.78 -39.08 -32.99
C THR D 263 -7.07 -37.89 -32.37
N GLU D 264 -5.82 -38.13 -31.93
CA GLU D 264 -5.04 -37.18 -31.14
C GLU D 264 -5.78 -36.74 -29.86
N GLY D 265 -6.67 -37.61 -29.38
CA GLY D 265 -7.51 -37.31 -28.23
C GLY D 265 -6.72 -37.18 -26.94
N GLU D 266 -5.51 -37.75 -26.92
CA GLU D 266 -4.71 -37.75 -25.72
C GLU D 266 -3.86 -36.50 -25.56
N GLY D 267 -3.68 -36.09 -24.31
CA GLY D 267 -3.16 -34.77 -23.97
C GLY D 267 -4.34 -33.80 -23.93
N GLY D 268 -4.07 -32.60 -23.45
CA GLY D 268 -5.12 -31.60 -23.38
C GLY D 268 -4.70 -30.42 -22.54
N ILE D 269 -5.45 -29.33 -22.69
CA ILE D 269 -5.28 -28.16 -21.86
C ILE D 269 -6.65 -27.51 -21.58
N GLN D 270 -6.79 -26.89 -20.41
CA GLN D 270 -8.06 -26.32 -19.97
C GLN D 270 -8.59 -25.32 -20.98
N GLY D 271 -9.86 -25.46 -21.31
CA GLY D 271 -10.51 -24.51 -22.21
C GLY D 271 -12.01 -24.49 -22.04
N PHE D 272 -12.68 -23.57 -22.75
CA PHE D 272 -14.14 -23.47 -22.62
C PHE D 272 -14.95 -23.57 -23.94
N MET D 273 -16.27 -23.64 -23.73
CA MET D 273 -17.31 -23.52 -24.75
C MET D 273 -18.49 -22.86 -24.07
N ILE D 274 -19.25 -22.13 -24.85
CA ILE D 274 -20.36 -21.41 -24.31
C ILE D 274 -21.59 -21.85 -25.07
N GLU D 275 -22.61 -22.27 -24.32
CA GLU D 275 -23.89 -22.67 -24.89
C GLU D 275 -24.92 -21.56 -24.64
N GLY D 276 -25.60 -21.13 -25.71
CA GLY D 276 -26.62 -20.09 -25.59
C GLY D 276 -27.47 -19.98 -26.82
N SER D 277 -28.13 -18.83 -26.97
CA SER D 277 -28.78 -18.43 -28.23
C SER D 277 -27.73 -18.48 -29.34
N ASN D 278 -26.73 -17.62 -29.21
CA ASN D 278 -25.46 -17.79 -29.88
C ASN D 278 -24.63 -18.75 -29.03
N SER D 279 -23.83 -19.58 -29.68
CA SER D 279 -22.86 -20.42 -28.97
C SER D 279 -21.41 -20.18 -29.43
N TRP D 280 -20.46 -20.37 -28.51
CA TRP D 280 -19.04 -20.06 -28.77
C TRP D 280 -18.13 -21.18 -28.49
N ILE D 281 -17.14 -21.35 -29.35
CA ILE D 281 -16.02 -22.20 -29.03
C ILE D 281 -14.75 -21.41 -29.18
N GLY D 282 -13.96 -21.39 -28.12
CA GLY D 282 -12.65 -20.78 -28.18
C GLY D 282 -11.63 -21.90 -28.30
N ARG D 283 -10.50 -21.60 -28.94
CA ARG D 283 -9.41 -22.58 -29.06
C ARG D 283 -8.07 -22.00 -29.46
N ILE D 284 -7.01 -22.75 -29.17
CA ILE D 284 -5.66 -22.36 -29.57
C ILE D 284 -5.56 -22.56 -31.07
N ILE D 285 -5.04 -21.56 -31.77
CA ILE D 285 -5.04 -21.60 -33.23
C ILE D 285 -4.06 -22.61 -33.81
N ASN D 286 -2.79 -22.55 -33.41
CA ASN D 286 -1.73 -23.42 -33.94
C ASN D 286 -1.23 -24.42 -32.92
N PRO D 287 -1.92 -25.56 -32.78
CA PRO D 287 -1.65 -26.53 -31.73
C PRO D 287 -0.18 -26.99 -31.64
N GLY D 288 0.56 -26.86 -32.74
CA GLY D 288 1.99 -27.14 -32.69
C GLY D 288 2.73 -26.14 -31.82
N SER D 289 2.75 -24.89 -32.27
CA SER D 289 3.51 -23.83 -31.62
C SER D 289 2.78 -23.18 -30.46
N LYS D 290 1.52 -23.57 -30.26
CA LYS D 290 0.66 -23.04 -29.21
C LYS D 290 0.42 -21.54 -29.38
N LYS D 291 0.61 -21.05 -30.60
CA LYS D 291 0.44 -19.62 -30.93
C LYS D 291 -1.00 -19.28 -31.32
N GLY D 292 -1.51 -18.20 -30.76
CA GLY D 292 -2.79 -17.64 -31.21
C GLY D 292 -4.01 -18.21 -30.52
N PHE D 293 -5.03 -17.38 -30.41
CA PHE D 293 -6.27 -17.84 -29.81
C PHE D 293 -7.42 -17.31 -30.64
N GLU D 294 -8.34 -18.20 -31.00
CA GLU D 294 -9.50 -17.85 -31.81
C GLU D 294 -10.77 -18.29 -31.11
N ILE D 295 -11.85 -17.56 -31.35
CA ILE D 295 -13.15 -17.90 -30.77
C ILE D 295 -14.15 -17.73 -31.89
N TYR D 296 -15.12 -18.62 -31.89
CA TYR D 296 -15.85 -18.89 -33.09
C TYR D 296 -17.35 -19.03 -32.74
N LYS D 297 -18.17 -18.35 -33.51
CA LYS D 297 -19.57 -18.20 -33.20
C LYS D 297 -20.43 -19.24 -33.94
N PHE D 298 -21.54 -19.64 -33.33
CA PHE D 298 -22.45 -20.61 -33.92
C PHE D 298 -23.88 -20.25 -33.62
N LEU D 299 -24.74 -20.38 -34.63
CA LEU D 299 -26.14 -20.14 -34.40
C LEU D 299 -26.72 -21.39 -33.77
N GLY D 300 -27.44 -21.21 -32.66
CA GLY D 300 -28.04 -22.34 -31.94
C GLY D 300 -27.04 -23.24 -31.24
N THR D 301 -27.52 -24.40 -30.78
CA THR D 301 -26.76 -25.30 -29.90
C THR D 301 -25.51 -25.91 -30.51
N LEU D 302 -24.59 -26.35 -29.65
CA LEU D 302 -23.40 -27.03 -30.05
C LEU D 302 -23.70 -28.51 -30.11
N PHE D 303 -24.92 -28.85 -29.72
CA PHE D 303 -25.27 -30.23 -29.56
C PHE D 303 -26.19 -30.74 -30.68
N SER D 304 -26.44 -29.90 -31.66
CA SER D 304 -27.09 -30.33 -32.90
C SER D 304 -26.03 -30.43 -34.01
N VAL D 305 -26.08 -31.51 -34.78
CA VAL D 305 -25.19 -31.69 -35.91
C VAL D 305 -25.60 -30.70 -37.02
N GLN D 306 -26.76 -30.09 -36.85
CA GLN D 306 -27.40 -29.19 -37.82
C GLN D 306 -26.74 -27.82 -37.89
N THR D 307 -26.05 -27.45 -36.83
CA THR D 307 -25.74 -26.05 -36.58
C THR D 307 -24.48 -25.53 -37.28
N VAL D 308 -24.49 -24.24 -37.55
CA VAL D 308 -23.67 -23.61 -38.58
C VAL D 308 -22.64 -22.63 -38.00
N GLY D 309 -21.40 -22.79 -38.44
CA GLY D 309 -20.38 -21.77 -38.19
C GLY D 309 -20.84 -20.44 -38.77
N ASN D 310 -20.55 -19.35 -38.09
CA ASN D 310 -21.00 -18.06 -38.54
C ASN D 310 -19.84 -17.09 -38.60
N ARG D 311 -19.22 -16.83 -37.47
CA ARG D 311 -18.22 -15.79 -37.36
C ARG D 311 -17.00 -16.25 -36.57
N ASN D 312 -15.82 -16.03 -37.14
CA ASN D 312 -14.59 -16.38 -36.47
C ASN D 312 -13.77 -15.16 -36.10
N TYR D 313 -13.52 -14.99 -34.80
CA TYR D 313 -12.73 -13.88 -34.29
C TYR D 313 -11.38 -14.40 -33.89
N GLN D 314 -10.34 -13.95 -34.58
CA GLN D 314 -9.01 -14.35 -34.17
C GLN D 314 -8.50 -13.31 -33.24
N LEU D 315 -8.70 -13.53 -31.95
CA LEU D 315 -8.38 -12.53 -30.92
C LEU D 315 -6.90 -12.31 -30.70
N LEU D 316 -6.13 -13.39 -30.65
CA LEU D 316 -4.70 -13.29 -30.42
C LEU D 316 -3.96 -14.02 -31.52
N SER D 317 -2.88 -13.41 -32.02
CA SER D 317 -2.04 -14.03 -33.04
C SER D 317 -0.60 -14.21 -32.65
N ASN D 318 0.01 -13.14 -32.15
CA ASN D 318 1.41 -13.18 -31.79
C ASN D 318 1.80 -13.81 -30.43
N SER D 319 0.84 -14.34 -29.69
CA SER D 319 1.12 -14.73 -28.30
C SER D 319 1.07 -16.25 -28.04
N THR D 320 2.02 -16.76 -27.29
CA THR D 320 1.96 -18.15 -26.84
C THR D 320 0.89 -18.36 -25.75
N ILE D 321 -0.13 -19.14 -26.11
CA ILE D 321 -1.31 -19.39 -25.29
C ILE D 321 -1.26 -20.72 -24.51
N GLY D 322 -2.14 -20.80 -23.51
CA GLY D 322 -2.28 -21.97 -22.66
C GLY D 322 -3.70 -22.11 -22.18
N ARG D 323 -3.88 -22.13 -20.86
CA ARG D 323 -5.22 -22.29 -20.29
C ARG D 323 -6.12 -21.09 -20.56
N SER D 324 -7.40 -21.34 -20.60
CA SER D 324 -8.40 -20.32 -20.81
C SER D 324 -9.55 -20.75 -19.91
N GLY D 325 -10.34 -19.80 -19.43
CA GLY D 325 -11.51 -20.21 -18.70
C GLY D 325 -12.51 -19.11 -18.53
N LEU D 326 -13.72 -19.46 -18.09
CA LEU D 326 -14.76 -18.46 -17.96
C LEU D 326 -14.84 -17.90 -16.57
N TYR D 327 -15.52 -16.75 -16.47
CA TYR D 327 -15.96 -16.18 -15.20
C TYR D 327 -17.11 -15.21 -15.37
N GLN D 328 -18.00 -15.18 -14.39
CA GLN D 328 -19.08 -14.22 -14.41
C GLN D 328 -18.90 -13.18 -13.31
N PRO D 329 -18.78 -11.93 -13.72
CA PRO D 329 -18.78 -10.82 -12.79
C PRO D 329 -20.20 -10.57 -12.33
N ALA D 330 -20.37 -10.05 -11.12
CA ALA D 330 -21.70 -9.81 -10.56
C ALA D 330 -21.92 -8.34 -10.18
N TYR D 331 -22.95 -7.74 -10.79
CA TYR D 331 -23.43 -6.41 -10.44
C TYR D 331 -24.94 -6.38 -10.51
N GLU D 332 -25.53 -5.27 -10.11
CA GLU D 332 -26.95 -5.05 -10.31
C GLU D 332 -27.22 -5.09 -11.83
N SER D 333 -26.40 -4.35 -12.59
CA SER D 333 -26.53 -4.24 -14.05
C SER D 333 -27.99 -4.26 -14.48
N ARG D 334 -28.42 -5.36 -15.09
CA ARG D 334 -29.84 -5.57 -15.39
C ARG D 334 -30.17 -7.05 -15.51
N ASP D 335 -31.36 -7.36 -16.02
CA ASP D 335 -31.83 -8.75 -16.20
C ASP D 335 -30.74 -9.62 -16.82
N CYS D 336 -29.84 -8.94 -17.52
CA CYS D 336 -28.73 -9.56 -18.22
C CYS D 336 -27.58 -10.02 -17.31
N GLN D 337 -27.19 -11.29 -17.41
CA GLN D 337 -25.98 -11.79 -16.74
C GLN D 337 -24.74 -11.73 -17.63
N GLU D 338 -23.79 -10.88 -17.25
CA GLU D 338 -22.55 -10.72 -18.00
C GLU D 338 -21.68 -12.00 -17.95
N LEU D 339 -20.96 -12.25 -19.05
CA LEU D 339 -20.06 -13.39 -19.17
C LEU D 339 -18.71 -13.00 -19.78
N CYS D 340 -17.63 -13.35 -19.08
CA CYS D 340 -16.28 -12.99 -19.46
C CYS D 340 -15.38 -14.19 -19.39
N PHE D 341 -14.24 -14.11 -20.06
CA PHE D 341 -13.31 -15.23 -19.95
C PHE D 341 -11.89 -14.71 -19.94
N TRP D 342 -11.01 -15.53 -19.41
CA TRP D 342 -9.60 -15.19 -19.31
C TRP D 342 -8.78 -16.18 -20.06
N ILE D 343 -7.56 -15.79 -20.40
CA ILE D 343 -6.65 -16.58 -21.19
C ILE D 343 -5.30 -16.32 -20.62
N GLU D 344 -4.60 -17.39 -20.29
CA GLU D 344 -3.29 -17.30 -19.68
C GLU D 344 -2.27 -17.31 -20.81
N ILE D 345 -1.25 -16.50 -20.65
CA ILE D 345 -0.27 -16.31 -21.69
C ILE D 345 1.15 -16.50 -21.17
N ALA D 346 2.01 -17.16 -21.96
CA ALA D 346 3.43 -17.24 -21.61
C ALA D 346 4.04 -15.86 -21.48
N ALA D 347 4.80 -15.65 -20.39
CA ALA D 347 5.64 -14.45 -20.25
C ALA D 347 7.10 -14.84 -20.09
N THR D 348 7.93 -13.86 -19.81
CA THR D 348 9.28 -14.10 -19.32
C THR D 348 9.65 -12.96 -18.37
N THR D 349 10.44 -13.28 -17.35
CA THR D 349 10.98 -12.28 -16.46
C THR D 349 12.06 -11.51 -17.23
N LYS D 350 12.40 -10.32 -16.75
CA LYS D 350 13.48 -9.49 -17.30
C LYS D 350 14.74 -10.31 -17.63
N ALA D 351 14.91 -11.46 -16.97
CA ALA D 351 16.02 -12.35 -17.29
C ALA D 351 15.62 -13.83 -17.22
N GLY D 352 15.08 -14.36 -18.32
CA GLY D 352 14.64 -15.77 -18.40
C GLY D 352 13.37 -16.00 -17.61
N LEU D 353 13.01 -17.27 -17.35
CA LEU D 353 11.91 -17.65 -16.44
C LEU D 353 10.55 -17.53 -17.13
N SER D 354 9.63 -18.43 -16.82
CA SER D 354 8.41 -18.53 -17.59
C SER D 354 7.18 -18.26 -16.74
N SER D 355 7.06 -17.04 -16.22
CA SER D 355 5.82 -16.67 -15.58
C SER D 355 4.76 -16.64 -16.68
N ASN D 356 3.50 -16.69 -16.27
CA ASN D 356 2.37 -16.47 -17.16
C ASN D 356 1.67 -15.19 -16.80
N ASP D 357 1.02 -14.54 -17.78
CA ASP D 357 0.08 -13.45 -17.46
C ASP D 357 -1.30 -13.64 -18.05
N LEU D 358 -2.20 -12.75 -17.65
CA LEU D 358 -3.61 -12.85 -17.99
C LEU D 358 -4.05 -11.78 -18.94
N ILE D 359 -4.97 -12.14 -19.81
CA ILE D 359 -5.74 -11.17 -20.55
C ILE D 359 -7.17 -11.64 -20.40
N THR D 360 -8.09 -10.71 -20.24
CA THR D 360 -9.51 -11.04 -20.06
C THR D 360 -10.35 -10.33 -21.09
N PHE D 361 -11.41 -10.98 -21.53
CA PHE D 361 -12.34 -10.39 -22.49
C PHE D 361 -13.73 -10.40 -21.92
N CYS D 362 -14.53 -9.40 -22.25
CA CYS D 362 -15.94 -9.47 -21.90
C CYS D 362 -16.79 -9.36 -23.11
N GLY D 363 -17.93 -10.02 -23.06
CA GLY D 363 -18.84 -10.01 -24.19
C GLY D 363 -19.64 -8.73 -24.31
N THR D 364 -19.79 -8.28 -25.54
CA THR D 364 -20.72 -7.20 -25.87
C THR D 364 -21.81 -7.72 -26.82
N GLY D 365 -22.95 -7.04 -26.78
CA GLY D 365 -24.12 -7.39 -27.58
C GLY D 365 -23.88 -7.06 -29.03
N GLY D 366 -23.04 -6.04 -29.24
CA GLY D 366 -22.72 -5.55 -30.58
C GLY D 366 -21.78 -6.46 -31.32
N SER D 367 -21.84 -6.42 -32.64
CA SER D 367 -20.82 -7.08 -33.41
C SER D 367 -19.54 -6.25 -33.27
N MET D 368 -18.41 -6.88 -33.50
CA MET D 368 -17.14 -6.19 -33.37
C MET D 368 -16.26 -6.45 -34.56
N PRO D 369 -15.36 -5.50 -34.87
CA PRO D 369 -14.47 -5.61 -36.00
C PRO D 369 -13.36 -6.61 -35.70
N ASP D 370 -12.63 -7.02 -36.74
CA ASP D 370 -11.53 -7.96 -36.61
C ASP D 370 -10.38 -7.23 -35.99
N VAL D 371 -9.87 -7.78 -34.88
CA VAL D 371 -8.74 -7.17 -34.14
C VAL D 371 -7.83 -8.23 -33.63
N ASN D 372 -6.54 -8.02 -33.87
CA ASN D 372 -5.48 -8.78 -33.21
C ASN D 372 -4.95 -8.00 -31.98
N TRP D 373 -5.27 -8.47 -30.76
CA TRP D 373 -4.76 -7.80 -29.52
C TRP D 373 -3.33 -8.11 -29.10
C1 NAG E . -27.77 7.05 -13.37
C2 NAG E . -29.24 6.63 -13.42
C3 NAG E . -30.04 6.99 -12.15
C4 NAG E . -29.34 6.65 -10.81
C5 NAG E . -27.89 7.12 -10.90
C6 NAG E . -27.14 6.43 -9.78
C7 NAG E . -29.70 6.38 -15.81
C8 NAG E . -30.33 6.92 -17.06
N2 NAG E . -29.84 7.10 -14.66
O3 NAG E . -31.18 6.14 -12.17
O4 NAG E . -30.04 7.01 -9.57
O5 NAG E . -27.25 6.67 -12.10
O6 NAG E . -25.81 6.81 -9.96
O7 NAG E . -29.08 5.30 -15.89
CA CA F . -0.64 24.72 -35.64
CA CA G . 5.34 -1.07 -2.41
C1 NAG H . -9.93 0.29 29.54
C2 NAG H . -10.59 0.89 30.78
C3 NAG H . -12.09 0.78 30.69
C4 NAG H . -12.55 1.59 29.49
C5 NAG H . -11.95 0.90 28.25
C6 NAG H . -12.39 1.76 27.07
C7 NAG H . -9.25 0.91 32.82
C8 NAG H . -8.80 0.17 34.06
N2 NAG H . -10.11 0.29 32.00
O3 NAG H . -12.64 1.39 31.83
O4 NAG H . -13.96 1.77 29.44
O5 NAG H . -10.52 0.74 28.32
O6 NAG H . -11.86 1.21 25.90
O7 NAG H . -8.81 2.02 32.57
CA CA I . 17.56 -27.58 28.41
C1 NAG J . -14.71 25.89 9.91
C2 NAG J . -16.01 26.74 10.02
C3 NAG J . -17.03 26.21 11.09
C4 NAG J . -17.29 24.70 10.99
C5 NAG J . -15.91 24.05 10.91
C6 NAG J . -16.09 22.56 10.73
C7 NAG J . -15.11 28.90 9.15
C8 NAG J . -14.84 30.35 9.43
N2 NAG J . -15.68 28.18 10.16
O3 NAG J . -18.32 26.81 11.04
O4 NAG J . -18.09 24.12 12.05
O5 NAG J . -15.18 24.55 9.80
O6 NAG J . -14.79 22.10 10.49
O7 NAG J . -14.78 28.46 8.03
CA CA K . 23.37 31.47 18.54
C1 NAG L . -24.27 -19.20 6.39
C2 NAG L . -25.45 -19.67 7.24
C3 NAG L . -26.66 -18.73 7.11
C4 NAG L . -26.30 -17.23 7.21
C5 NAG L . -25.03 -16.96 6.37
C6 NAG L . -24.37 -15.62 6.62
C7 NAG L . -25.33 -22.13 7.48
C8 NAG L . -25.70 -23.44 6.83
N2 NAG L . -25.70 -21.03 6.80
O3 NAG L . -27.67 -19.02 8.07
O4 NAG L . -27.39 -16.39 6.82
O5 NAG L . -23.99 -17.86 6.73
O6 NAG L . -23.01 -15.83 6.30
O7 NAG L . -24.76 -22.13 8.57
CA CA M . -7.41 -34.19 -25.69
#